data_5IWA
#
_entry.id   5IWA
#
_cell.length_a   413.140
_cell.length_b   413.140
_cell.length_c   173.630
_cell.angle_alpha   90.000
_cell.angle_beta   90.000
_cell.angle_gamma   90.000
#
_symmetry.space_group_name_H-M   'P 41 21 2'
#
loop_
_entity.id
_entity.type
_entity.pdbx_description
1 polymer '30S ribosomal protein S2'
2 polymer '30S ribosomal protein S3'
3 polymer '30S ribosomal protein S4'
4 polymer '30S ribosomal protein S5'
5 polymer '30S ribosomal protein S6'
6 polymer '30S ribosomal protein S7'
7 polymer '30S ribosomal protein S8'
8 polymer '30S ribosomal protein S9'
9 polymer '30S ribosomal protein S10'
10 polymer '30S ribosomal protein S11'
11 polymer '30S ribosomal protein S12'
12 polymer '30S ribosomal protein S13'
13 polymer '30S ribosomal protein S14 type Z'
14 polymer '30S ribosomal protein S15'
15 polymer '30S ribosomal protein S16'
16 polymer '30S ribosomal protein S17'
17 polymer '30S ribosomal protein S18'
18 polymer '30S ribosomal protein S19'
19 polymer '30S ribosomal protein S20'
20 polymer '30S ribosomal protein Thx'
21 polymer '16S ribosomal RNA'
22 non-polymer 'MAGNESIUM ION'
23 non-polymer 'ZINC ION'
24 non-polymer '(2S,3S)-2-{[(2S)-3-(2-amino-1H-imidazol-5-yl)-2-{[(2S,4S)-5-(carbamoyloxy)-4-hydroxy-2-({[(2S,3S)-3-hydroxypiperidin-2-yl]carbonyl}amino)pentanoyl]amino}propanoyl]amino}-3-(2-chloro-1H-imidazol-5-yl)-3-hydroxypropanoic acid'
#
loop_
_entity_poly.entity_id
_entity_poly.type
_entity_poly.pdbx_seq_one_letter_code
_entity_poly.pdbx_strand_id
1 'polypeptide(L)'
;VEITVKELLEAGVHFGHERKRWNPKFARYIYAERNGIHIIDLQKTMEELERTFRFIEDLAMRGGTILFVGTKKQAQDIVR
MEAERAGMPYVNQRWLGGMLTNFKTISQRVHRLEELEALFASPEIEERPKKEQVRLKHELERLQKYLSGFRLLKRLPDAI
FVVDPTKEAIAVREARKLFIPVIALADTDSDPDLVDYIIPGNDDAIRSIQLILSRAVDLIIQARGG
;
B
2 'polypeptide(L)'
;GNKIHPIGFRLGITRDWESRWYAGKKQYRHLLLEDQRIRGLLEKELYSAGLARVDIERAADNVAVTVHVAKPGVVIGRGG
ERIRVLREELAKLTGKNVALNVQEVQNPNLSAPLVAQRVAEQIERRFAVRRAIKQAVQRVMESGAKGAKVIVSGRIGGAE
QARTEWAAQGRVPLHTLRANIDYGFALARTTYGVLGVKAYIFLGEV
;
C
3 'polypeptide(L)'
;GRYIGPVCRLCRREGVKLYLKGERCYSPKCAMERRPYPPGQHGQKRARRPSDYAVRLREKQKLRRIYGISERQFRNLFEE
ASKKKGVTGSVFLGLLESRLDNVVYRLGFAVSRRQARQLVRHGHITVNGRRVDLPSYRVRPGDEIAVAEKSRNLELIRQN
LEAMKGRKVGPWLSLDVEGMKGKFLRLPDREDLALPVNEQLVIEFYSR
;
D
4 'polypeptide(L)'
;DFEEKMILIRRTARMQAGGRRFRFGALVVVGDRQGRVGLGFGKAPEVPLAVQKAGYYARRNMVEVPLQNGTIPHEIEVEF
GASKIVLKPAAPGTGVIAGAVPRAILELAGVTDILTKELGSRNPINIAYATMEALRQLRTKADVERLRKGEAHAQAQ
;
E
5 'polypeptide(L)'
;MRRYEVNIVLNPNLDQSQLALEKEIIQRALENYGARVEKVEELGLRRLAYPIAKDPQGYFLWYQVEMPEDRVNDLARELR
IRDNVRRVMVVKSQEPFLANA
;
F
6 'polypeptide(L)'
;ARRRRAEVRQLQPDLVYGDVLVTAFINKIMRDGKKNLAARIFYDACKIIQEKTGQEPLKVFKQAVENVKPRMEVRSRRVG
GANYQVPMEVSPRRQQSLALRWLVQAANQRPERRAAVRIAHELMDAAEGKGGAVKKKEDVERMAEANRAYAHYRW
;
G
7 'polypeptide(L)'
;MLTDPIADMLTRIRNATRVYKESTDVPASRFKEEILRILAREGFIKGYERVDVDGKPYLRVYLKYGPRRQGPDPRPEQVI
HHIRRISKPGRRVYVGVKEIPRVRRGLGIAILSTSKGVLTDREARKLGVGGELICEVW
;
H
8 'polypeptide(L)'
;EQYYGTGRRKEAVARVFLRPGNGKVTVNGQDFNEYFQGLVRAVAALEPLRAVDALGHFDAYITVRGGGKSGQIDAIKLGI
ARALVQYNPDYRAKLKPLGFLTRDARVVERKKYGKHKARRAPQYSKR
;
I
9 'polypeptide(L)'
;KIRIKLRGFDHKTLDASAQKIVEAARRSGAQVSGPIPLPTRVRRFTVIRGPFKHKDSREHFELRTHNRLVDIINPNRKTI
EQLMTLDLPTGVEIEIKTV
;
J
10 'polypeptide(L)'
;KRQVASGRAYIHASYNNTIVTITDPDGNPITWSSGGVIGYKGSRKGTPYAAQLAALDAAKKAMAYGMQSVDVIVRGTGAG
REQAIRALQASGLQVKSIVDDTPVPHNGCRPKKKF
;
K
11 'polypeptide(L)'
;PTINQLVRKGREKVRKKSKVPALKGAPFRRGVCTVVRTVTPKKPNSALRKVAKVRLTSGYEVTAYIPGEGHNLQEHSVVL
IRGGRVKDLPGVRYHIVRGVYDAAGVKDRKKSRSKYGTKKPKEA
;
L
12 'polypeptide(L)'
;ARIAGVEIPRNKRVDVALTYIYGIGKARAKEALEKTGINPATRVKDLTEAEVVRLREYVENTWKLEGELRAEVAANIKRL
MDIGCYRGLRHRRGLPVRGQRTRTNARTRKGPRKTVAGKKKAPRK
;
M
13 'polypeptide(L)' ARKALIEKAKRTPKFKVRAYTRCVRCGRARSVYRFFGLCRICLRELAHKGQLPGVRKASW N
14 'polypeptide(L)'
;PITKEEKQKVIQEFARFPGDTGSTEVQVALLTLRINRLSEHLKVHKKDHHSHRGLLMMVGQRRRLLRYLQREDPERYRAL
IEKLGIRG
;
O
15 'polypeptide(L)'
;MVKIRLARFGSKHNPHYRIVVTDARRKRDGKYIEKIGYYDPRKTTPDWLKVDVERARYWLSVGAQPTDTARRLLRQAGVF
RQEAR
;
P
16 'polypeptide(L)'
;PKKVLTGVVVSDKMQKTVTVLVERQFPHPLYGKVIKRSKKYLAHDPEEKYKLGDVVEIIESRPISKRKRFRVLRLVESGR
MDLVEKYLIRRQNYESLSKRGGKA
;
Q
17 'polypeptide(L)' RKAKVKATLGEFDLRDYRNVEVLKRFLSETGKILPRRRTGLSAKEQRILAKTIKRARILGLLPFTEKLVRK R
18 'polypeptide(L)'
;PRSLKKGVFVDDHLLEKVLELNAKGEKRLIKTWSRRSTIVPEMVGHTIAVYNGKQHVPVYITENMVGHKLGEFAPTRTYR
GHG
;
S
19 'polypeptide(L)'
;KKPKRNLSALKRHRQSLKRRLRNKAKKSAIKTLSKKAIQLAQEGKAEEALKIMRKAESLIDKAAKGSTLHKNAAARRKSR
LMRKVRQLLEAAGAPLIGGGLSA
;
T
20 'polypeptide(L)' GKGDRRTRRGKIWRGTYGKYRPRK V
21 'polyribonucleotide'
;AAAUUGGAGAGUUUGAUCCUGGCUCAGGGUGAACGCUGGCGGCGUGCCUAAGACAUGCAAGUCGUGCGGGCCGCGGGGUU
UUACUCCGUGGUCAGCGGCGGACGGGUGAGUAACGCGUGGGUGACCUACCCGGAAGAGGGGGACAACCCGGGGAAACUCG
GGCUAAUCCCCCAUGUGGACCCGCCCCUUGGGGUGUGUCCAAAGGGCUUUGCCCGCUUCCGGAUGGGCCCGCGUCCCAUC
AGCUAGUUGGUGGGGUAAUGGCCCACCAAGGCGACGACGGGUAGCCGGUCUGAGAGGAUGGCCGGCCACAGGGGCACUGA
GACACGGGCCCCACUCCUACGGGAGGCAGCAGUUAGGAAUCUUCCGCAAUGGGCGCAAGCCUGACGGAGCGACGCCGCUU
GGAGGAAGAAGCCCUUCGGGGUGUAAACUCCUGAACCCGGGACGAAACCCCCGACGAGGGGACUGACGGUACCGGGGUAA
UAGCGCCGGCCAACUCCGUGCCAGCAGCCGCGGUAAUACGGAGGGCGCGAGCGUUACCCGGAUUCACUGGGCGUAAAGGG
CGUGUAGGCGGCCUGGGGCGUCCCAUGUGAAAGACCACGGCUCAACCGUGGGGGAGCGUGGGAUACGCUCAGGCUAGACG
GUGGGAGAGGGUGGUGGAAUUCCCGGAGUAGCGGUGAAAUGCGCAGAUACCGGGAGGAACGCCGAUGGCGAAGGCAGCCA
CCUGGUCCACCCGUGACGCUGAGGCGCGAAAGCGUGGGGAGCAAACCGGAUUAGAUACCCGGGUAGUCCACGCCCUAAAC
GAUGCGCGCUAGGUCUCUGGGUCUCCUGGGGGCCGAAGCUAACGCGUUAAGCGCGCCGCCUGGGGAGUACGGCCGCAAGG
CUGAAACUCAAAGGAAUUGACGGGGGCCCGCACAAGCGGUGGAGCAUGUGGUUUAAUUCGAAGCAACGCGAAGAACCUUA
CCAGGCCUUGACAUGCUAGGGAACCCGGGUGAAAGCCUGGGGUGCCCCGCGAGGGGAGCCCUAGCACAGGUGCUGCAUGG
CCGUCGUCAGCUCGUGCCGUGAGGUGUUGGGUUAAGUCCCGCAACGAGCGCAACCCCCGCCGUUAGUUGCCAGCGGUUCG
GCCGGGCACUCUAACGGGACUGCCCGCGAAAGCGGGAGGAAGGAGGGGACGACGUCUGGUCAGCAUGGCCCUUACGGCCU
GGGCGACACACGUGCUACAAUGCCCACUACAAAGCGAUGCCACCCGGCAACGGGGAGCUAAUCGCAAAAAGGUGGGCCCA
GUUCGGAUUGGGGUCUGCAACCCGACCCCAUGAAGCCGGAAUCGCUAGUAAUCGCGGAUCAGCCAUGCCGCGGUGAAUAC
GUUCCCGGGCCUUGUACACACCGCCCGUCACGCCAUGGGAGCGGGCUCUACCCGAAGUCGCCGGGAGCCUACGGGCAGGC
GCCGAGGGUAGGGCCCGUGACUGGGGCGAAGUCGUAACAAGGUAGCUGUACCGGAAGGUGCGGCUGGAU
;
A
#
# COMPACT_ATOMS: atom_id res chain seq x y z
N VAL A 1 38.10 -45.33 21.47
CA VAL A 1 37.15 -45.14 20.37
C VAL A 1 37.47 -43.93 19.47
N GLU A 2 38.16 -44.20 18.36
CA GLU A 2 38.34 -43.25 17.25
C GLU A 2 37.70 -43.91 16.04
N ILE A 3 38.09 -43.50 14.83
CA ILE A 3 37.46 -44.01 13.62
C ILE A 3 38.46 -44.28 12.46
N THR A 4 38.28 -45.39 11.75
CA THR A 4 39.21 -45.78 10.68
C THR A 4 38.78 -45.24 9.34
N VAL A 5 39.76 -44.76 8.58
CA VAL A 5 39.55 -44.39 7.18
C VAL A 5 38.78 -45.48 6.43
N LYS A 6 39.09 -46.73 6.77
CA LYS A 6 38.40 -47.89 6.21
C LYS A 6 36.92 -47.87 6.55
N GLU A 7 36.59 -47.80 7.85
CA GLU A 7 35.22 -47.87 8.33
C GLU A 7 34.35 -46.85 7.61
N LEU A 8 34.95 -45.69 7.34
CA LEU A 8 34.34 -44.58 6.62
C LEU A 8 33.96 -44.92 5.17
N LEU A 9 34.87 -45.59 4.48
CA LEU A 9 34.59 -46.08 3.13
C LEU A 9 33.39 -47.02 3.14
N GLU A 10 33.42 -47.96 4.06
CA GLU A 10 32.36 -48.94 4.17
C GLU A 10 31.01 -48.29 4.40
N ALA A 11 31.02 -47.20 5.16
CA ALA A 11 29.81 -46.41 5.38
C ALA A 11 29.31 -45.82 4.07
N GLY A 12 30.25 -45.53 3.18
CA GLY A 12 29.93 -44.87 1.93
C GLY A 12 29.82 -43.39 2.23
N VAL A 13 30.68 -42.93 3.13
CA VAL A 13 30.68 -41.55 3.61
C VAL A 13 31.14 -40.58 2.52
N HIS A 14 32.06 -41.06 1.68
CA HIS A 14 32.71 -40.26 0.63
C HIS A 14 31.87 -40.08 -0.65
N PHE A 15 30.75 -40.79 -0.73
CA PHE A 15 29.88 -40.70 -1.87
C PHE A 15 29.14 -39.38 -1.74
N GLY A 16 29.49 -38.42 -2.58
CA GLY A 16 28.84 -37.11 -2.56
C GLY A 16 27.54 -37.13 -3.35
N HIS A 17 27.03 -35.95 -3.71
CA HIS A 17 25.85 -35.87 -4.55
C HIS A 17 26.28 -35.75 -6.01
N GLU A 18 25.30 -35.72 -6.90
CA GLU A 18 25.55 -35.43 -8.31
C GLU A 18 26.35 -34.11 -8.45
N ARG A 19 26.88 -33.85 -9.64
CA ARG A 19 27.59 -32.60 -9.93
C ARG A 19 26.63 -31.41 -10.10
N LYS A 20 25.41 -31.71 -10.54
CA LYS A 20 24.36 -30.70 -10.70
C LYS A 20 24.17 -29.84 -9.43
N ARG A 21 23.63 -30.40 -8.34
CA ARG A 21 23.66 -29.72 -7.04
C ARG A 21 25.10 -29.76 -6.53
N TRP A 22 25.61 -28.64 -6.04
CA TRP A 22 27.04 -28.53 -5.78
C TRP A 22 27.36 -27.16 -5.31
N ASN A 23 28.06 -27.07 -4.19
CA ASN A 23 28.52 -25.76 -3.76
C ASN A 23 30.03 -25.60 -3.91
N PRO A 24 30.46 -24.73 -4.86
CA PRO A 24 31.87 -24.64 -5.27
C PRO A 24 32.73 -24.33 -4.08
N LYS A 25 32.14 -23.70 -3.07
CA LYS A 25 32.83 -23.42 -1.83
C LYS A 25 33.31 -24.72 -1.22
N PHE A 26 32.59 -25.81 -1.51
CA PHE A 26 32.83 -27.12 -0.90
C PHE A 26 33.96 -27.85 -1.56
N ALA A 27 34.41 -27.33 -2.69
CA ALA A 27 35.47 -27.97 -3.46
C ALA A 27 36.66 -28.38 -2.60
N ARG A 28 37.00 -27.55 -1.61
CA ARG A 28 38.17 -27.84 -0.79
C ARG A 28 38.10 -29.18 -0.04
N TYR A 29 36.97 -29.86 -0.15
CA TYR A 29 36.79 -31.15 0.51
C TYR A 29 36.49 -32.27 -0.50
N ILE A 30 37.03 -32.16 -1.71
CA ILE A 30 36.72 -33.16 -2.73
C ILE A 30 37.95 -33.79 -3.37
N TYR A 31 37.96 -35.12 -3.43
CA TYR A 31 39.00 -35.87 -4.12
C TYR A 31 38.87 -35.71 -5.62
N ALA A 32 37.83 -36.32 -6.20
CA ALA A 32 37.48 -36.11 -7.62
C ALA A 32 36.04 -36.55 -7.93
N GLU A 33 35.62 -36.43 -9.19
CA GLU A 33 34.30 -36.92 -9.61
C GLU A 33 34.33 -38.16 -10.54
N ARG A 34 33.67 -39.23 -10.09
CA ARG A 34 33.54 -40.50 -10.83
C ARG A 34 32.09 -40.71 -11.25
N ASN A 35 31.85 -40.72 -12.56
CA ASN A 35 30.52 -40.99 -13.10
C ASN A 35 29.45 -40.02 -12.60
N GLY A 36 29.79 -38.74 -12.56
CA GLY A 36 28.83 -37.70 -12.22
C GLY A 36 28.86 -37.19 -10.80
N ILE A 37 29.33 -38.03 -9.86
CA ILE A 37 29.32 -37.71 -8.43
C ILE A 37 30.69 -37.36 -7.86
N HIS A 38 30.74 -36.28 -7.06
CA HIS A 38 31.97 -35.84 -6.41
C HIS A 38 32.29 -36.80 -5.29
N ILE A 39 33.56 -37.16 -5.14
CA ILE A 39 33.95 -38.11 -4.09
C ILE A 39 34.76 -37.40 -3.03
N ILE A 40 34.20 -37.37 -1.83
CA ILE A 40 34.77 -36.56 -0.76
C ILE A 40 36.11 -37.12 -0.31
N ASP A 41 37.12 -36.25 -0.26
CA ASP A 41 38.42 -36.61 0.26
C ASP A 41 38.30 -37.05 1.71
N LEU A 42 38.47 -38.34 1.96
CA LEU A 42 38.37 -38.85 3.33
C LEU A 42 39.62 -38.50 4.11
N GLN A 43 40.74 -38.38 3.40
CA GLN A 43 41.97 -37.96 4.05
C GLN A 43 41.76 -36.61 4.73
N LYS A 44 40.85 -35.83 4.16
CA LYS A 44 40.41 -34.59 4.77
C LYS A 44 39.33 -34.86 5.83
N THR A 45 38.19 -35.41 5.44
CA THR A 45 37.10 -35.76 6.36
C THR A 45 37.63 -36.18 7.70
N MET A 46 38.55 -37.14 7.67
CA MET A 46 39.15 -37.69 8.87
C MET A 46 39.84 -36.61 9.74
N GLU A 47 40.61 -35.71 9.11
CA GLU A 47 41.37 -34.71 9.84
C GLU A 47 40.49 -33.56 10.32
N GLU A 48 39.31 -33.46 9.76
CA GLU A 48 38.34 -32.51 10.25
C GLU A 48 37.49 -33.17 11.36
N LEU A 49 37.16 -34.44 11.17
CA LEU A 49 36.39 -35.19 12.15
C LEU A 49 37.10 -35.18 13.49
N GLU A 50 38.40 -34.91 13.45
CA GLU A 50 39.21 -34.88 14.64
C GLU A 50 39.02 -33.57 15.34
N ARG A 51 39.37 -32.48 14.65
CA ARG A 51 39.16 -31.12 15.18
C ARG A 51 37.74 -30.98 15.75
N THR A 52 36.78 -31.55 15.01
CA THR A 52 35.38 -31.53 15.39
C THR A 52 35.03 -32.40 16.59
N PHE A 53 35.47 -33.65 16.59
CA PHE A 53 35.26 -34.49 17.75
C PHE A 53 35.98 -34.00 19.00
N ARG A 54 37.09 -33.31 18.80
CA ARG A 54 37.85 -32.76 19.93
C ARG A 54 37.04 -31.67 20.59
N PHE A 55 36.30 -30.91 19.77
CA PHE A 55 35.40 -29.91 20.29
C PHE A 55 34.24 -30.56 21.06
N ILE A 56 33.54 -31.48 20.39
CA ILE A 56 32.40 -32.18 20.97
C ILE A 56 32.73 -32.71 22.34
N GLU A 57 33.95 -33.22 22.47
CA GLU A 57 34.38 -33.89 23.69
C GLU A 57 34.52 -32.94 24.87
N ASP A 58 35.33 -31.91 24.70
CA ASP A 58 35.55 -31.00 25.80
C ASP A 58 34.22 -30.32 26.18
N LEU A 59 33.42 -30.00 25.16
CA LEU A 59 32.12 -29.40 25.43
C LEU A 59 31.32 -30.31 26.34
N ALA A 60 31.29 -31.60 26.03
CA ALA A 60 30.56 -32.56 26.84
C ALA A 60 31.22 -32.67 28.21
N MET A 61 32.54 -32.78 28.23
CA MET A 61 33.30 -32.82 29.48
C MET A 61 32.98 -31.65 30.45
N ARG A 62 32.52 -30.53 29.89
CA ARG A 62 32.21 -29.34 30.66
C ARG A 62 30.70 -29.21 30.88
N GLY A 63 29.95 -30.22 30.47
CA GLY A 63 28.53 -30.30 30.79
C GLY A 63 27.57 -29.74 29.76
N GLY A 64 28.10 -29.38 28.60
CA GLY A 64 27.29 -28.70 27.59
C GLY A 64 26.23 -29.60 27.04
N THR A 65 25.09 -29.02 26.67
CA THR A 65 24.08 -29.78 25.92
C THR A 65 24.23 -29.46 24.42
N ILE A 66 24.18 -30.51 23.59
CA ILE A 66 24.24 -30.41 22.13
C ILE A 66 22.88 -30.72 21.51
N LEU A 67 22.28 -29.78 20.80
CA LEU A 67 21.01 -30.10 20.18
C LEU A 67 21.22 -30.79 18.84
N PHE A 68 20.70 -32.00 18.71
CA PHE A 68 20.80 -32.73 17.45
C PHE A 68 19.64 -32.43 16.52
N VAL A 69 19.96 -32.20 15.26
CA VAL A 69 18.92 -31.87 14.31
C VAL A 69 19.00 -32.69 13.01
N GLY A 70 17.91 -33.38 12.70
CA GLY A 70 17.73 -34.03 11.40
C GLY A 70 16.25 -34.09 11.03
N THR A 71 15.84 -33.38 9.99
CA THR A 71 14.45 -33.47 9.54
C THR A 71 14.31 -34.64 8.56
N LYS A 72 15.31 -34.82 7.71
CA LYS A 72 15.29 -35.80 6.63
C LYS A 72 14.82 -37.20 7.03
N LYS A 73 13.99 -37.80 6.19
CA LYS A 73 13.37 -39.10 6.46
C LYS A 73 14.38 -40.20 6.73
N GLN A 74 15.54 -40.11 6.09
CA GLN A 74 16.62 -41.07 6.29
C GLN A 74 17.07 -41.01 7.74
N ALA A 75 17.41 -39.80 8.20
CA ALA A 75 17.99 -39.56 9.53
C ALA A 75 17.06 -39.91 10.67
N GLN A 76 16.04 -39.07 10.85
CA GLN A 76 15.00 -39.22 11.88
C GLN A 76 15.27 -40.24 13.00
N ASP A 77 15.05 -41.50 12.69
CA ASP A 77 15.19 -42.56 13.67
C ASP A 77 16.63 -42.78 14.10
N ILE A 78 17.57 -42.21 13.36
CA ILE A 78 18.95 -42.36 13.75
C ILE A 78 19.26 -41.23 14.71
N VAL A 79 18.80 -40.03 14.36
CA VAL A 79 19.01 -38.85 15.21
C VAL A 79 18.43 -39.13 16.57
N ARG A 80 17.18 -39.59 16.56
CA ARG A 80 16.42 -39.92 17.75
C ARG A 80 17.20 -40.83 18.68
N MET A 81 17.34 -42.10 18.29
CA MET A 81 17.97 -43.10 19.13
C MET A 81 19.38 -42.68 19.57
N GLU A 82 20.12 -42.06 18.66
CA GLU A 82 21.47 -41.60 18.99
C GLU A 82 21.48 -40.52 20.05
N ALA A 83 20.61 -39.52 19.88
CA ALA A 83 20.45 -38.47 20.88
C ALA A 83 20.23 -39.04 22.27
N GLU A 84 19.08 -39.68 22.43
CA GLU A 84 18.69 -40.37 23.66
C GLU A 84 19.82 -41.10 24.42
N ARG A 85 20.64 -41.89 23.73
CA ARG A 85 21.66 -42.66 24.44
C ARG A 85 22.78 -41.82 25.11
N GLY A 87 23.15 -38.52 25.69
CA GLY A 87 21.90 -38.27 26.43
C GLY A 87 21.17 -36.94 26.17
N MET A 88 21.38 -36.39 24.98
CA MET A 88 21.01 -35.01 24.65
C MET A 88 19.54 -34.87 24.23
N PRO A 89 19.11 -33.63 23.88
CA PRO A 89 17.87 -33.36 23.13
C PRO A 89 18.08 -33.37 21.62
N TYR A 90 17.00 -33.46 20.86
CA TYR A 90 17.06 -33.60 19.41
C TYR A 90 15.83 -33.01 18.82
N VAL A 91 15.91 -32.61 17.56
CA VAL A 91 14.71 -32.29 16.84
C VAL A 91 14.69 -33.25 15.68
N ASN A 92 13.61 -34.00 15.50
CA ASN A 92 13.58 -34.87 14.32
C ASN A 92 12.28 -34.90 13.54
N GLN A 93 11.26 -34.20 14.00
CA GLN A 93 10.04 -34.15 13.22
C GLN A 93 10.08 -32.95 12.32
N ARG A 94 9.79 -31.79 12.89
CA ARG A 94 9.83 -30.57 12.11
C ARG A 94 10.64 -29.54 12.87
N TRP A 95 11.48 -28.80 12.18
CA TRP A 95 12.11 -27.65 12.82
C TRP A 95 11.14 -26.48 12.82
N LEU A 96 10.61 -26.18 14.01
CA LEU A 96 9.69 -25.08 14.18
C LEU A 96 10.50 -23.79 14.15
N GLY A 97 10.29 -22.97 13.13
CA GLY A 97 11.03 -21.73 13.05
C GLY A 97 10.89 -20.94 14.34
N GLY A 98 12.01 -20.61 14.99
CA GLY A 98 11.93 -19.86 16.22
C GLY A 98 12.50 -20.59 17.40
N MET A 99 12.39 -21.92 17.39
CA MET A 99 12.94 -22.79 18.43
C MET A 99 14.20 -22.28 19.09
N LEU A 100 15.09 -21.65 18.35
CA LEU A 100 16.23 -21.04 19.01
C LEU A 100 16.05 -19.56 19.28
N THR A 101 15.77 -18.73 18.26
CA THR A 101 15.73 -17.27 18.49
C THR A 101 14.45 -16.80 19.14
N ASN A 102 13.38 -17.54 18.92
CA ASN A 102 12.20 -17.28 19.70
C ASN A 102 12.00 -18.46 20.62
N PHE A 103 13.02 -18.71 21.46
CA PHE A 103 13.06 -19.90 22.30
C PHE A 103 12.03 -19.85 23.40
N LYS A 104 11.84 -18.65 23.93
CA LYS A 104 10.90 -18.47 25.01
C LYS A 104 9.49 -18.89 24.59
N THR A 105 8.89 -18.20 23.62
CA THR A 105 7.50 -18.51 23.26
C THR A 105 7.31 -19.91 22.67
N ILE A 106 8.42 -20.58 22.36
CA ILE A 106 8.33 -21.96 21.90
C ILE A 106 8.27 -22.88 23.11
N SER A 107 9.20 -22.68 24.04
CA SER A 107 9.23 -23.50 25.26
C SER A 107 7.98 -23.27 26.09
N GLN A 108 7.30 -22.15 25.84
CA GLN A 108 5.95 -21.95 26.35
C GLN A 108 5.08 -23.14 26.02
N ARG A 109 5.25 -23.67 24.82
CA ARG A 109 4.45 -24.79 24.37
C ARG A 109 4.84 -26.06 25.11
N VAL A 110 6.02 -26.05 25.71
CA VAL A 110 6.45 -27.19 26.49
C VAL A 110 5.60 -27.29 27.77
N HIS A 111 5.51 -26.18 28.50
CA HIS A 111 4.76 -26.16 29.74
C HIS A 111 3.32 -26.47 29.48
N ARG A 112 2.88 -26.31 28.24
CA ARG A 112 1.52 -26.64 27.91
C ARG A 112 1.32 -28.14 27.93
N LEU A 113 2.27 -28.89 27.38
CA LEU A 113 2.10 -30.34 27.37
C LEU A 113 2.50 -30.96 28.70
N GLU A 114 3.39 -30.30 29.44
CA GLU A 114 3.71 -30.77 30.78
C GLU A 114 2.41 -30.70 31.59
N GLU A 115 1.59 -29.71 31.22
CA GLU A 115 0.34 -29.42 31.92
C GLU A 115 -0.84 -30.21 31.39
N LEU A 116 -0.76 -30.62 30.14
CA LEU A 116 -1.74 -31.57 29.63
C LEU A 116 -1.38 -32.98 30.02
N GLU A 117 -0.10 -33.28 30.17
CA GLU A 117 0.29 -34.55 30.73
C GLU A 117 -0.27 -34.65 32.12
N ALA A 118 -0.09 -33.55 32.86
CA ALA A 118 -0.64 -33.38 34.19
C ALA A 118 -2.13 -33.68 34.23
N LEU A 119 -2.86 -33.22 33.21
CA LEU A 119 -4.31 -33.32 33.17
C LEU A 119 -4.86 -34.71 32.84
N PHE A 120 -4.05 -35.57 32.24
CA PHE A 120 -4.54 -36.87 31.82
C PHE A 120 -4.23 -37.95 32.84
N ALA A 121 -3.28 -37.65 33.72
CA ALA A 121 -3.03 -38.50 34.87
C ALA A 121 -4.07 -38.18 35.97
N SER A 122 -4.89 -37.17 35.71
CA SER A 122 -5.75 -36.57 36.70
C SER A 122 -7.19 -37.07 36.62
N PRO A 123 -7.93 -36.94 37.72
CA PRO A 123 -9.38 -37.10 37.69
C PRO A 123 -10.05 -35.99 36.87
N GLU A 124 -9.69 -34.74 37.14
CA GLU A 124 -10.31 -33.56 36.50
C GLU A 124 -10.53 -33.60 35.00
N ILE A 125 -10.05 -34.65 34.34
CA ILE A 125 -10.20 -34.75 32.89
C ILE A 125 -11.57 -35.31 32.54
N GLU A 126 -12.04 -36.24 33.35
CA GLU A 126 -13.27 -36.94 33.07
C GLU A 126 -14.45 -36.00 33.25
N GLU A 127 -14.13 -34.77 33.68
CA GLU A 127 -15.11 -33.71 33.78
C GLU A 127 -15.53 -33.27 32.39
N ARG A 128 -14.60 -32.60 31.69
CA ARG A 128 -14.89 -31.95 30.41
C ARG A 128 -15.72 -32.81 29.46
N PRO A 129 -16.69 -32.17 28.77
CA PRO A 129 -17.52 -32.79 27.74
C PRO A 129 -16.69 -33.65 26.80
N LYS A 130 -17.23 -34.79 26.38
CA LYS A 130 -16.44 -35.77 25.65
C LYS A 130 -15.88 -35.23 24.32
N LYS A 131 -16.30 -34.02 23.93
CA LYS A 131 -15.78 -33.35 22.72
C LYS A 131 -14.48 -32.57 22.95
N GLU A 132 -14.43 -31.76 24.02
CA GLU A 132 -13.20 -31.07 24.42
C GLU A 132 -12.18 -32.12 24.83
N GLN A 133 -12.69 -33.21 25.41
CA GLN A 133 -11.87 -34.30 25.90
C GLN A 133 -10.99 -34.87 24.81
N VAL A 134 -11.59 -35.19 23.67
CA VAL A 134 -10.83 -35.71 22.54
C VAL A 134 -10.00 -34.60 21.91
N ARG A 135 -10.58 -33.40 21.85
CA ARG A 135 -9.91 -32.26 21.25
C ARG A 135 -8.75 -31.77 22.10
N LEU A 136 -8.75 -32.14 23.37
CA LEU A 136 -7.61 -31.89 24.25
C LEU A 136 -6.56 -32.98 24.15
N LYS A 137 -6.99 -34.23 23.91
CA LYS A 137 -6.03 -35.31 23.72
C LYS A 137 -5.29 -35.08 22.43
N HIS A 138 -5.98 -34.51 21.45
CA HIS A 138 -5.34 -34.15 20.18
C HIS A 138 -4.31 -33.06 20.36
N GLU A 139 -4.63 -32.02 21.13
CA GLU A 139 -3.65 -30.94 21.39
C GLU A 139 -2.40 -31.56 21.97
N LEU A 140 -2.58 -32.35 23.03
CA LEU A 140 -1.46 -33.05 23.69
C LEU A 140 -0.68 -33.88 22.69
N GLU A 141 -1.40 -34.63 21.86
CA GLU A 141 -0.77 -35.56 20.94
C GLU A 141 0.21 -34.87 19.99
N ARG A 142 -0.25 -33.82 19.31
CA ARG A 142 0.61 -33.06 18.42
C ARG A 142 1.85 -32.56 19.14
N LEU A 143 1.67 -31.93 20.30
CA LEU A 143 2.77 -31.41 21.13
C LEU A 143 3.85 -32.43 21.43
N GLN A 144 3.45 -33.63 21.79
CA GLN A 144 4.40 -34.72 21.96
C GLN A 144 5.13 -35.07 20.66
N LYS A 145 4.39 -35.18 19.56
CA LYS A 145 5.01 -35.39 18.25
C LYS A 145 6.16 -34.43 18.06
N TYR A 146 5.83 -33.16 17.86
CA TYR A 146 6.85 -32.15 17.57
C TYR A 146 7.89 -31.90 18.64
N LEU A 147 7.50 -31.98 19.92
CA LEU A 147 8.38 -31.52 21.00
C LEU A 147 9.10 -32.55 21.86
N SER A 148 8.92 -33.84 21.58
CA SER A 148 9.39 -34.88 22.50
C SER A 148 10.90 -34.87 22.79
N GLY A 149 11.64 -34.04 22.06
CA GLY A 149 13.06 -33.94 22.25
C GLY A 149 13.46 -32.53 22.63
N PHE A 150 12.67 -31.57 22.15
CA PHE A 150 12.92 -30.18 22.49
C PHE A 150 12.70 -29.93 23.98
N ARG A 151 11.78 -30.70 24.56
CA ARG A 151 11.29 -30.53 25.92
C ARG A 151 12.35 -30.83 26.96
N LEU A 152 13.54 -31.17 26.50
CA LEU A 152 14.64 -31.42 27.40
C LEU A 152 15.49 -30.17 27.51
N LEU A 153 15.31 -29.25 26.57
CA LEU A 153 16.11 -28.02 26.57
C LEU A 153 15.51 -27.07 27.54
N LYS A 154 16.20 -26.79 28.63
CA LYS A 154 15.63 -25.85 29.56
C LYS A 154 16.32 -24.50 29.36
N ARG A 155 17.31 -24.50 28.49
CA ARG A 155 17.89 -23.27 27.98
C ARG A 155 18.60 -23.61 26.67
N LEU A 156 18.88 -22.61 25.85
CA LEU A 156 19.57 -22.74 24.58
C LEU A 156 20.76 -23.65 24.71
N PRO A 157 20.97 -24.50 23.69
CA PRO A 157 22.11 -25.42 23.55
C PRO A 157 23.46 -24.70 23.59
N ASP A 158 24.51 -25.44 23.94
CA ASP A 158 25.87 -24.89 23.97
C ASP A 158 26.52 -25.01 22.61
N ALA A 159 25.84 -25.79 21.75
CA ALA A 159 26.20 -26.11 20.35
C ALA A 159 25.06 -26.94 19.76
N ILE A 160 24.81 -26.80 18.46
CA ILE A 160 23.90 -27.72 17.77
C ILE A 160 24.59 -28.54 16.71
N PHE A 161 24.19 -29.80 16.64
CA PHE A 161 24.77 -30.77 15.74
C PHE A 161 23.69 -31.19 14.77
N VAL A 162 23.86 -30.78 13.52
CA VAL A 162 22.81 -30.94 12.54
C VAL A 162 23.24 -31.93 11.45
N VAL A 163 22.31 -32.76 10.98
CA VAL A 163 22.55 -33.58 9.81
C VAL A 163 21.91 -33.00 8.53
N ASP A 164 22.78 -32.54 7.62
CA ASP A 164 22.47 -31.84 6.35
C ASP A 164 22.12 -30.34 6.51
N PRO A 165 23.16 -29.49 6.68
CA PRO A 165 23.02 -28.05 6.85
C PRO A 165 22.24 -27.30 5.77
N THR A 166 22.20 -27.81 4.55
CA THR A 166 21.52 -27.05 3.50
C THR A 166 20.03 -27.32 3.52
N LYS A 167 19.65 -28.41 4.19
CA LYS A 167 18.25 -28.73 4.42
C LYS A 167 17.83 -27.93 5.62
N GLU A 168 18.76 -27.75 6.55
CA GLU A 168 18.41 -27.23 7.85
C GLU A 168 18.76 -25.79 8.03
N ALA A 169 19.22 -25.11 6.99
CA ALA A 169 19.87 -23.83 7.23
C ALA A 169 18.96 -22.78 7.83
N ILE A 170 17.72 -23.17 8.17
CA ILE A 170 16.92 -22.38 9.12
C ILE A 170 17.51 -22.52 10.50
N ALA A 171 17.39 -23.72 11.06
CA ALA A 171 18.09 -24.12 12.27
C ALA A 171 19.50 -23.53 12.33
N VAL A 172 20.25 -23.67 11.25
CA VAL A 172 21.59 -23.15 11.22
C VAL A 172 21.58 -21.64 11.38
N ARG A 173 20.81 -20.93 10.54
CA ARG A 173 20.74 -19.45 10.62
C ARG A 173 20.53 -19.00 12.06
N GLU A 174 19.52 -19.60 12.70
CA GLU A 174 19.16 -19.32 14.10
C GLU A 174 20.37 -19.47 14.98
N ALA A 175 21.05 -20.61 14.89
CA ALA A 175 22.21 -20.81 15.75
C ALA A 175 23.24 -19.69 15.59
N ARG A 176 23.53 -19.29 14.36
CA ARG A 176 24.64 -18.38 14.12
C ARG A 176 24.33 -16.96 14.61
N LYS A 177 23.03 -16.68 14.67
CA LYS A 177 22.50 -15.38 15.05
C LYS A 177 22.59 -15.29 16.55
N LEU A 178 22.60 -16.44 17.19
CA LEU A 178 22.69 -16.51 18.63
C LEU A 178 24.07 -16.92 19.10
N PHE A 179 25.03 -16.93 18.19
CA PHE A 179 26.40 -17.31 18.51
C PHE A 179 26.57 -18.68 19.17
N ILE A 180 25.65 -19.60 18.87
CA ILE A 180 25.81 -21.00 19.22
C ILE A 180 26.60 -21.74 18.15
N PRO A 181 27.63 -22.47 18.58
CA PRO A 181 28.41 -23.17 17.56
C PRO A 181 27.58 -24.21 16.78
N VAL A 182 27.71 -24.22 15.45
CA VAL A 182 27.12 -25.25 14.57
C VAL A 182 28.05 -26.41 14.18
N ILE A 183 27.60 -27.65 14.39
CA ILE A 183 28.35 -28.82 13.94
C ILE A 183 27.48 -29.53 12.93
N ALA A 184 28.04 -29.89 11.78
CA ALA A 184 27.23 -30.60 10.80
C ALA A 184 27.95 -31.70 10.00
N LEU A 185 27.16 -32.71 9.66
CA LEU A 185 27.54 -33.72 8.68
C LEU A 185 27.19 -33.15 7.32
N ALA A 186 28.20 -32.64 6.61
CA ALA A 186 27.98 -31.85 5.41
C ALA A 186 28.39 -32.54 4.11
N ASP A 187 27.48 -32.51 3.15
CA ASP A 187 27.73 -33.05 1.81
C ASP A 187 28.20 -31.92 0.89
N THR A 188 28.23 -32.20 -0.40
CA THR A 188 28.87 -31.29 -1.34
C THR A 188 27.95 -30.15 -1.77
N ASP A 189 26.71 -30.21 -1.31
CA ASP A 189 25.69 -29.25 -1.71
C ASP A 189 25.66 -28.04 -0.77
N SER A 190 26.61 -28.00 0.16
CA SER A 190 26.51 -27.08 1.30
C SER A 190 27.61 -26.02 1.42
N ASP A 191 27.21 -24.86 1.93
CA ASP A 191 28.14 -23.79 2.26
C ASP A 191 28.87 -24.16 3.54
N PRO A 192 30.12 -24.61 3.44
CA PRO A 192 30.82 -25.10 4.63
C PRO A 192 31.19 -23.95 5.54
N ASP A 193 31.05 -22.74 5.02
CA ASP A 193 31.48 -21.55 5.73
C ASP A 193 30.55 -21.28 6.89
N LEU A 194 29.36 -21.86 6.83
CA LEU A 194 28.36 -21.64 7.86
C LEU A 194 28.47 -22.66 8.97
N VAL A 195 29.43 -23.57 8.83
CA VAL A 195 29.56 -24.65 9.76
C VAL A 195 30.83 -24.50 10.57
N ASP A 196 30.66 -24.16 11.85
CA ASP A 196 31.79 -23.94 12.74
C ASP A 196 32.66 -25.17 12.91
N TYR A 197 32.02 -26.33 12.99
CA TYR A 197 32.73 -27.57 13.20
C TYR A 197 32.25 -28.64 12.23
N ILE A 198 33.00 -28.84 11.15
CA ILE A 198 32.44 -29.60 10.03
C ILE A 198 32.87 -31.07 10.02
N ILE A 199 32.02 -31.89 9.41
CA ILE A 199 32.34 -33.24 9.05
C ILE A 199 31.83 -33.42 7.64
N PRO A 200 32.74 -33.40 6.66
CA PRO A 200 32.27 -33.57 5.27
C PRO A 200 32.15 -35.06 4.98
N GLY A 201 31.07 -35.45 4.35
CA GLY A 201 30.80 -36.87 4.16
C GLY A 201 29.32 -37.04 3.90
N ASN A 202 28.94 -38.22 3.46
CA ASN A 202 27.58 -38.42 2.99
C ASN A 202 26.49 -38.09 4.01
N ASP A 203 25.76 -36.99 3.76
CA ASP A 203 24.60 -36.62 4.61
C ASP A 203 23.30 -37.36 4.27
N ASP A 204 23.40 -38.44 3.49
CA ASP A 204 22.24 -39.10 2.83
C ASP A 204 21.92 -40.55 3.20
N ALA A 205 22.95 -41.39 3.34
CA ALA A 205 22.71 -42.81 3.55
C ALA A 205 22.62 -43.09 5.02
N ILE A 206 21.81 -44.08 5.36
CA ILE A 206 21.75 -44.54 6.73
C ILE A 206 23.16 -44.95 7.17
N ARG A 207 23.78 -45.88 6.44
CA ARG A 207 25.10 -46.42 6.80
C ARG A 207 26.17 -45.36 7.07
N SER A 208 25.86 -44.10 6.75
CA SER A 208 26.82 -43.00 6.79
C SER A 208 26.66 -42.15 8.05
N ILE A 209 25.47 -41.60 8.17
CA ILE A 209 24.99 -40.96 9.38
C ILE A 209 25.04 -41.90 10.57
N GLN A 210 24.70 -43.16 10.33
CA GLN A 210 24.61 -44.12 11.42
C GLN A 210 25.95 -44.19 12.09
N LEU A 211 26.98 -44.19 11.26
CA LEU A 211 28.33 -44.30 11.75
C LEU A 211 28.77 -43.04 12.52
N ILE A 212 28.58 -41.89 11.89
CA ILE A 212 29.04 -40.64 12.45
C ILE A 212 28.38 -40.37 13.80
N LEU A 213 27.05 -40.38 13.81
CA LEU A 213 26.27 -40.00 14.97
C LEU A 213 26.58 -40.87 16.16
N SER A 214 26.75 -42.16 15.92
CA SER A 214 27.05 -43.07 17.01
C SER A 214 28.42 -42.76 17.62
N ARG A 215 29.43 -42.60 16.78
CA ARG A 215 30.77 -42.32 17.27
C ARG A 215 30.84 -40.99 18.01
N ALA A 216 29.99 -40.06 17.60
CA ALA A 216 29.86 -38.77 18.29
C ALA A 216 29.36 -39.02 19.71
N VAL A 217 28.12 -39.49 19.78
CA VAL A 217 27.47 -39.96 21.00
C VAL A 217 28.35 -40.90 21.83
N ASP A 218 29.00 -41.87 21.17
CA ASP A 218 30.00 -42.70 21.83
C ASP A 218 31.05 -41.85 22.57
N LEU A 219 31.48 -40.78 21.89
CA LEU A 219 32.50 -39.93 22.43
C LEU A 219 31.92 -39.15 23.58
N ILE A 220 30.67 -38.74 23.42
CA ILE A 220 30.02 -37.94 24.45
C ILE A 220 30.00 -38.69 25.78
N ILE A 221 29.39 -39.88 25.79
CA ILE A 221 29.27 -40.60 27.04
C ILE A 221 30.58 -41.26 27.44
N GLN A 222 31.57 -41.18 26.57
CA GLN A 222 32.91 -41.52 27.00
C GLN A 222 33.29 -40.42 27.99
N ALA A 223 33.25 -39.20 27.51
CA ALA A 223 33.74 -38.06 28.27
C ALA A 223 32.65 -37.44 29.13
N ARG A 224 31.70 -38.27 29.58
CA ARG A 224 30.79 -37.85 30.65
C ARG A 224 30.98 -38.76 31.85
N GLY A 225 32.08 -39.51 31.87
CA GLY A 225 32.48 -40.30 33.03
C GLY A 225 32.30 -41.82 32.98
N GLY A 226 31.67 -42.32 31.92
CA GLY A 226 31.44 -43.75 31.78
C GLY A 226 30.63 -44.22 30.58
N GLY B 1 -26.19 -1.03 16.41
CA GLY B 1 -27.22 -1.98 16.77
C GLY B 1 -26.58 -3.35 16.80
N ASN B 2 -25.88 -3.63 17.86
CA ASN B 2 -25.05 -4.79 17.77
C ASN B 2 -25.26 -5.73 18.94
N LYS B 3 -24.54 -5.51 20.03
CA LYS B 3 -24.37 -6.56 21.01
C LYS B 3 -25.42 -6.57 22.12
N ILE B 4 -25.66 -7.72 22.71
CA ILE B 4 -26.71 -7.85 23.71
C ILE B 4 -26.18 -7.44 25.06
N HIS B 5 -27.06 -6.80 25.83
CA HIS B 5 -26.74 -6.45 27.20
C HIS B 5 -26.22 -7.68 27.96
N PRO B 6 -24.92 -7.67 28.29
CA PRO B 6 -24.23 -8.89 28.72
C PRO B 6 -24.87 -9.49 29.94
N ILE B 7 -25.58 -8.67 30.70
CA ILE B 7 -26.26 -9.18 31.88
C ILE B 7 -27.54 -9.90 31.53
N GLY B 8 -28.51 -9.18 30.97
CA GLY B 8 -29.80 -9.77 30.62
C GLY B 8 -29.69 -11.06 29.83
N PHE B 9 -28.53 -11.29 29.24
CA PHE B 9 -28.27 -12.50 28.47
C PHE B 9 -27.97 -13.66 29.42
N ARG B 10 -27.18 -13.34 30.44
CA ARG B 10 -26.64 -14.32 31.37
C ARG B 10 -27.62 -14.46 32.51
N LEU B 11 -28.66 -13.67 32.43
CA LEU B 11 -29.55 -13.52 33.55
C LEU B 11 -30.27 -14.83 33.81
N GLY B 12 -30.23 -15.26 35.05
CA GLY B 12 -30.84 -16.53 35.39
C GLY B 12 -29.90 -17.71 35.21
N ILE B 13 -28.87 -17.53 34.39
CA ILE B 13 -27.86 -18.57 34.24
C ILE B 13 -26.64 -18.29 35.14
N THR B 14 -25.90 -17.24 34.84
CA THR B 14 -24.75 -16.94 35.67
C THR B 14 -24.86 -15.60 36.32
N ARG B 15 -26.07 -15.04 36.37
CA ARG B 15 -26.21 -13.77 37.02
C ARG B 15 -27.62 -13.55 37.52
N ASP B 16 -27.71 -12.93 38.69
CA ASP B 16 -28.94 -12.81 39.45
C ASP B 16 -29.61 -11.45 39.23
N TRP B 17 -30.90 -11.36 39.59
CA TRP B 17 -31.71 -10.14 39.51
C TRP B 17 -31.48 -9.21 40.71
N GLU B 18 -31.72 -7.92 40.52
CA GLU B 18 -31.51 -6.94 41.59
C GLU B 18 -32.76 -6.75 42.45
N SER B 19 -33.89 -7.29 41.97
CA SER B 19 -35.11 -7.38 42.77
C SER B 19 -35.57 -8.82 42.78
N ARG B 20 -35.78 -9.34 43.98
CA ARG B 20 -36.22 -10.71 44.13
C ARG B 20 -37.47 -10.75 44.99
N TRP B 21 -38.62 -10.81 44.34
CA TRP B 21 -39.86 -11.07 45.05
C TRP B 21 -40.89 -11.64 44.13
N TYR B 22 -41.96 -12.18 44.70
CA TYR B 22 -43.12 -12.53 43.91
C TYR B 22 -44.24 -11.49 44.10
N ALA B 23 -45.04 -11.32 43.05
CA ALA B 23 -46.21 -10.44 43.05
C ALA B 23 -47.14 -10.85 41.90
N GLY B 24 -48.44 -10.94 42.20
CA GLY B 24 -49.46 -11.22 41.20
C GLY B 24 -49.73 -10.01 40.35
N LYS B 25 -50.58 -10.12 39.34
CA LYS B 25 -50.71 -9.03 38.37
C LYS B 25 -51.20 -7.77 39.03
N LYS B 26 -52.01 -8.00 40.07
CA LYS B 26 -52.63 -6.94 40.84
C LYS B 26 -51.63 -6.01 41.51
N GLN B 27 -50.64 -6.58 42.18
CA GLN B 27 -49.72 -5.82 43.03
C GLN B 27 -48.42 -5.39 42.36
N TYR B 28 -47.88 -6.26 41.50
CA TYR B 28 -46.59 -6.11 40.82
C TYR B 28 -46.27 -4.69 40.30
N ARG B 29 -47.20 -4.12 39.51
CA ARG B 29 -47.10 -2.76 38.93
C ARG B 29 -46.45 -1.70 39.83
N HIS B 30 -46.85 -1.72 41.11
CA HIS B 30 -46.57 -0.70 42.12
C HIS B 30 -45.39 -1.08 43.00
N LEU B 31 -45.26 -2.36 43.33
CA LEU B 31 -44.08 -2.78 44.07
C LEU B 31 -42.86 -2.55 43.16
N LEU B 32 -43.07 -2.70 41.86
CA LEU B 32 -42.05 -2.28 40.92
C LEU B 32 -41.75 -0.79 41.03
N LEU B 33 -42.73 0.06 40.76
CA LEU B 33 -42.51 1.49 40.86
C LEU B 33 -41.95 1.89 42.24
N GLU B 34 -42.33 1.17 43.29
CA GLU B 34 -41.81 1.43 44.63
C GLU B 34 -40.33 1.16 44.71
N ASP B 35 -39.90 0.08 44.05
CA ASP B 35 -38.48 -0.24 43.99
C ASP B 35 -37.75 0.84 43.26
N GLN B 36 -38.38 1.37 42.23
CA GLN B 36 -37.67 2.28 41.35
C GLN B 36 -37.54 3.63 42.02
N ARG B 37 -38.45 3.93 42.95
CA ARG B 37 -38.36 5.16 43.72
C ARG B 37 -37.28 5.05 44.77
N ILE B 38 -37.11 3.85 45.31
CA ILE B 38 -36.02 3.55 46.25
C ILE B 38 -34.69 3.69 45.54
N ARG B 39 -34.51 2.90 44.49
CA ARG B 39 -33.29 2.93 43.72
C ARG B 39 -33.07 4.28 43.06
N GLY B 40 -34.12 5.08 42.98
CA GLY B 40 -33.96 6.43 42.47
C GLY B 40 -33.21 7.30 43.45
N LEU B 41 -33.61 7.19 44.71
CA LEU B 41 -33.07 8.01 45.80
C LEU B 41 -31.66 7.59 46.23
N LEU B 42 -31.51 6.32 46.61
CA LEU B 42 -30.23 5.82 47.09
C LEU B 42 -29.11 6.05 46.06
N GLU B 43 -29.48 6.03 44.77
CA GLU B 43 -28.54 6.33 43.69
C GLU B 43 -28.09 7.80 43.74
N LYS B 44 -29.01 8.74 43.93
CA LYS B 44 -28.61 10.15 44.10
C LYS B 44 -27.79 10.35 45.38
N GLU B 45 -28.36 9.94 46.50
CA GLU B 45 -27.77 10.18 47.82
C GLU B 45 -26.47 9.43 48.17
N LEU B 46 -26.03 8.51 47.33
CA LEU B 46 -24.86 7.70 47.71
C LEU B 46 -23.74 7.66 46.67
N TYR B 47 -23.80 8.53 45.66
CA TYR B 47 -22.76 8.59 44.62
C TYR B 47 -21.41 8.84 45.28
N SER B 48 -21.44 9.56 46.40
CA SER B 48 -20.25 9.87 47.19
C SER B 48 -19.57 8.64 47.75
N ALA B 49 -20.34 7.57 47.95
CA ALA B 49 -19.82 6.38 48.60
C ALA B 49 -19.45 5.29 47.63
N GLY B 50 -19.66 5.55 46.34
CA GLY B 50 -19.40 4.57 45.31
C GLY B 50 -20.24 3.32 45.50
N LEU B 51 -21.38 3.26 44.84
CA LEU B 51 -22.31 2.19 45.09
C LEU B 51 -22.49 1.36 43.85
N ALA B 52 -22.35 0.05 44.03
CA ALA B 52 -22.42 -0.93 42.95
C ALA B 52 -23.83 -1.45 42.73
N ARG B 53 -24.41 -2.11 43.73
CA ARG B 53 -25.75 -2.71 43.59
C ARG B 53 -26.73 -2.36 44.69
N VAL B 54 -28.00 -2.26 44.31
CA VAL B 54 -29.07 -2.06 45.27
C VAL B 54 -30.03 -3.22 45.17
N ASP B 55 -29.85 -4.18 46.08
CA ASP B 55 -30.66 -5.39 46.13
C ASP B 55 -31.96 -5.04 46.82
N ILE B 56 -33.09 -5.41 46.23
CA ILE B 56 -34.39 -5.25 46.91
C ILE B 56 -35.17 -6.58 47.01
N GLU B 57 -35.01 -7.23 48.16
CA GLU B 57 -35.76 -8.45 48.53
C GLU B 57 -37.06 -8.01 49.19
N ARG B 58 -38.10 -8.84 49.11
CA ARG B 58 -39.40 -8.44 49.65
C ARG B 58 -40.25 -9.57 50.20
N ALA B 59 -40.92 -9.28 51.32
CA ALA B 59 -41.94 -10.14 51.95
C ALA B 59 -43.36 -9.58 51.76
N ALA B 60 -44.05 -9.35 52.88
CA ALA B 60 -45.34 -8.69 52.84
C ALA B 60 -45.17 -7.51 53.76
N ASP B 61 -45.39 -6.30 53.24
CA ASP B 61 -45.09 -5.05 53.95
C ASP B 61 -43.66 -5.00 54.53
N ASN B 62 -42.77 -5.78 53.91
CA ASN B 62 -41.37 -5.84 54.29
C ASN B 62 -40.42 -5.68 53.11
N VAL B 63 -39.39 -4.88 53.32
CA VAL B 63 -38.44 -4.60 52.27
C VAL B 63 -37.03 -4.65 52.83
N ALA B 64 -36.21 -5.52 52.24
CA ALA B 64 -34.84 -5.68 52.64
C ALA B 64 -33.95 -5.10 51.56
N VAL B 65 -33.70 -3.80 51.67
CA VAL B 65 -32.83 -3.13 50.73
C VAL B 65 -31.37 -3.30 51.13
N THR B 66 -30.65 -4.17 50.43
CA THR B 66 -29.21 -4.33 50.64
C THR B 66 -28.43 -3.39 49.74
N VAL B 67 -27.70 -2.46 50.34
CA VAL B 67 -26.96 -1.53 49.52
C VAL B 67 -25.47 -1.89 49.52
N HIS B 68 -24.94 -2.06 48.32
CA HIS B 68 -23.58 -2.55 48.07
C HIS B 68 -22.62 -1.41 47.72
N VAL B 69 -21.72 -1.10 48.63
CA VAL B 69 -21.03 0.17 48.57
C VAL B 69 -19.54 0.11 48.87
N ALA B 70 -18.75 0.85 48.10
CA ALA B 70 -17.30 0.86 48.18
C ALA B 70 -16.79 1.29 49.55
N LYS B 71 -17.24 2.48 49.93
CA LYS B 71 -16.89 3.16 51.17
C LYS B 71 -18.10 3.08 52.10
N PRO B 72 -18.16 2.02 52.91
CA PRO B 72 -19.37 1.67 53.67
C PRO B 72 -19.59 2.59 54.86
N GLY B 73 -18.54 3.26 55.32
CA GLY B 73 -18.66 4.27 56.34
C GLY B 73 -19.49 5.47 55.89
N VAL B 74 -19.21 5.97 54.70
CA VAL B 74 -19.91 7.13 54.16
C VAL B 74 -21.39 6.89 54.12
N VAL B 75 -21.77 5.63 53.87
CA VAL B 75 -23.18 5.30 53.93
C VAL B 75 -23.65 5.30 55.36
N ILE B 76 -22.88 4.68 56.25
CA ILE B 76 -23.23 4.60 57.65
C ILE B 76 -23.37 6.01 58.26
N GLY B 77 -22.31 6.79 58.16
CA GLY B 77 -22.25 8.09 58.80
C GLY B 77 -21.54 8.04 60.13
N ARG B 78 -20.92 9.15 60.52
CA ARG B 78 -20.36 9.30 61.85
C ARG B 78 -21.47 9.07 62.89
N GLY B 79 -21.11 8.42 64.00
CA GLY B 79 -22.06 8.13 65.06
C GLY B 79 -23.06 7.03 64.77
N GLY B 80 -23.41 6.86 63.51
CA GLY B 80 -24.40 5.88 63.10
C GLY B 80 -25.62 6.63 62.64
N GLU B 81 -25.46 7.94 62.51
CA GLU B 81 -26.55 8.87 62.25
C GLU B 81 -27.12 8.81 60.80
N ARG B 82 -26.23 8.91 59.81
CA ARG B 82 -26.62 8.98 58.41
C ARG B 82 -27.52 7.84 57.97
N ILE B 83 -27.19 6.63 58.42
CA ILE B 83 -28.01 5.48 58.06
C ILE B 83 -29.44 5.58 58.63
N ARG B 84 -29.58 6.05 59.87
CA ARG B 84 -30.89 6.24 60.46
C ARG B 84 -31.72 7.19 59.60
N VAL B 85 -31.10 8.29 59.16
CA VAL B 85 -31.79 9.28 58.32
C VAL B 85 -32.34 8.68 57.04
N LEU B 86 -31.55 7.81 56.43
CA LEU B 86 -31.96 7.16 55.20
C LEU B 86 -33.16 6.29 55.50
N ARG B 87 -32.98 5.37 56.43
CA ARG B 87 -34.00 4.39 56.82
C ARG B 87 -35.35 5.03 57.10
N GLU B 88 -35.34 6.22 57.70
CA GLU B 88 -36.57 6.96 57.95
C GLU B 88 -37.13 7.54 56.66
N GLU B 89 -36.29 8.27 55.92
CA GLU B 89 -36.68 8.81 54.61
C GLU B 89 -37.10 7.73 53.62
N LEU B 90 -36.46 6.57 53.69
CA LEU B 90 -36.92 5.39 52.94
C LEU B 90 -38.34 5.01 53.35
N ALA B 91 -38.50 4.66 54.63
CA ALA B 91 -39.79 4.22 55.16
C ALA B 91 -40.85 5.33 55.09
N LYS B 92 -40.41 6.55 54.77
CA LYS B 92 -41.32 7.64 54.41
C LYS B 92 -41.85 7.47 52.99
N LEU B 93 -40.95 7.56 52.00
CA LEU B 93 -41.30 7.35 50.59
C LEU B 93 -41.94 5.96 50.32
N THR B 94 -41.59 4.97 51.12
CA THR B 94 -42.19 3.64 51.00
C THR B 94 -43.49 3.47 51.80
N GLY B 95 -43.52 4.03 52.99
CA GLY B 95 -44.64 3.82 53.90
C GLY B 95 -44.68 2.39 54.39
N LYS B 96 -43.56 1.70 54.36
CA LYS B 96 -43.46 0.32 54.88
C LYS B 96 -42.25 0.18 55.83
N ASN B 97 -42.01 -1.02 56.33
CA ASN B 97 -40.90 -1.21 57.28
C ASN B 97 -39.57 -1.52 56.60
N VAL B 98 -38.90 -0.46 56.16
CA VAL B 98 -37.67 -0.57 55.38
C VAL B 98 -36.53 -1.14 56.23
N ALA B 99 -35.90 -2.21 55.73
CA ALA B 99 -34.78 -2.81 56.44
C ALA B 99 -33.45 -2.64 55.71
N LEU B 100 -32.89 -1.43 55.75
CA LEU B 100 -31.67 -1.09 55.03
C LEU B 100 -30.38 -1.52 55.72
N ASN B 101 -29.72 -2.53 55.15
CA ASN B 101 -28.40 -2.95 55.61
C ASN B 101 -27.32 -2.52 54.60
N VAL B 102 -26.05 -2.66 54.98
CA VAL B 102 -24.94 -2.13 54.18
C VAL B 102 -23.87 -3.21 53.93
N GLN B 103 -23.42 -3.36 52.68
CA GLN B 103 -22.42 -4.37 52.37
C GLN B 103 -21.14 -3.92 51.63
N GLU B 104 -19.98 -4.23 52.21
CA GLU B 104 -18.67 -3.69 51.79
C GLU B 104 -18.17 -4.36 50.53
N VAL B 105 -18.38 -3.72 49.38
CA VAL B 105 -17.70 -4.12 48.17
C VAL B 105 -16.21 -4.08 48.44
N GLN B 106 -15.64 -5.26 48.71
CA GLN B 106 -14.29 -5.32 49.24
C GLN B 106 -13.28 -4.92 48.18
N ASN B 107 -13.65 -5.12 46.91
CA ASN B 107 -12.72 -4.78 45.84
C ASN B 107 -13.36 -4.04 44.69
N PRO B 108 -13.28 -2.71 44.69
CA PRO B 108 -13.90 -1.89 43.63
C PRO B 108 -13.20 -2.07 42.29
N ASN B 109 -12.05 -2.73 42.26
CA ASN B 109 -11.37 -2.97 40.99
C ASN B 109 -12.00 -4.12 40.19
N LEU B 110 -12.89 -4.87 40.82
CA LEU B 110 -13.61 -5.93 40.12
C LEU B 110 -15.07 -5.70 40.22
N SER B 111 -15.46 -4.43 40.27
CA SER B 111 -16.86 -4.10 40.11
C SER B 111 -17.00 -3.18 38.91
N ALA B 112 -17.38 -3.79 37.80
CA ALA B 112 -17.67 -3.07 36.56
C ALA B 112 -18.43 -1.77 36.78
N PRO B 113 -19.53 -1.80 37.57
CA PRO B 113 -20.26 -0.54 37.63
C PRO B 113 -19.40 0.53 38.26
N LEU B 114 -18.44 0.12 39.08
CA LEU B 114 -17.59 1.07 39.77
C LEU B 114 -16.45 1.53 38.88
N VAL B 115 -15.82 0.56 38.23
CA VAL B 115 -14.75 0.85 37.29
C VAL B 115 -15.27 1.87 36.28
N ALA B 116 -16.46 1.58 35.74
CA ALA B 116 -17.17 2.49 34.85
C ALA B 116 -17.19 3.90 35.43
N GLN B 117 -17.84 4.04 36.57
CA GLN B 117 -17.93 5.29 37.27
C GLN B 117 -16.60 5.97 37.43
N ARG B 118 -15.60 5.25 37.95
CA ARG B 118 -14.33 5.88 38.30
C ARG B 118 -13.75 6.56 37.09
N VAL B 119 -14.00 5.94 35.93
CA VAL B 119 -13.51 6.47 34.68
C VAL B 119 -14.27 7.73 34.34
N ALA B 120 -15.60 7.64 34.36
CA ALA B 120 -16.48 8.79 34.08
C ALA B 120 -16.13 10.04 34.87
N GLU B 121 -16.03 9.91 36.18
CA GLU B 121 -15.47 10.95 37.05
C GLU B 121 -14.20 11.50 36.39
N GLN B 122 -13.13 10.71 36.41
CA GLN B 122 -11.90 11.02 35.71
C GLN B 122 -12.13 11.82 34.40
N ILE B 123 -13.05 11.36 33.56
CA ILE B 123 -13.39 12.08 32.32
C ILE B 123 -14.02 13.44 32.58
N GLU B 124 -14.91 13.50 33.57
CA GLU B 124 -15.55 14.76 33.94
C GLU B 124 -14.52 15.74 34.48
N ARG B 125 -13.63 15.25 35.35
CA ARG B 125 -12.56 16.06 35.95
C ARG B 125 -11.52 16.48 34.91
N ARG B 126 -11.84 16.19 33.65
CA ARG B 126 -11.08 16.63 32.49
C ARG B 126 -9.80 15.83 32.26
N PHE B 127 -9.71 14.62 32.81
CA PHE B 127 -8.50 13.82 32.64
C PHE B 127 -8.34 13.32 31.23
N ALA B 128 -7.12 12.90 30.90
CA ALA B 128 -6.80 12.38 29.58
C ALA B 128 -7.61 11.12 29.35
N VAL B 129 -8.41 11.07 28.28
CA VAL B 129 -9.32 9.94 28.14
C VAL B 129 -8.67 8.60 27.80
N ARG B 130 -7.77 8.59 26.81
CA ARG B 130 -7.04 7.37 26.46
C ARG B 130 -6.33 6.72 27.67
N ARG B 131 -5.45 7.48 28.34
CA ARG B 131 -4.76 7.03 29.55
C ARG B 131 -5.74 6.52 30.58
N ALA B 132 -6.72 7.35 30.90
CA ALA B 132 -7.79 7.01 31.84
C ALA B 132 -8.28 5.59 31.69
N ILE B 133 -8.34 5.13 30.45
CA ILE B 133 -8.86 3.80 30.15
C ILE B 133 -7.82 2.72 30.35
N LYS B 134 -6.66 2.86 29.70
CA LYS B 134 -5.65 1.82 29.78
C LYS B 134 -5.30 1.53 31.23
N GLN B 135 -5.36 2.60 32.02
CA GLN B 135 -4.97 2.62 33.42
C GLN B 135 -6.08 2.03 34.28
N ALA B 136 -7.32 2.13 33.81
CA ALA B 136 -8.43 1.49 34.50
C ALA B 136 -8.39 -0.02 34.27
N VAL B 137 -8.25 -0.40 32.99
CA VAL B 137 -8.19 -1.79 32.59
C VAL B 137 -7.05 -2.46 33.30
N GLN B 138 -5.92 -1.80 33.26
CA GLN B 138 -4.80 -2.14 34.11
C GLN B 138 -5.26 -2.60 35.50
N ARG B 139 -5.75 -1.66 36.30
CA ARG B 139 -6.13 -1.92 37.68
C ARG B 139 -7.04 -3.12 37.82
N VAL B 140 -7.92 -3.32 36.84
CA VAL B 140 -8.82 -4.46 36.87
C VAL B 140 -8.11 -5.81 36.72
N MET B 141 -7.24 -5.93 35.74
CA MET B 141 -6.56 -7.19 35.59
C MET B 141 -5.62 -7.47 36.78
N GLU B 142 -5.07 -6.41 37.37
CA GLU B 142 -4.08 -6.54 38.45
C GLU B 142 -4.64 -7.24 39.67
N SER B 143 -5.96 -7.27 39.76
CA SER B 143 -6.65 -7.73 40.96
C SER B 143 -7.36 -9.07 40.77
N GLY B 144 -6.70 -10.04 40.17
CA GLY B 144 -7.34 -11.33 39.97
C GLY B 144 -7.91 -11.54 38.57
N ALA B 145 -8.68 -10.55 38.10
CA ALA B 145 -9.55 -10.63 36.92
C ALA B 145 -8.97 -11.44 35.77
N LYS B 146 -9.86 -12.06 35.01
CA LYS B 146 -9.43 -12.88 33.89
C LYS B 146 -9.58 -12.16 32.56
N GLY B 147 -10.21 -10.99 32.55
CA GLY B 147 -10.42 -10.23 31.34
C GLY B 147 -11.19 -8.97 31.63
N ALA B 148 -10.96 -7.91 30.85
CA ALA B 148 -11.58 -6.63 31.12
C ALA B 148 -11.53 -5.73 29.91
N LYS B 149 -12.38 -4.71 29.86
CA LYS B 149 -12.61 -3.95 28.64
C LYS B 149 -13.40 -2.72 28.95
N VAL B 150 -12.91 -1.57 28.51
CA VAL B 150 -13.61 -0.32 28.76
C VAL B 150 -13.83 0.49 27.48
N ILE B 151 -15.03 1.02 27.32
CA ILE B 151 -15.36 1.74 26.10
C ILE B 151 -15.90 3.12 26.39
N VAL B 152 -15.11 4.12 26.09
CA VAL B 152 -15.61 5.48 26.20
C VAL B 152 -16.06 5.95 24.82
N SER B 153 -17.25 6.52 24.74
CA SER B 153 -17.76 6.93 23.46
C SER B 153 -18.41 8.29 23.56
N GLY B 154 -18.10 9.16 22.62
CA GLY B 154 -18.66 10.49 22.63
C GLY B 154 -17.66 11.51 22.16
N ARG B 155 -17.83 12.75 22.60
CA ARG B 155 -16.98 13.84 22.13
C ARG B 155 -15.65 13.83 22.84
N ILE B 156 -14.78 12.88 22.49
CA ILE B 156 -13.59 12.64 23.30
C ILE B 156 -12.57 13.76 23.24
N GLY B 157 -12.26 14.33 24.41
CA GLY B 157 -11.48 15.56 24.47
C GLY B 157 -12.52 16.62 24.21
N GLY B 158 -12.13 17.73 23.60
CA GLY B 158 -13.11 18.71 23.15
C GLY B 158 -13.91 18.16 21.97
N ALA B 159 -13.20 17.89 20.87
CA ALA B 159 -13.70 17.10 19.73
C ALA B 159 -15.04 17.48 19.13
N GLU B 160 -15.00 18.11 17.96
CA GLU B 160 -16.21 18.24 17.17
C GLU B 160 -16.62 16.84 16.69
N GLN B 161 -15.64 16.05 16.27
CA GLN B 161 -15.90 14.70 15.75
C GLN B 161 -16.05 13.68 16.85
N ALA B 162 -17.28 13.32 17.18
CA ALA B 162 -17.51 12.34 18.22
C ALA B 162 -17.01 10.96 17.83
N ARG B 163 -15.97 10.44 18.49
CA ARG B 163 -15.48 9.08 18.20
C ARG B 163 -15.61 8.11 19.38
N THR B 164 -14.96 6.95 19.27
CA THR B 164 -14.99 5.94 20.34
C THR B 164 -13.63 5.33 20.70
N GLU B 165 -13.26 5.41 21.97
CA GLU B 165 -12.03 4.78 22.45
C GLU B 165 -12.35 3.50 23.21
N TRP B 166 -11.44 2.53 23.12
CA TRP B 166 -11.65 1.29 23.83
C TRP B 166 -10.32 0.56 24.01
N ALA B 167 -10.33 -0.38 24.94
CA ALA B 167 -9.14 -1.11 25.33
C ALA B 167 -9.52 -2.36 26.12
N ALA B 168 -8.73 -3.43 25.99
CA ALA B 168 -9.00 -4.68 26.70
C ALA B 168 -7.75 -5.51 26.94
N GLN B 169 -7.83 -6.39 27.94
CA GLN B 169 -6.79 -7.38 28.20
C GLN B 169 -7.49 -8.69 28.57
N GLY B 170 -6.78 -9.82 28.45
CA GLY B 170 -7.39 -11.11 28.71
C GLY B 170 -8.57 -11.43 27.82
N ARG B 171 -9.43 -12.33 28.28
CA ARG B 171 -10.58 -12.76 27.50
C ARG B 171 -11.84 -12.07 28.00
N VAL B 172 -12.60 -11.48 27.09
CA VAL B 172 -13.92 -10.98 27.43
C VAL B 172 -14.92 -11.60 26.48
N PRO B 173 -15.28 -12.87 26.75
CA PRO B 173 -16.09 -13.72 25.88
C PRO B 173 -17.57 -13.45 25.87
N LEU B 174 -18.04 -12.34 25.31
CA LEU B 174 -19.45 -11.95 25.39
C LEU B 174 -20.47 -13.00 24.86
N HIS B 175 -19.98 -13.96 24.08
CA HIS B 175 -20.86 -14.99 23.57
C HIS B 175 -21.01 -16.16 24.52
N THR B 176 -19.95 -16.42 25.30
CA THR B 176 -19.93 -17.56 26.23
C THR B 176 -20.86 -17.33 27.40
N LEU B 177 -21.88 -18.16 27.47
CA LEU B 177 -22.92 -18.00 28.46
C LEU B 177 -22.41 -18.25 29.88
N ARG B 178 -21.60 -19.29 30.06
CA ARG B 178 -21.18 -19.69 31.38
C ARG B 178 -20.12 -18.75 31.93
N ALA B 179 -19.67 -17.82 31.11
CA ALA B 179 -18.72 -16.81 31.56
C ALA B 179 -19.38 -15.81 32.51
N ASN B 180 -18.87 -15.73 33.75
CA ASN B 180 -19.31 -14.65 34.63
C ASN B 180 -18.66 -13.35 34.17
N ILE B 181 -19.47 -12.43 33.69
CA ILE B 181 -18.96 -11.20 33.14
C ILE B 181 -19.69 -10.01 33.72
N ASP B 182 -19.01 -9.19 34.50
CA ASP B 182 -19.68 -8.04 35.10
C ASP B 182 -19.67 -6.90 34.11
N TYR B 183 -20.81 -6.24 34.00
CA TYR B 183 -20.97 -5.10 33.13
C TYR B 183 -21.42 -3.96 34.00
N GLY B 184 -20.99 -2.77 33.64
CA GLY B 184 -21.49 -1.59 34.30
C GLY B 184 -21.44 -0.45 33.33
N PHE B 185 -22.32 0.53 33.51
CA PHE B 185 -22.30 1.71 32.68
C PHE B 185 -22.42 3.01 33.46
N ALA B 186 -21.56 3.94 33.08
CA ALA B 186 -21.47 5.24 33.70
C ALA B 186 -21.69 6.30 32.64
N LEU B 187 -22.32 7.40 33.00
CA LEU B 187 -22.48 8.49 32.06
C LEU B 187 -21.76 9.74 32.57
N ALA B 188 -20.77 10.22 31.81
CA ALA B 188 -20.05 11.44 32.18
C ALA B 188 -20.74 12.66 31.56
N ARG B 189 -20.99 13.68 32.37
CA ARG B 189 -21.76 14.85 31.95
C ARG B 189 -20.84 16.08 31.91
N THR B 190 -20.62 16.62 30.72
CA THR B 190 -19.58 17.65 30.52
C THR B 190 -19.97 18.86 29.72
N THR B 191 -19.34 19.97 30.11
CA THR B 191 -19.39 21.23 29.40
C THR B 191 -19.51 21.07 27.87
N TYR B 192 -18.80 20.10 27.31
CA TYR B 192 -18.93 19.86 25.88
C TYR B 192 -20.05 18.90 25.54
N GLY B 193 -20.56 18.19 26.53
CA GLY B 193 -21.66 17.28 26.26
C GLY B 193 -21.63 16.07 27.16
N VAL B 194 -22.09 14.94 26.62
CA VAL B 194 -22.19 13.74 27.43
C VAL B 194 -21.55 12.53 26.74
N LEU B 195 -20.87 11.72 27.53
CA LEU B 195 -20.14 10.58 27.02
C LEU B 195 -20.54 9.37 27.83
N GLY B 196 -20.42 8.18 27.26
CA GLY B 196 -20.78 6.99 27.99
C GLY B 196 -19.65 6.01 28.23
N VAL B 197 -19.55 5.49 29.44
CA VAL B 197 -18.51 4.52 29.73
C VAL B 197 -19.05 3.14 30.04
N LYS B 198 -18.71 2.17 29.20
CA LYS B 198 -19.04 0.80 29.51
C LYS B 198 -17.79 0.07 29.98
N ALA B 199 -17.94 -0.81 30.94
CA ALA B 199 -16.81 -1.54 31.42
C ALA B 199 -17.28 -2.95 31.60
N TYR B 200 -16.53 -3.86 30.98
CA TYR B 200 -16.82 -5.28 31.06
C TYR B 200 -15.71 -5.90 31.89
N ILE B 201 -16.04 -6.80 32.80
CA ILE B 201 -15.00 -7.50 33.55
C ILE B 201 -15.25 -8.99 33.59
N PHE B 202 -14.37 -9.75 32.97
CA PHE B 202 -14.50 -11.21 32.95
C PHE B 202 -13.91 -11.80 34.22
N LEU B 203 -14.71 -12.60 34.90
CA LEU B 203 -14.43 -12.91 36.28
C LEU B 203 -14.16 -14.38 36.53
N GLY B 204 -14.78 -15.25 35.74
CA GLY B 204 -14.47 -16.64 35.88
C GLY B 204 -15.40 -17.54 35.11
N GLU B 205 -14.83 -18.59 34.53
CA GLU B 205 -15.60 -19.66 33.90
C GLU B 205 -16.28 -20.47 35.01
N VAL B 206 -17.57 -20.76 34.85
CA VAL B 206 -18.31 -21.53 35.85
C VAL B 206 -18.36 -23.03 35.48
N GLY C 1 18.85 49.36 26.36
CA GLY C 1 20.13 49.30 27.06
C GLY C 1 20.35 47.89 27.55
N ARG C 2 21.13 47.73 28.63
CA ARG C 2 21.27 46.45 29.31
C ARG C 2 19.89 46.11 29.82
N TYR C 3 19.69 44.90 30.30
CA TYR C 3 18.34 44.56 30.77
C TYR C 3 18.01 45.04 32.17
N ILE C 4 17.06 45.97 32.20
CA ILE C 4 16.37 46.33 33.42
C ILE C 4 14.95 45.86 33.27
N GLY C 5 14.39 45.43 34.38
CA GLY C 5 13.09 44.79 34.33
C GLY C 5 13.13 43.74 35.41
N PRO C 6 12.02 43.00 35.55
CA PRO C 6 11.84 42.01 36.62
C PRO C 6 12.78 40.82 36.45
N VAL C 7 13.48 40.43 37.51
CA VAL C 7 14.48 39.38 37.36
C VAL C 7 14.16 38.01 37.97
N CYS C 8 13.92 37.93 39.28
CA CYS C 8 13.48 36.68 39.88
C CYS C 8 12.33 36.53 38.92
N ARG C 9 12.46 35.59 38.00
CA ARG C 9 11.50 35.41 36.89
C ARG C 9 12.24 34.74 35.76
N LEU C 10 13.47 35.21 35.52
CA LEU C 10 14.47 34.51 34.71
C LEU C 10 15.13 33.40 35.56
N CYS C 11 15.52 33.73 36.80
CA CYS C 11 15.52 32.81 37.94
C CYS C 11 14.53 31.62 37.59
N ARG C 12 13.30 31.92 37.14
CA ARG C 12 12.22 30.92 36.94
C ARG C 12 12.05 30.30 35.53
N ARG C 13 12.36 31.08 34.51
CA ARG C 13 12.29 30.61 33.12
C ARG C 13 13.40 29.60 32.90
N GLU C 14 14.54 29.80 33.56
CA GLU C 14 15.68 28.89 33.40
C GLU C 14 15.57 27.73 34.36
N GLY C 15 14.64 27.83 35.29
CA GLY C 15 14.38 26.74 36.22
C GLY C 15 15.50 26.45 37.21
N VAL C 16 16.54 27.30 37.22
CA VAL C 16 17.58 27.22 38.25
C VAL C 16 17.82 28.60 38.82
N LYS C 17 18.61 28.65 39.89
CA LYS C 17 18.89 29.92 40.56
C LYS C 17 20.09 30.70 39.97
N LEU C 18 19.80 31.89 39.46
CA LEU C 18 20.78 32.71 38.75
C LEU C 18 21.54 33.74 39.60
N TYR C 19 21.00 34.04 40.77
CA TYR C 19 21.60 34.99 41.72
C TYR C 19 21.76 36.36 41.07
N LEU C 20 20.65 36.80 40.46
CA LEU C 20 20.66 38.03 39.69
C LEU C 20 20.31 39.10 40.65
N LYS C 21 19.71 38.67 41.76
CA LYS C 21 19.24 39.62 42.76
C LYS C 21 20.28 39.98 43.83
N GLY C 22 20.50 39.15 44.83
CA GLY C 22 21.47 39.57 45.83
C GLY C 22 21.28 39.07 47.25
N GLU C 23 20.82 39.94 48.14
CA GLU C 23 20.72 39.49 49.51
C GLU C 23 19.61 38.46 49.73
N ARG C 24 18.52 38.57 48.95
CA ARG C 24 17.37 37.66 49.12
C ARG C 24 17.39 36.47 48.24
N CYS C 25 18.20 36.51 47.20
CA CYS C 25 18.34 35.35 46.33
C CYS C 25 18.81 34.24 47.26
N TYR C 26 19.52 34.63 48.32
CA TYR C 26 20.00 33.64 49.32
C TYR C 26 19.00 33.25 50.42
N SER C 27 17.93 34.06 50.57
CA SER C 27 16.92 33.95 51.66
C SER C 27 15.72 33.07 51.26
N PRO C 28 14.69 32.91 52.13
CA PRO C 28 13.55 32.08 51.66
C PRO C 28 12.56 32.88 50.87
N LYS C 29 13.09 33.76 50.01
CA LYS C 29 12.26 34.57 49.14
C LYS C 29 12.44 34.37 47.61
N CYS C 30 13.64 34.06 47.15
CA CYS C 30 13.83 33.83 45.73
C CYS C 30 12.56 33.05 45.48
N ALA C 31 11.87 33.35 44.40
CA ALA C 31 10.59 32.66 44.19
C ALA C 31 10.78 31.25 43.70
N MET C 32 12.02 30.93 43.36
CA MET C 32 12.43 29.55 43.17
C MET C 32 12.16 28.80 44.46
N GLU C 33 12.27 29.52 45.57
CA GLU C 33 11.94 28.94 46.83
C GLU C 33 10.45 28.80 47.01
N ARG C 34 9.66 29.58 46.26
CA ARG C 34 8.20 29.61 46.42
C ARG C 34 7.34 29.15 45.20
N ARG C 35 7.82 29.41 43.99
CA ARG C 35 7.14 29.04 42.73
C ARG C 35 8.22 28.70 41.70
N PRO C 36 8.69 27.45 41.75
CA PRO C 36 9.82 27.04 40.92
C PRO C 36 9.45 26.88 39.46
N TYR C 37 8.18 27.09 39.12
CA TYR C 37 7.74 27.04 37.72
C TYR C 37 8.04 28.39 37.03
N PRO C 38 8.10 28.40 35.69
CA PRO C 38 8.29 29.59 34.86
C PRO C 38 7.14 30.62 34.93
N PRO C 39 7.41 31.85 34.48
CA PRO C 39 6.40 32.90 34.62
C PRO C 39 5.32 32.76 33.59
N GLY C 40 4.17 33.36 33.86
CA GLY C 40 3.14 33.44 32.86
C GLY C 40 1.96 32.63 33.28
N GLN C 41 0.93 32.66 32.43
CA GLN C 41 -0.33 31.96 32.68
C GLN C 41 -0.12 30.46 32.64
N HIS C 42 0.87 30.02 31.87
CA HIS C 42 0.97 28.62 31.55
C HIS C 42 2.05 27.83 32.27
N GLY C 43 2.84 28.50 33.10
CA GLY C 43 3.94 27.84 33.77
C GLY C 43 3.51 26.72 34.72
N GLN C 44 2.22 26.62 34.97
CA GLN C 44 1.70 25.60 35.85
C GLN C 44 1.54 24.26 35.13
N LYS C 45 1.19 24.36 33.84
CA LYS C 45 0.94 23.24 32.90
C LYS C 45 2.19 22.43 32.55
N ARG C 46 2.03 21.10 32.43
CA ARG C 46 3.16 20.20 32.21
C ARG C 46 3.85 20.50 30.88
N ALA C 47 5.18 20.45 30.89
CA ALA C 47 5.98 20.91 29.75
C ALA C 47 5.93 19.97 28.52
N ARG C 48 6.22 20.51 27.34
CA ARG C 48 6.40 19.64 26.20
C ARG C 48 7.87 19.31 26.23
N ARG C 49 8.27 18.19 25.62
CA ARG C 49 9.69 17.88 25.52
C ARG C 49 10.30 18.97 24.66
N PRO C 50 11.49 19.46 25.06
CA PRO C 50 12.24 20.46 24.32
C PRO C 50 12.85 19.94 23.03
N SER C 51 12.84 20.79 22.02
CA SER C 51 13.56 20.52 20.80
C SER C 51 15.02 20.75 21.11
N ASP C 52 15.88 20.20 20.27
CA ASP C 52 17.29 20.43 20.41
C ASP C 52 17.54 21.93 20.45
N TYR C 53 16.88 22.69 19.58
CA TYR C 53 17.03 24.15 19.60
C TYR C 53 16.71 24.70 20.98
N ALA C 54 15.59 24.23 21.49
CA ALA C 54 15.13 24.69 22.77
C ALA C 54 16.28 24.56 23.78
N VAL C 55 16.88 23.37 23.86
CA VAL C 55 17.84 23.14 24.93
C VAL C 55 19.12 23.90 24.69
N ARG C 56 19.54 23.92 23.43
CA ARG C 56 20.66 24.74 23.02
C ARG C 56 20.33 26.19 23.37
N LEU C 57 19.14 26.67 23.01
CA LEU C 57 18.82 28.08 23.26
C LEU C 57 18.87 28.45 24.74
N ARG C 58 18.08 27.74 25.51
CA ARG C 58 17.95 28.02 26.91
C ARG C 58 19.29 27.95 27.67
N GLU C 59 20.13 26.98 27.33
CA GLU C 59 21.41 26.88 28.01
C GLU C 59 22.24 28.12 27.68
N LYS C 60 22.12 28.62 26.46
CA LYS C 60 22.75 29.88 26.15
C LYS C 60 22.24 30.98 27.06
N GLN C 61 20.92 31.16 27.07
CA GLN C 61 20.29 32.23 27.85
C GLN C 61 20.62 32.19 29.35
N LYS C 62 20.44 31.03 29.96
CA LYS C 62 20.87 30.79 31.33
C LYS C 62 22.27 31.39 31.52
N LEU C 63 23.28 30.95 30.77
CA LEU C 63 24.63 31.51 30.91
C LEU C 63 24.68 33.01 30.71
N ARG C 64 24.03 33.51 29.67
CA ARG C 64 24.11 34.93 29.39
C ARG C 64 23.44 35.76 30.48
N ARG C 65 22.26 35.30 30.90
CA ARG C 65 21.50 36.06 31.86
C ARG C 65 22.29 36.19 33.15
N ILE C 66 22.94 35.08 33.56
CA ILE C 66 23.78 35.09 34.76
C ILE C 66 24.70 36.28 34.79
N TYR C 67 25.26 36.65 33.64
CA TYR C 67 26.34 37.63 33.58
C TYR C 67 25.96 39.08 33.28
N GLY C 68 24.66 39.34 33.09
CA GLY C 68 24.16 40.67 32.76
C GLY C 68 23.97 40.72 31.27
N ILE C 69 24.83 41.52 30.63
CA ILE C 69 25.23 41.38 29.21
C ILE C 69 24.22 41.22 28.05
N SER C 70 24.41 42.07 27.04
CA SER C 70 23.61 42.04 25.82
C SER C 70 24.04 40.89 24.95
N GLU C 71 23.14 40.41 24.09
CA GLU C 71 23.50 39.33 23.18
C GLU C 71 24.61 39.77 22.23
N ARG C 72 24.62 41.05 21.85
CA ARG C 72 25.62 41.56 20.92
C ARG C 72 26.99 41.58 21.54
N GLN C 73 27.06 41.81 22.84
CA GLN C 73 28.33 41.82 23.55
C GLN C 73 28.72 40.38 23.81
N PHE C 74 27.72 39.56 24.10
CA PHE C 74 27.87 38.13 24.36
C PHE C 74 28.41 37.37 23.15
N ARG C 75 27.68 37.44 22.04
CA ARG C 75 28.08 36.80 20.79
C ARG C 75 29.46 37.27 20.38
N ASN C 76 29.71 38.58 20.44
CA ASN C 76 31.04 39.11 20.15
C ASN C 76 32.19 38.53 20.98
N LEU C 77 31.91 38.07 22.21
CA LEU C 77 32.93 37.42 23.03
C LEU C 77 33.13 35.98 22.64
N PHE C 78 32.02 35.28 22.42
CA PHE C 78 32.07 33.91 21.94
C PHE C 78 32.81 33.87 20.63
N GLU C 79 32.58 34.91 19.83
CA GLU C 79 33.32 35.06 18.60
C GLU C 79 34.79 35.19 18.94
N GLU C 80 35.15 36.14 19.80
CA GLU C 80 36.55 36.36 20.18
C GLU C 80 37.18 35.09 20.76
N ALA C 81 36.36 34.30 21.47
CA ALA C 81 36.84 33.11 22.16
C ALA C 81 37.14 31.97 21.17
N SER C 82 36.48 32.00 20.04
CA SER C 82 36.75 31.01 19.07
C SER C 82 38.04 31.36 18.34
N LYS C 83 38.26 32.63 18.10
CA LYS C 83 39.52 33.04 17.51
C LYS C 83 40.73 32.79 18.43
N LYS C 84 40.51 32.28 19.65
CA LYS C 84 41.61 32.04 20.59
C LYS C 84 42.18 30.64 20.49
N LYS C 85 43.50 30.53 20.66
CA LYS C 85 44.16 29.25 20.93
C LYS C 85 43.70 28.86 22.31
N GLY C 86 42.99 27.74 22.40
CA GLY C 86 42.46 27.31 23.67
C GLY C 86 41.27 26.43 23.43
N VAL C 87 40.58 26.07 24.51
CA VAL C 87 39.34 25.29 24.41
C VAL C 87 38.20 26.24 24.55
N THR C 88 37.59 26.62 23.44
CA THR C 88 36.81 27.85 23.46
C THR C 88 35.77 27.85 24.56
N GLY C 89 35.24 26.66 24.86
CA GLY C 89 34.23 26.49 25.89
C GLY C 89 34.66 27.15 27.19
N SER C 90 35.92 26.86 27.53
CA SER C 90 36.59 27.40 28.70
C SER C 90 37.02 28.83 28.43
N VAL C 91 37.79 29.04 27.37
CA VAL C 91 38.27 30.38 26.99
C VAL C 91 37.19 31.46 27.13
N PHE C 92 36.00 31.16 26.63
CA PHE C 92 34.80 31.97 26.84
C PHE C 92 34.57 32.41 28.30
N LEU C 93 34.37 31.43 29.20
CA LEU C 93 34.10 31.77 30.59
C LEU C 93 35.21 32.64 31.15
N GLY C 94 36.44 32.35 30.79
CA GLY C 94 37.57 33.13 31.23
C GLY C 94 37.43 34.55 30.78
N LEU C 95 36.88 34.72 29.58
CA LEU C 95 36.73 36.05 29.01
C LEU C 95 35.61 36.82 29.67
N LEU C 96 34.48 36.13 29.82
CA LEU C 96 33.38 36.65 30.59
C LEU C 96 33.89 37.11 31.95
N GLU C 97 34.49 36.18 32.69
CA GLU C 97 34.93 36.44 34.04
C GLU C 97 35.90 37.58 34.12
N SER C 98 36.43 38.00 32.98
CA SER C 98 37.43 39.04 32.97
C SER C 98 36.82 40.46 33.01
N ARG C 99 35.49 40.54 32.87
CA ARG C 99 34.72 41.80 32.88
C ARG C 99 34.87 42.53 34.20
N LEU C 100 35.06 43.83 34.16
CA LEU C 100 35.19 44.59 35.40
C LEU C 100 33.94 44.45 36.25
N ASP C 101 32.79 44.72 35.65
CA ASP C 101 31.50 44.55 36.34
C ASP C 101 31.47 43.25 37.13
N ASN C 102 31.96 42.19 36.52
CA ASN C 102 31.98 40.89 37.14
C ASN C 102 33.10 40.78 38.18
N VAL C 103 34.30 41.23 37.82
CA VAL C 103 35.44 41.08 38.70
C VAL C 103 35.10 41.69 40.06
N VAL C 104 34.44 42.85 40.00
CA VAL C 104 34.03 43.58 41.18
C VAL C 104 33.11 42.74 42.07
N TYR C 105 32.09 42.16 41.47
CA TYR C 105 31.15 41.32 42.19
C TYR C 105 31.83 40.11 42.79
N ARG C 106 32.61 39.42 41.97
CA ARG C 106 33.34 38.25 42.47
C ARG C 106 34.24 38.69 43.63
N LEU C 107 34.78 39.90 43.56
CA LEU C 107 35.66 40.44 44.60
C LEU C 107 34.94 40.67 45.91
N GLY C 108 33.62 40.81 45.82
CA GLY C 108 32.77 41.03 46.98
C GLY C 108 32.55 42.48 47.38
N PHE C 109 32.71 43.40 46.43
CA PHE C 109 32.46 44.80 46.71
C PHE C 109 30.99 45.05 46.51
N ALA C 110 30.42 44.40 45.51
CA ALA C 110 29.00 44.54 45.22
C ALA C 110 28.22 43.32 45.67
N VAL C 111 26.97 43.53 46.10
CA VAL C 111 26.16 42.44 46.60
C VAL C 111 25.88 41.49 45.47
N SER C 112 25.67 42.09 44.29
CA SER C 112 25.26 41.36 43.09
C SER C 112 25.90 41.94 41.84
N ARG C 113 25.69 41.24 40.73
CA ARG C 113 26.29 41.62 39.47
C ARG C 113 25.68 42.91 38.98
N ARG C 114 24.36 43.03 39.12
CA ARG C 114 23.66 44.26 38.76
C ARG C 114 24.15 45.46 39.58
N GLN C 115 24.18 45.31 40.90
CA GLN C 115 24.71 46.35 41.77
C GLN C 115 26.16 46.69 41.44
N ALA C 116 26.91 45.68 41.02
CA ALA C 116 28.30 45.87 40.61
C ALA C 116 28.43 46.83 39.43
N ARG C 117 27.59 46.68 38.42
CA ARG C 117 27.68 47.53 37.22
C ARG C 117 27.52 49.02 37.56
N GLN C 118 26.66 49.31 38.54
CA GLN C 118 26.48 50.68 38.99
C GLN C 118 27.76 51.15 39.69
N LEU C 119 28.21 50.38 40.66
CA LEU C 119 29.44 50.70 41.38
C LEU C 119 30.55 51.09 40.41
N VAL C 120 30.58 50.42 39.25
CA VAL C 120 31.57 50.72 38.25
C VAL C 120 31.25 52.04 37.58
N ARG C 121 30.07 52.07 36.97
CA ARG C 121 29.57 53.17 36.13
C ARG C 121 29.45 54.53 36.87
N HIS C 122 29.13 54.49 38.16
CA HIS C 122 29.06 55.72 38.91
C HIS C 122 30.41 56.12 39.45
N GLY C 123 31.45 55.43 39.00
CA GLY C 123 32.82 55.84 39.25
C GLY C 123 33.47 55.40 40.55
N HIS C 124 32.85 54.45 41.24
CA HIS C 124 33.33 54.04 42.54
C HIS C 124 34.53 53.11 42.48
N ILE C 125 35.00 52.80 41.26
CA ILE C 125 36.08 51.83 41.13
C ILE C 125 37.40 52.30 40.51
N THR C 126 38.48 51.94 41.20
CA THR C 126 39.86 52.13 40.81
C THR C 126 40.38 50.93 40.01
N VAL C 127 41.03 51.16 38.89
CA VAL C 127 41.80 50.06 38.31
C VAL C 127 43.24 50.49 38.12
N ASN C 128 44.09 49.98 39.00
CA ASN C 128 45.50 50.33 38.96
C ASN C 128 45.73 51.80 39.33
N GLY C 129 44.91 52.26 40.27
CA GLY C 129 45.02 53.60 40.79
C GLY C 129 44.13 54.61 40.11
N ARG C 130 43.66 54.29 38.91
CA ARG C 130 42.88 55.23 38.10
C ARG C 130 41.41 54.85 38.18
N ARG C 131 40.56 55.72 37.66
CA ARG C 131 39.14 55.42 37.58
C ARG C 131 38.75 54.68 36.29
N VAL C 132 37.82 53.75 36.44
CA VAL C 132 37.22 53.05 35.32
C VAL C 132 35.73 52.95 35.58
N ASP C 133 34.94 53.08 34.53
CA ASP C 133 33.50 53.04 34.70
C ASP C 133 32.80 52.37 33.56
N LEU C 134 33.56 51.68 32.71
CA LEU C 134 32.99 50.81 31.69
C LEU C 134 32.94 49.44 32.30
N PRO C 135 31.75 48.87 32.38
CA PRO C 135 31.53 47.57 33.00
C PRO C 135 32.13 46.47 32.13
N SER C 136 32.44 46.86 30.90
CA SER C 136 32.99 45.99 29.86
C SER C 136 34.55 45.97 29.79
N TYR C 137 35.20 46.89 30.50
CA TYR C 137 36.67 46.94 30.55
C TYR C 137 37.21 45.58 30.92
N ARG C 138 38.24 45.14 30.21
CA ARG C 138 38.78 43.81 30.54
C ARG C 138 39.96 43.80 31.50
N VAL C 139 39.74 43.14 32.62
CA VAL C 139 40.78 43.04 33.61
C VAL C 139 41.75 41.93 33.20
N ARG C 140 43.04 42.23 33.24
CA ARG C 140 44.07 41.29 32.81
C ARG C 140 44.77 40.82 34.06
N PRO C 141 45.59 39.78 33.97
CA PRO C 141 46.18 39.43 35.28
C PRO C 141 47.20 40.48 35.67
N GLY C 142 47.32 40.71 36.98
CA GLY C 142 48.26 41.67 37.50
C GLY C 142 47.52 42.95 37.82
N ASP C 143 46.27 43.01 37.41
CA ASP C 143 45.46 44.19 37.67
C ASP C 143 45.04 44.28 39.15
N GLU C 144 45.07 45.49 39.70
CA GLU C 144 44.59 45.75 41.05
C GLU C 144 43.26 46.52 41.00
N ILE C 145 42.22 45.93 41.59
CA ILE C 145 40.86 46.48 41.51
C ILE C 145 40.38 47.01 42.86
N ALA C 146 40.50 48.31 43.05
CA ALA C 146 40.23 48.94 44.35
C ALA C 146 38.90 49.71 44.40
N VAL C 147 38.53 50.17 45.60
CA VAL C 147 37.39 51.06 45.72
C VAL C 147 37.97 52.45 45.66
N ALA C 148 37.23 53.40 45.12
CA ALA C 148 37.70 54.77 45.04
C ALA C 148 38.02 55.26 46.45
N GLU C 149 39.01 56.14 46.57
CA GLU C 149 39.33 56.69 47.89
C GLU C 149 38.09 57.43 48.37
N LYS C 150 37.45 58.13 47.42
CA LYS C 150 36.21 58.84 47.69
C LYS C 150 35.13 57.91 48.25
N SER C 151 34.72 56.93 47.45
CA SER C 151 33.57 56.07 47.76
C SER C 151 33.82 55.08 48.88
N ARG C 152 34.94 55.22 49.57
CA ARG C 152 35.29 54.32 50.66
C ARG C 152 34.20 54.22 51.76
N ASN C 153 33.39 55.25 51.93
CA ASN C 153 32.49 55.30 53.08
C ASN C 153 31.06 54.84 52.91
N LEU C 154 30.73 54.26 51.77
CA LEU C 154 29.35 53.92 51.48
C LEU C 154 28.84 52.87 52.44
N GLU C 155 27.54 52.86 52.69
CA GLU C 155 27.01 51.84 53.58
C GLU C 155 27.28 50.48 52.96
N LEU C 156 26.83 50.25 51.73
CA LEU C 156 27.00 48.95 51.09
C LEU C 156 28.45 48.56 50.89
N ILE C 157 29.32 49.52 50.59
CA ILE C 157 30.73 49.17 50.49
C ILE C 157 31.20 48.53 51.80
N ARG C 158 30.91 49.20 52.92
CA ARG C 158 31.36 48.71 54.20
C ARG C 158 30.56 47.49 54.64
N GLN C 159 29.27 47.48 54.31
CA GLN C 159 28.40 46.40 54.74
C GLN C 159 28.72 45.12 53.99
N ASN C 160 29.29 45.27 52.82
CA ASN C 160 29.53 44.11 52.00
C ASN C 160 30.89 43.56 52.35
N LEU C 161 31.82 44.43 52.70
CA LEU C 161 33.14 43.93 53.01
C LEU C 161 33.13 43.26 54.38
N GLU C 162 32.06 43.51 55.15
CA GLU C 162 31.92 42.84 56.43
C GLU C 162 31.34 41.45 56.26
N ALA C 163 30.78 41.17 55.08
CA ALA C 163 30.42 39.79 54.81
C ALA C 163 31.69 39.04 54.42
N MET C 164 32.67 39.77 53.89
CA MET C 164 33.94 39.14 53.56
C MET C 164 34.63 38.64 54.81
N LYS C 165 34.10 38.99 55.98
CA LYS C 165 34.62 38.49 57.25
C LYS C 165 34.66 36.94 57.27
N GLY C 166 33.73 36.33 56.53
CA GLY C 166 33.47 34.92 56.62
C GLY C 166 33.33 34.22 55.29
N ARG C 167 33.24 34.97 54.20
CA ARG C 167 33.47 34.42 52.86
C ARG C 167 34.98 34.31 52.62
N LYS C 168 35.37 33.56 51.60
CA LYS C 168 36.73 33.67 51.09
C LYS C 168 36.63 33.82 49.58
N VAL C 169 37.55 34.55 48.98
CA VAL C 169 37.37 34.97 47.59
C VAL C 169 37.92 33.93 46.59
N GLY C 170 37.42 33.97 45.35
CA GLY C 170 37.84 33.03 44.31
C GLY C 170 39.34 32.73 44.27
N PRO C 171 39.72 31.55 43.76
CA PRO C 171 41.12 31.11 43.88
C PRO C 171 42.09 31.86 42.97
N TRP C 172 41.55 32.56 41.97
CA TRP C 172 42.38 33.31 41.03
C TRP C 172 42.47 34.77 41.37
N LEU C 173 42.07 35.08 42.59
CA LEU C 173 41.94 36.44 43.06
C LEU C 173 42.48 36.55 44.46
N SER C 174 42.78 37.79 44.86
CA SER C 174 43.20 38.07 46.21
C SER C 174 42.54 39.35 46.70
N LEU C 175 41.92 39.28 47.88
CA LEU C 175 41.26 40.42 48.50
C LEU C 175 42.09 41.01 49.60
N ASP C 176 42.14 42.35 49.63
CA ASP C 176 42.75 43.12 50.71
C ASP C 176 41.70 43.89 51.51
N VAL C 177 40.82 43.16 52.18
CA VAL C 177 39.62 43.73 52.80
C VAL C 177 39.79 45.08 53.46
N GLU C 178 40.68 45.16 54.45
CA GLU C 178 40.98 46.40 55.13
C GLU C 178 41.34 47.47 54.11
N GLY C 179 42.36 47.22 53.29
CA GLY C 179 42.77 48.20 52.30
C GLY C 179 41.77 48.45 51.18
N MET C 180 40.66 47.70 51.18
CA MET C 180 39.60 47.71 50.13
C MET C 180 40.08 47.47 48.69
N LYS C 181 41.09 46.63 48.54
CA LYS C 181 41.69 46.34 47.25
C LYS C 181 41.57 44.86 46.98
N GLY C 182 41.51 44.51 45.69
CA GLY C 182 41.56 43.13 45.26
C GLY C 182 42.51 43.07 44.10
N LYS C 183 43.17 41.93 43.93
CA LYS C 183 44.08 41.75 42.79
C LYS C 183 43.62 40.56 41.91
N PHE C 184 43.73 40.73 40.59
CA PHE C 184 43.35 39.68 39.63
C PHE C 184 44.59 38.93 39.22
N LEU C 185 44.66 37.65 39.61
CA LEU C 185 45.90 36.91 39.61
C LEU C 185 46.16 36.15 38.34
N ARG C 186 45.12 35.47 37.85
CA ARG C 186 45.23 34.68 36.63
C ARG C 186 43.81 34.48 36.16
N LEU C 187 43.64 33.89 34.98
CA LEU C 187 42.29 33.59 34.53
C LEU C 187 41.83 32.35 35.23
N PRO C 188 40.57 32.35 35.62
CA PRO C 188 39.98 31.18 36.24
C PRO C 188 39.96 30.00 35.28
N ASP C 189 40.55 28.89 35.70
CA ASP C 189 40.48 27.65 34.94
C ASP C 189 39.04 27.18 35.06
N ARG C 190 38.57 26.35 34.12
CA ARG C 190 37.18 25.91 34.10
C ARG C 190 36.70 25.37 35.46
N GLU C 191 37.60 24.72 36.20
CA GLU C 191 37.23 23.96 37.40
C GLU C 191 36.91 24.89 38.57
N ASP C 192 37.44 26.10 38.50
CA ASP C 192 37.20 27.13 39.50
C ASP C 192 35.75 27.61 39.41
N LEU C 193 35.33 28.05 38.23
CA LEU C 193 33.94 28.43 38.00
C LEU C 193 33.07 27.21 38.17
N ALA C 194 32.04 27.31 39.00
CA ALA C 194 31.14 26.19 39.14
C ALA C 194 29.69 26.50 38.75
N LEU C 195 29.51 27.24 37.64
CA LEU C 195 28.18 27.62 37.14
C LEU C 195 27.34 26.41 36.77
N PRO C 196 26.01 26.59 36.69
CA PRO C 196 25.15 25.48 36.29
C PRO C 196 24.93 25.48 34.77
N VAL C 197 26.02 25.65 34.04
CA VAL C 197 25.94 25.69 32.61
C VAL C 197 26.73 24.56 31.98
N ASN C 198 26.19 24.03 30.90
CA ASN C 198 26.92 23.12 30.05
C ASN C 198 27.51 23.88 28.87
N GLU C 199 28.62 24.58 29.09
CA GLU C 199 29.24 25.46 28.09
C GLU C 199 29.19 24.89 26.67
N GLN C 200 29.34 23.58 26.56
CA GLN C 200 29.37 22.92 25.27
C GLN C 200 28.08 23.14 24.50
N LEU C 201 26.95 23.06 25.17
CA LEU C 201 25.68 23.38 24.55
C LEU C 201 25.61 24.79 23.96
N VAL C 202 26.27 25.73 24.62
CA VAL C 202 26.35 27.09 24.12
C VAL C 202 27.07 27.14 22.76
N ILE C 203 28.28 26.59 22.73
CA ILE C 203 29.05 26.38 21.52
C ILE C 203 28.22 25.79 20.40
N GLU C 204 27.47 24.73 20.72
CA GLU C 204 26.66 24.03 19.73
C GLU C 204 25.57 24.95 19.18
N PHE C 205 25.05 25.83 20.04
CA PHE C 205 23.95 26.68 19.66
C PHE C 205 24.38 27.68 18.61
N TYR C 206 25.67 28.00 18.66
CA TYR C 206 26.26 29.01 17.80
C TYR C 206 26.82 28.44 16.49
N SER C 207 27.01 27.14 16.45
CA SER C 207 27.50 26.53 15.23
C SER C 207 26.36 26.16 14.29
N ARG C 208 25.18 26.70 14.57
CA ARG C 208 24.05 26.56 13.66
C ARG C 208 24.02 27.81 12.81
N ASP D 1 20.22 0.00 31.53
CA ASP D 1 20.24 1.29 32.25
C ASP D 1 21.05 2.41 31.53
N PHE D 2 20.49 2.89 30.42
CA PHE D 2 21.13 3.85 29.54
C PHE D 2 20.17 5.00 29.43
N GLU D 3 20.61 6.13 28.87
CA GLU D 3 19.63 7.11 28.41
C GLU D 3 19.02 6.72 27.06
N GLU D 4 17.72 6.99 26.90
CA GLU D 4 17.03 6.79 25.62
C GLU D 4 16.78 8.17 24.98
N LYS D 5 16.66 8.25 23.66
CA LYS D 5 16.31 9.49 22.95
C LYS D 5 15.24 9.22 21.88
N MET D 6 14.45 10.21 21.52
CA MET D 6 13.58 9.97 20.37
C MET D 6 14.15 10.57 19.12
N ILE D 7 14.72 9.74 18.28
CA ILE D 7 14.98 10.15 16.94
C ILE D 7 13.73 10.68 16.24
N LEU D 8 12.70 9.85 16.04
CA LEU D 8 11.46 10.30 15.39
C LEU D 8 10.27 9.38 15.62
N ILE D 9 9.08 9.97 15.53
CA ILE D 9 7.88 9.17 15.61
C ILE D 9 7.04 9.48 14.42
N ARG D 10 6.50 8.44 13.79
CA ARG D 10 5.59 8.60 12.68
C ARG D 10 4.34 7.70 12.74
N ARG D 11 3.32 8.11 11.97
CA ARG D 11 2.11 7.34 11.81
C ARG D 11 1.99 6.95 10.36
N THR D 12 1.40 5.78 10.13
CA THR D 12 1.36 5.14 8.81
C THR D 12 0.05 4.39 8.61
N ALA D 13 -0.34 4.24 7.36
CA ALA D 13 -1.67 3.73 7.09
C ALA D 13 -1.71 2.48 6.25
N ARG D 14 -2.61 1.59 6.63
CA ARG D 14 -2.95 0.44 5.82
C ARG D 14 -4.20 0.80 5.08
N MET D 15 -4.98 -0.22 4.74
CA MET D 15 -6.28 -0.01 4.15
C MET D 15 -7.11 -1.23 4.39
N GLN D 16 -8.35 -1.00 4.75
CA GLN D 16 -9.36 -2.01 4.75
C GLN D 16 -10.53 -1.32 4.08
N ALA D 17 -11.39 -2.09 3.39
CA ALA D 17 -12.66 -1.55 2.96
C ALA D 17 -13.26 -0.82 4.15
N GLY D 18 -13.67 0.41 3.96
CA GLY D 18 -14.13 1.19 5.08
C GLY D 18 -13.04 1.69 6.02
N GLY D 19 -12.03 2.33 5.45
CA GLY D 19 -11.16 3.20 6.21
C GLY D 19 -9.67 3.03 6.00
N ARG D 20 -8.91 4.04 6.41
CA ARG D 20 -7.48 3.86 6.59
C ARG D 20 -7.42 3.08 7.89
N ARG D 21 -6.33 2.37 8.14
CA ARG D 21 -6.06 1.86 9.50
C ARG D 21 -4.59 2.08 9.93
N PHE D 22 -4.40 2.68 11.09
CA PHE D 22 -3.10 3.27 11.41
C PHE D 22 -2.18 2.41 12.25
N ARG D 23 -0.89 2.73 12.23
CA ARG D 23 0.12 2.01 12.97
C ARG D 23 1.22 3.01 13.24
N PHE D 24 1.99 2.84 14.31
CA PHE D 24 2.98 3.86 14.66
C PHE D 24 4.38 3.31 14.63
N GLY D 25 5.33 4.19 14.28
CA GLY D 25 6.72 3.82 14.20
C GLY D 25 7.56 4.75 15.00
N ALA D 26 8.49 4.19 15.78
CA ALA D 26 9.34 4.97 16.67
C ALA D 26 10.79 4.67 16.41
N LEU D 27 11.60 5.71 16.31
CA LEU D 27 13.00 5.49 16.16
C LEU D 27 13.68 5.93 17.42
N VAL D 28 14.33 5.02 18.14
CA VAL D 28 14.89 5.29 19.47
C VAL D 28 16.42 4.99 19.65
N VAL D 29 17.18 5.93 20.23
CA VAL D 29 18.59 5.68 20.52
C VAL D 29 18.81 5.45 21.99
N VAL D 30 19.89 4.77 22.32
CA VAL D 30 20.10 4.31 23.67
C VAL D 30 21.60 4.34 23.86
N GLY D 31 22.06 5.10 24.83
CA GLY D 31 23.49 5.24 25.01
C GLY D 31 23.89 5.28 26.46
N ASP D 32 25.18 5.14 26.71
CA ASP D 32 25.65 5.21 28.07
C ASP D 32 26.70 6.31 28.17
N ARG D 33 26.69 7.18 27.19
CA ARG D 33 27.66 8.27 27.08
C ARG D 33 29.10 7.88 27.35
N GLN D 34 29.39 6.60 27.34
CA GLN D 34 30.78 6.25 27.27
C GLN D 34 31.02 5.05 26.37
N GLY D 35 30.78 5.30 25.08
CA GLY D 35 31.15 4.39 24.03
C GLY D 35 30.26 3.22 23.69
N ARG D 36 28.98 3.23 24.08
CA ARG D 36 28.08 2.16 23.70
C ARG D 36 26.73 2.72 23.39
N VAL D 37 26.24 2.42 22.20
CA VAL D 37 25.01 3.02 21.72
C VAL D 37 24.31 2.05 20.81
N GLY D 38 22.98 2.07 20.87
CA GLY D 38 22.20 1.10 20.14
C GLY D 38 20.98 1.79 19.57
N LEU D 39 20.54 1.30 18.43
CA LEU D 39 19.46 1.94 17.72
C LEU D 39 18.38 0.91 17.51
N GLY D 40 17.14 1.34 17.68
CA GLY D 40 15.99 0.47 17.55
C GLY D 40 14.86 1.18 16.85
N PHE D 41 14.20 0.46 15.94
CA PHE D 41 13.04 1.00 15.26
C PHE D 41 11.92 0.02 15.54
N GLY D 42 10.89 0.50 16.23
CA GLY D 42 9.81 -0.37 16.65
C GLY D 42 8.48 0.17 16.22
N LYS D 43 7.63 -0.71 15.72
CA LYS D 43 6.31 -0.28 15.33
C LYS D 43 5.29 -1.03 16.14
N ALA D 44 4.28 -0.32 16.63
CA ALA D 44 3.14 -0.97 17.27
C ALA D 44 1.87 -0.18 16.93
N PRO D 45 0.68 -0.64 17.33
CA PRO D 45 -0.47 0.17 16.90
C PRO D 45 -0.69 1.39 17.78
N GLU D 46 -0.03 1.45 18.93
CA GLU D 46 -0.14 2.60 19.80
C GLU D 46 1.25 3.21 20.01
N VAL D 47 1.30 4.54 20.08
CA VAL D 47 2.55 5.29 20.12
C VAL D 47 3.49 5.01 21.26
N PRO D 48 2.98 4.91 22.50
CA PRO D 48 3.97 4.74 23.57
C PRO D 48 4.49 3.32 23.57
N LEU D 49 3.59 2.41 23.15
CA LEU D 49 3.85 1.00 23.00
C LEU D 49 4.96 0.78 21.98
N ALA D 50 4.84 1.44 20.84
CA ALA D 50 5.89 1.47 19.82
C ALA D 50 7.24 1.90 20.38
N VAL D 51 7.25 2.91 21.22
CA VAL D 51 8.50 3.36 21.80
C VAL D 51 9.10 2.34 22.76
N GLN D 52 8.25 1.66 23.51
CA GLN D 52 8.69 0.62 24.41
C GLN D 52 9.44 -0.36 23.57
N LYS D 53 8.72 -0.91 22.59
CA LYS D 53 9.23 -1.82 21.56
C LYS D 53 10.58 -1.33 21.07
N ALA D 54 10.57 -0.14 20.48
CA ALA D 54 11.75 0.51 19.94
C ALA D 54 12.91 0.44 20.90
N GLY D 55 12.64 0.80 22.15
CA GLY D 55 13.65 0.78 23.19
C GLY D 55 14.22 -0.60 23.42
N TYR D 56 13.35 -1.62 23.35
CA TYR D 56 13.79 -3.00 23.52
C TYR D 56 14.76 -3.32 22.41
N TYR D 57 14.35 -3.00 21.19
CA TYR D 57 15.12 -3.34 20.03
C TYR D 57 16.48 -2.68 20.13
N ALA D 58 16.50 -1.39 20.46
CA ALA D 58 17.74 -0.65 20.54
C ALA D 58 18.81 -1.37 21.35
N ARG D 59 18.42 -1.96 22.47
CA ARG D 59 19.39 -2.54 23.40
C ARG D 59 19.94 -3.85 22.85
N ARG D 60 19.24 -4.42 21.88
CA ARG D 60 19.69 -5.68 21.32
C ARG D 60 20.66 -5.40 20.17
N ASN D 61 20.43 -4.28 19.48
CA ASN D 61 21.33 -3.77 18.44
C ASN D 61 22.38 -2.75 18.98
N MET D 62 23.35 -3.22 19.76
CA MET D 62 24.30 -2.29 20.40
C MET D 62 25.68 -2.19 19.71
N VAL D 63 26.29 -1.01 19.71
CA VAL D 63 27.60 -0.84 19.05
C VAL D 63 28.62 -0.12 19.89
N GLU D 64 29.78 -0.73 20.10
CA GLU D 64 30.82 -0.10 20.92
C GLU D 64 31.66 0.86 20.11
N VAL D 65 31.39 2.15 20.29
CA VAL D 65 32.19 3.17 19.64
C VAL D 65 33.48 3.37 20.37
N PRO D 66 34.61 3.24 19.68
CA PRO D 66 35.90 3.49 20.31
C PRO D 66 36.19 4.96 20.38
N LEU D 67 35.76 5.59 21.47
CA LEU D 67 35.95 7.02 21.66
C LEU D 67 37.39 7.28 22.05
N GLN D 68 37.99 8.24 21.37
CA GLN D 68 39.36 8.62 21.63
C GLN D 68 39.38 10.05 22.08
N ASN D 69 39.15 10.25 23.37
CA ASN D 69 39.20 11.57 23.96
C ASN D 69 38.08 12.44 23.42
N GLY D 70 36.85 12.04 23.71
CA GLY D 70 35.70 12.82 23.30
C GLY D 70 35.33 12.75 21.82
N THR D 71 36.25 12.23 21.02
CA THR D 71 36.11 12.24 19.56
C THR D 71 36.42 10.87 18.95
N ILE D 72 36.22 10.73 17.64
CA ILE D 72 36.38 9.43 16.98
C ILE D 72 37.75 9.32 16.31
N PRO D 73 38.32 8.09 16.27
CA PRO D 73 39.71 7.80 15.92
C PRO D 73 40.21 8.22 14.54
N HIS D 74 39.34 8.31 13.52
CA HIS D 74 39.72 8.78 12.19
C HIS D 74 38.47 9.26 11.50
N GLU D 75 38.60 9.82 10.30
CA GLU D 75 37.39 10.29 9.60
C GLU D 75 36.79 9.10 8.97
N ILE D 76 35.61 9.25 8.40
CA ILE D 76 34.88 8.12 7.83
C ILE D 76 33.62 8.56 7.13
N GLU D 77 33.26 7.84 6.09
CA GLU D 77 32.16 8.22 5.26
C GLU D 77 31.47 6.90 4.92
N VAL D 78 30.15 6.84 5.03
CA VAL D 78 29.42 5.59 4.88
C VAL D 78 28.09 5.77 4.18
N GLU D 79 27.84 5.04 3.11
CA GLU D 79 26.55 5.15 2.45
C GLU D 79 25.64 4.02 2.92
N PHE D 80 24.35 4.32 2.98
CA PHE D 80 23.32 3.32 3.29
C PHE D 80 22.11 3.65 2.46
N GLY D 81 21.86 2.84 1.44
CA GLY D 81 20.84 3.16 0.47
C GLY D 81 21.16 4.43 -0.30
N ALA D 82 20.20 5.36 -0.21
CA ALA D 82 20.32 6.65 -0.84
C ALA D 82 21.10 7.63 0.01
N SER D 83 21.19 7.32 1.29
CA SER D 83 21.66 8.24 2.29
C SER D 83 23.12 7.99 2.63
N LYS D 84 23.82 9.03 3.04
CA LYS D 84 25.26 8.94 3.21
C LYS D 84 25.71 9.86 4.32
N ILE D 85 26.48 9.33 5.27
CA ILE D 85 26.97 10.16 6.35
C ILE D 85 28.46 10.31 6.32
N VAL D 86 28.93 11.48 6.71
CA VAL D 86 30.34 11.67 6.87
C VAL D 86 30.65 12.16 8.27
N LEU D 87 31.64 11.51 8.88
CA LEU D 87 32.07 11.80 10.22
C LEU D 87 33.55 12.14 10.19
N LYS D 88 33.88 13.39 10.50
CA LYS D 88 35.26 13.83 10.52
C LYS D 88 35.53 14.12 11.97
N PRO D 89 36.57 13.51 12.55
CA PRO D 89 36.73 13.80 13.96
C PRO D 89 37.31 15.17 14.13
N ALA D 90 37.07 15.71 15.32
CA ALA D 90 37.37 17.09 15.63
C ALA D 90 38.13 17.24 16.95
N ALA D 91 38.62 18.46 17.19
CA ALA D 91 39.46 18.77 18.32
C ALA D 91 38.55 19.16 19.49
N PRO D 92 39.07 19.21 20.74
CA PRO D 92 38.31 19.62 21.93
C PRO D 92 37.54 20.92 21.78
N GLY D 93 36.40 21.01 22.45
CA GLY D 93 35.61 22.23 22.43
C GLY D 93 35.16 22.65 21.04
N THR D 94 34.66 21.67 20.30
CA THR D 94 34.20 21.88 18.95
C THR D 94 32.72 21.62 18.91
N GLY D 95 32.35 20.60 19.67
CA GLY D 95 30.96 20.26 19.86
C GLY D 95 30.60 19.24 18.82
N VAL D 96 29.49 18.58 19.04
CA VAL D 96 28.90 17.77 18.00
C VAL D 96 28.29 18.69 16.94
N ILE D 97 29.04 18.95 15.88
CA ILE D 97 28.51 19.77 14.82
C ILE D 97 27.86 18.89 13.76
N ALA D 98 26.65 18.41 14.08
CA ALA D 98 25.99 17.39 13.30
C ALA D 98 24.52 17.62 13.21
N GLY D 99 23.90 17.05 12.21
CA GLY D 99 22.48 17.23 12.06
C GLY D 99 21.63 16.67 13.19
N ALA D 100 20.33 16.79 12.99
CA ALA D 100 19.29 16.31 13.87
C ALA D 100 19.52 14.85 14.34
N VAL D 101 19.51 13.92 13.40
CA VAL D 101 19.66 12.53 13.78
C VAL D 101 21.05 12.25 14.37
N PRO D 102 22.10 12.27 13.53
CA PRO D 102 23.44 11.80 13.93
C PRO D 102 23.85 12.27 15.32
N ARG D 103 23.51 13.52 15.64
CA ARG D 103 23.74 14.10 16.96
C ARG D 103 23.29 13.13 18.02
N ALA D 104 21.99 12.85 18.07
CA ALA D 104 21.41 12.00 19.11
C ALA D 104 22.18 10.72 19.31
N ILE D 105 22.58 10.14 18.19
CA ILE D 105 23.30 8.88 18.17
C ILE D 105 24.69 9.13 18.68
N LEU D 106 25.37 10.13 18.11
CA LEU D 106 26.70 10.48 18.56
C LEU D 106 26.77 10.88 20.04
N GLU D 107 25.80 11.68 20.50
CA GLU D 107 25.83 12.21 21.86
C GLU D 107 25.81 11.10 22.88
N LEU D 108 24.85 10.21 22.70
CA LEU D 108 24.68 9.04 23.56
C LEU D 108 25.81 8.04 23.43
N ALA D 109 26.53 8.10 22.31
CA ALA D 109 27.68 7.23 22.16
C ALA D 109 28.65 7.65 23.22
N GLY D 110 28.73 8.96 23.41
CA GLY D 110 29.67 9.49 24.36
C GLY D 110 30.60 10.45 23.66
N VAL D 111 30.28 10.72 22.40
CA VAL D 111 31.08 11.64 21.59
C VAL D 111 30.76 13.05 22.04
N THR D 112 31.74 13.96 21.96
CA THR D 112 31.49 15.34 22.32
C THR D 112 31.94 16.28 21.23
N ASP D 113 32.94 15.86 20.45
CA ASP D 113 33.48 16.72 19.40
C ASP D 113 33.66 15.97 18.09
N ILE D 114 33.02 16.46 17.05
CA ILE D 114 32.94 15.74 15.80
C ILE D 114 32.30 16.59 14.71
N LEU D 115 32.76 16.39 13.48
CA LEU D 115 32.24 17.10 12.32
C LEU D 115 31.40 16.14 11.46
N THR D 116 30.51 16.69 10.66
CA THR D 116 29.44 15.90 10.11
C THR D 116 28.86 16.55 8.89
N LYS D 117 28.45 15.76 7.91
CA LYS D 117 27.49 16.23 6.92
C LYS D 117 26.66 15.05 6.50
N GLU D 118 25.37 15.28 6.32
CA GLU D 118 24.50 14.30 5.69
C GLU D 118 24.52 14.69 4.23
N LEU D 119 24.18 13.73 3.38
CA LEU D 119 24.41 13.83 1.95
C LEU D 119 23.61 12.73 1.27
N GLY D 120 23.01 13.05 0.13
CA GLY D 120 22.10 12.12 -0.51
C GLY D 120 20.73 12.30 0.09
N SER D 121 20.03 11.20 0.32
CA SER D 121 18.71 11.28 0.92
C SER D 121 18.89 11.70 2.33
N ARG D 122 17.98 12.51 2.86
CA ARG D 122 18.13 12.93 4.22
C ARG D 122 17.27 12.08 5.16
N ASN D 123 16.49 11.17 4.58
CA ASN D 123 15.63 10.28 5.37
C ASN D 123 16.21 9.74 6.69
N PRO D 124 15.77 10.35 7.83
CA PRO D 124 15.93 9.95 9.21
C PRO D 124 16.37 8.53 9.37
N ILE D 125 15.46 7.63 9.04
CA ILE D 125 15.69 6.21 9.20
C ILE D 125 16.94 5.69 8.52
N ASN D 126 17.24 6.16 7.32
CA ASN D 126 18.42 5.64 6.65
C ASN D 126 19.65 6.36 7.14
N ILE D 127 19.46 7.64 7.46
CA ILE D 127 20.55 8.40 8.02
C ILE D 127 20.90 7.85 9.38
N ALA D 128 19.86 7.57 10.17
CA ALA D 128 20.00 6.82 11.42
C ALA D 128 20.88 5.59 11.24
N TYR D 129 20.52 4.75 10.28
CA TYR D 129 21.22 3.50 10.02
C TYR D 129 22.64 3.73 9.48
N ALA D 130 22.79 4.68 8.56
CA ALA D 130 24.10 4.99 8.00
C ALA D 130 25.12 5.41 9.08
N THR D 131 24.64 6.18 10.04
CA THR D 131 25.43 6.64 11.17
C THR D 131 25.83 5.49 12.06
N MET D 132 24.87 4.65 12.37
CA MET D 132 25.11 3.51 13.25
C MET D 132 26.07 2.59 12.54
N GLU D 133 25.94 2.50 11.23
CA GLU D 133 26.85 1.66 10.48
C GLU D 133 28.22 2.30 10.39
N ALA D 134 28.27 3.61 10.22
CA ALA D 134 29.55 4.30 10.26
C ALA D 134 30.33 4.02 11.56
N LEU D 135 29.65 4.16 12.70
CA LEU D 135 30.30 3.96 13.98
C LEU D 135 30.68 2.49 14.19
N ARG D 136 29.99 1.62 13.46
CA ARG D 136 30.15 0.18 13.64
C ARG D 136 31.47 -0.21 13.01
N GLN D 137 32.09 0.76 12.34
CA GLN D 137 33.17 0.52 11.41
C GLN D 137 34.50 1.17 11.79
N LEU D 138 34.50 2.10 12.74
CA LEU D 138 35.72 2.78 13.20
C LEU D 138 36.80 1.83 13.75
N ARG D 139 38.08 2.20 13.52
CA ARG D 139 39.23 1.44 14.06
C ARG D 139 40.35 2.34 14.63
N THR D 140 41.41 1.71 15.15
CA THR D 140 42.44 2.40 15.93
C THR D 140 43.86 1.99 15.57
N LYS D 141 44.81 2.95 15.62
CA LYS D 141 46.21 2.56 15.43
C LYS D 141 46.47 1.67 16.59
N ALA D 142 46.02 0.43 16.47
CA ALA D 142 45.85 -0.45 17.60
C ALA D 142 45.04 -1.55 17.04
N ASP D 143 43.77 -1.22 16.80
CA ASP D 143 42.80 -2.12 16.19
C ASP D 143 43.35 -2.57 14.82
N VAL D 144 43.91 -1.58 14.12
CA VAL D 144 44.46 -1.68 12.77
C VAL D 144 45.80 -2.36 12.76
N GLU D 145 46.69 -1.90 13.63
CA GLU D 145 48.00 -2.53 13.74
C GLU D 145 47.88 -4.04 13.99
N ARG D 146 46.85 -4.48 14.67
CA ARG D 146 46.73 -5.90 14.97
C ARG D 146 46.30 -6.65 13.74
N LEU D 147 45.56 -5.98 12.86
CA LEU D 147 45.09 -6.60 11.62
C LEU D 147 46.21 -6.81 10.62
N ARG D 148 47.12 -5.85 10.57
CA ARG D 148 48.15 -5.87 9.56
C ARG D 148 49.39 -6.60 9.99
N LYS D 149 49.84 -6.35 11.20
CA LYS D 149 51.02 -7.07 11.63
C LYS D 149 50.51 -8.47 11.76
N GLY D 150 49.64 -8.63 12.77
CA GLY D 150 48.84 -9.82 13.05
C GLY D 150 49.46 -11.18 12.81
N GLU D 151 49.85 -11.42 11.55
CA GLU D 151 50.37 -12.69 11.04
C GLU D 151 51.83 -12.97 11.44
N ALA D 152 52.18 -12.44 12.62
CA ALA D 152 53.48 -12.54 13.28
C ALA D 152 53.56 -11.43 14.32
N HIS D 153 52.40 -10.94 14.76
CA HIS D 153 52.35 -9.88 15.75
C HIS D 153 52.97 -10.50 16.97
N ALA D 154 53.46 -9.63 17.85
CA ALA D 154 54.18 -10.01 19.07
C ALA D 154 55.61 -10.42 18.80
N GLN D 155 56.08 -10.23 17.57
CA GLN D 155 57.51 -10.21 17.35
C GLN D 155 58.00 -8.80 17.49
N ALA D 156 57.22 -7.82 17.01
CA ALA D 156 57.60 -6.42 17.21
C ALA D 156 56.94 -5.78 18.44
N GLN D 157 55.97 -6.46 19.06
CA GLN D 157 55.27 -5.91 20.23
C GLN D 157 54.85 -6.91 21.35
N MET E 1 39.21 -24.00 -61.96
CA MET E 1 37.78 -23.82 -62.16
C MET E 1 36.97 -24.82 -61.31
N ARG E 2 35.64 -24.75 -61.37
CA ARG E 2 34.81 -25.53 -60.43
C ARG E 2 34.15 -26.76 -61.06
N ARG E 3 33.72 -27.69 -60.22
CA ARG E 3 32.99 -28.87 -60.70
C ARG E 3 31.55 -28.85 -60.23
N TYR E 4 30.67 -29.38 -61.07
CA TYR E 4 29.23 -29.29 -60.83
C TYR E 4 28.51 -30.60 -61.01
N GLU E 5 27.19 -30.50 -61.23
CA GLU E 5 26.31 -31.64 -61.44
C GLU E 5 25.14 -31.19 -62.29
N VAL E 6 25.22 -31.41 -63.59
CA VAL E 6 24.11 -31.07 -64.47
C VAL E 6 22.98 -32.10 -64.41
N ASN E 7 21.78 -31.61 -64.10
CA ASN E 7 20.57 -32.40 -64.15
C ASN E 7 19.75 -31.94 -65.33
N ILE E 8 19.18 -32.91 -66.05
CA ILE E 8 18.22 -32.57 -67.09
C ILE E 8 17.10 -33.56 -67.03
N VAL E 9 15.90 -33.02 -67.23
CA VAL E 9 14.69 -33.81 -67.38
C VAL E 9 14.06 -33.56 -68.74
N LEU E 10 13.87 -34.66 -69.48
CA LEU E 10 13.25 -34.62 -70.80
C LEU E 10 11.95 -35.38 -70.74
N ASN E 11 11.09 -35.17 -71.73
CA ASN E 11 9.84 -35.89 -71.75
C ASN E 11 10.09 -37.34 -72.15
N PRO E 12 9.27 -38.26 -71.63
CA PRO E 12 9.53 -39.71 -71.74
C PRO E 12 9.27 -40.34 -73.11
N ASN E 13 8.60 -39.62 -74.02
CA ASN E 13 8.05 -40.21 -75.25
C ASN E 13 8.93 -40.17 -76.47
N LEU E 14 10.14 -39.65 -76.31
CA LEU E 14 11.07 -39.58 -77.42
C LEU E 14 11.45 -40.98 -77.87
N ASP E 15 11.22 -41.25 -79.16
CA ASP E 15 11.70 -42.48 -79.78
C ASP E 15 13.21 -42.42 -79.85
N GLN E 16 13.83 -43.59 -79.90
CA GLN E 16 15.28 -43.71 -79.74
C GLN E 16 16.09 -42.74 -80.58
N SER E 17 15.69 -42.55 -81.84
CA SER E 17 16.42 -41.70 -82.78
C SER E 17 16.17 -40.20 -82.55
N GLN E 18 15.26 -39.88 -81.65
CA GLN E 18 14.98 -38.50 -81.28
C GLN E 18 15.66 -38.18 -79.93
N LEU E 19 15.60 -39.13 -79.01
CA LEU E 19 16.24 -39.01 -77.70
C LEU E 19 17.75 -38.99 -77.85
N ALA E 20 18.24 -39.65 -78.89
CA ALA E 20 19.67 -39.74 -79.15
C ALA E 20 20.20 -38.37 -79.54
N LEU E 21 19.33 -37.57 -80.18
CA LEU E 21 19.71 -36.27 -80.72
C LEU E 21 19.65 -35.13 -79.69
N GLU E 22 18.89 -35.33 -78.62
CA GLU E 22 18.94 -34.37 -77.54
C GLU E 22 20.16 -34.65 -76.66
N LYS E 23 20.59 -35.92 -76.61
CA LYS E 23 21.79 -36.30 -75.84
C LYS E 23 23.07 -35.75 -76.45
N GLU E 24 23.05 -35.58 -77.77
CA GLU E 24 24.18 -35.02 -78.51
C GLU E 24 24.18 -33.50 -78.42
N ILE E 25 23.02 -32.88 -78.61
CA ILE E 25 22.92 -31.42 -78.57
C ILE E 25 23.23 -30.88 -77.16
N ILE E 26 22.88 -31.67 -76.15
CA ILE E 26 23.34 -31.44 -74.79
C ILE E 26 24.85 -31.49 -74.79
N GLN E 27 25.38 -32.58 -75.33
CA GLN E 27 26.80 -32.87 -75.23
C GLN E 27 27.62 -31.89 -76.05
N ARG E 28 26.95 -31.14 -76.92
CA ARG E 28 27.62 -30.14 -77.76
C ARG E 28 27.55 -28.75 -77.14
N ALA E 29 26.53 -28.51 -76.33
CA ALA E 29 26.49 -27.32 -75.47
C ALA E 29 27.57 -27.43 -74.40
N LEU E 30 27.58 -28.57 -73.72
CA LEU E 30 28.64 -28.93 -72.78
C LEU E 30 30.02 -28.72 -73.38
N GLU E 31 30.32 -29.48 -74.43
CA GLU E 31 31.47 -29.25 -75.30
C GLU E 31 31.76 -27.76 -75.40
N ASN E 32 30.76 -27.01 -75.88
CA ASN E 32 30.89 -25.59 -76.19
C ASN E 32 31.32 -24.71 -75.02
N TYR E 33 30.68 -24.90 -73.86
CA TYR E 33 30.92 -24.01 -72.74
C TYR E 33 32.03 -24.45 -71.81
N GLY E 34 33.07 -25.05 -72.35
CA GLY E 34 34.24 -25.43 -71.57
C GLY E 34 34.02 -26.63 -70.66
N ALA E 35 32.77 -27.06 -70.56
CA ALA E 35 32.37 -28.12 -69.64
C ALA E 35 32.95 -29.49 -69.95
N ARG E 36 34.05 -29.84 -69.29
CA ARG E 36 34.68 -31.14 -69.48
C ARG E 36 33.94 -32.18 -68.63
N VAL E 37 33.34 -33.19 -69.26
CA VAL E 37 32.56 -34.20 -68.51
C VAL E 37 33.42 -35.24 -67.78
N GLU E 38 33.14 -35.47 -66.50
CA GLU E 38 33.89 -36.43 -65.73
C GLU E 38 33.19 -37.78 -65.70
N LYS E 39 31.88 -37.76 -65.53
CA LYS E 39 31.11 -39.00 -65.59
C LYS E 39 29.61 -38.79 -65.68
N VAL E 40 28.91 -39.81 -66.16
CA VAL E 40 27.49 -39.71 -66.47
C VAL E 40 26.68 -40.88 -65.90
N GLU E 41 25.44 -40.58 -65.54
CA GLU E 41 24.47 -41.57 -65.07
C GLU E 41 23.11 -41.33 -65.70
N GLU E 42 22.79 -42.10 -66.74
CA GLU E 42 21.44 -42.06 -67.27
C GLU E 42 20.57 -42.94 -66.38
N LEU E 43 19.68 -42.34 -65.60
CA LEU E 43 18.82 -43.14 -64.73
C LEU E 43 17.57 -43.52 -65.47
N GLY E 44 17.49 -43.07 -66.72
CA GLY E 44 16.34 -43.31 -67.56
C GLY E 44 15.14 -42.53 -67.09
N LEU E 45 14.02 -43.21 -66.87
CA LEU E 45 12.83 -42.50 -66.43
C LEU E 45 12.26 -43.04 -65.13
N ARG E 46 11.95 -42.10 -64.24
CA ARG E 46 11.14 -42.38 -63.07
C ARG E 46 9.73 -41.82 -63.27
N ARG E 47 8.84 -42.18 -62.35
CA ARG E 47 7.52 -41.57 -62.29
C ARG E 47 7.63 -40.38 -61.34
N LEU E 48 7.12 -39.22 -61.76
CA LEU E 48 7.32 -37.99 -60.99
C LEU E 48 6.36 -37.94 -59.83
N ALA E 49 6.43 -36.88 -59.05
CA ALA E 49 5.51 -36.72 -57.94
C ALA E 49 4.38 -35.82 -58.38
N TYR E 50 4.63 -35.06 -59.44
CA TYR E 50 3.62 -34.18 -60.02
C TYR E 50 3.81 -34.06 -61.53
N PRO E 51 2.73 -33.73 -62.24
CA PRO E 51 2.80 -33.55 -63.69
C PRO E 51 3.69 -32.39 -64.15
N ILE E 52 4.96 -32.69 -64.39
CA ILE E 52 5.80 -31.76 -65.12
C ILE E 52 5.45 -31.77 -66.61
N ALA E 53 4.99 -30.63 -67.10
CA ALA E 53 4.60 -30.43 -68.50
C ALA E 53 3.38 -31.24 -68.95
N LYS E 54 2.55 -31.60 -67.97
CA LYS E 54 1.32 -32.38 -68.16
C LYS E 54 1.47 -33.90 -68.15
N ASP E 55 2.68 -34.41 -68.40
CA ASP E 55 2.89 -35.88 -68.38
C ASP E 55 3.57 -36.41 -67.10
N PRO E 56 3.09 -37.57 -66.59
CA PRO E 56 3.39 -38.07 -65.25
C PRO E 56 4.76 -38.72 -65.09
N GLN E 57 5.54 -38.79 -66.15
CA GLN E 57 6.87 -39.38 -66.08
C GLN E 57 7.87 -38.35 -66.55
N GLY E 58 9.15 -38.66 -66.42
CA GLY E 58 10.18 -37.77 -66.91
C GLY E 58 11.47 -38.51 -67.13
N TYR E 59 12.22 -38.14 -68.17
CA TYR E 59 13.44 -38.85 -68.51
C TYR E 59 14.69 -38.11 -68.00
N PHE E 60 15.50 -38.82 -67.23
CA PHE E 60 16.52 -38.20 -66.38
C PHE E 60 18.00 -38.37 -66.77
N LEU E 61 18.66 -37.23 -66.90
CA LEU E 61 20.08 -37.21 -67.21
C LEU E 61 20.85 -36.63 -66.03
N TRP E 62 22.10 -37.07 -65.85
CA TRP E 62 22.99 -36.55 -64.81
C TRP E 62 24.40 -36.47 -65.37
N TYR E 63 25.14 -35.44 -64.98
CA TYR E 63 26.47 -35.22 -65.55
C TYR E 63 27.38 -34.57 -64.52
N GLN E 64 28.33 -35.29 -63.97
CA GLN E 64 29.32 -34.62 -63.13
C GLN E 64 30.37 -33.93 -64.01
N VAL E 65 30.15 -32.66 -64.36
CA VAL E 65 31.05 -31.98 -65.29
C VAL E 65 32.14 -31.18 -64.60
N GLU E 66 32.93 -30.47 -65.40
CA GLU E 66 33.89 -29.50 -64.88
C GLU E 66 33.99 -28.23 -65.76
N MET E 67 33.00 -27.36 -65.59
CA MET E 67 32.96 -26.08 -66.26
C MET E 67 34.01 -25.15 -65.72
N PRO E 68 34.29 -24.07 -66.45
CA PRO E 68 34.83 -22.90 -65.77
C PRO E 68 33.65 -22.12 -65.14
N GLU E 69 33.86 -21.67 -63.90
CA GLU E 69 32.85 -21.03 -63.04
C GLU E 69 31.88 -20.10 -63.76
N ASP E 70 32.38 -18.95 -64.16
CA ASP E 70 31.57 -17.84 -64.67
C ASP E 70 30.72 -18.11 -65.94
N ARG E 71 30.73 -19.33 -66.48
CA ARG E 71 29.92 -19.60 -67.66
C ARG E 71 28.75 -20.54 -67.38
N VAL E 72 28.66 -21.02 -66.14
CA VAL E 72 27.65 -22.00 -65.75
C VAL E 72 26.26 -21.50 -66.00
N ASN E 73 26.09 -20.20 -65.84
CA ASN E 73 24.77 -19.64 -65.98
C ASN E 73 24.35 -19.61 -67.43
N ASP E 74 25.30 -19.35 -68.32
CA ASP E 74 24.99 -19.41 -69.74
C ASP E 74 24.54 -20.80 -70.14
N LEU E 75 25.41 -21.77 -69.84
CA LEU E 75 25.17 -23.16 -70.15
C LEU E 75 23.74 -23.57 -69.88
N ALA E 76 23.24 -23.15 -68.72
CA ALA E 76 21.95 -23.61 -68.24
C ALA E 76 20.80 -23.12 -69.11
N ARG E 77 20.76 -21.81 -69.35
CA ARG E 77 19.68 -21.20 -70.12
C ARG E 77 19.94 -21.39 -71.60
N GLU E 78 21.05 -22.07 -71.88
CA GLU E 78 21.37 -22.57 -73.22
C GLU E 78 20.88 -24.00 -73.35
N LEU E 79 21.13 -24.81 -72.35
CA LEU E 79 20.48 -26.11 -72.25
C LEU E 79 18.96 -25.97 -72.28
N ARG E 80 18.44 -24.98 -71.55
CA ARG E 80 17.00 -24.88 -71.33
C ARG E 80 16.18 -24.34 -72.52
N ILE E 81 16.82 -23.95 -73.61
CA ILE E 81 16.07 -23.49 -74.80
C ILE E 81 15.35 -24.65 -75.50
N ARG E 82 16.11 -25.71 -75.72
CA ARG E 82 15.62 -26.95 -76.30
C ARG E 82 14.23 -27.35 -75.71
N ASP E 83 13.21 -27.33 -76.56
CA ASP E 83 11.80 -27.52 -76.18
C ASP E 83 11.49 -28.81 -75.43
N ASN E 84 12.18 -29.88 -75.80
CA ASN E 84 11.97 -31.18 -75.19
C ASN E 84 12.60 -31.34 -73.81
N VAL E 85 13.36 -30.32 -73.40
CA VAL E 85 13.85 -30.22 -72.03
C VAL E 85 12.80 -29.56 -71.15
N ARG E 86 12.43 -30.26 -70.09
CA ARG E 86 11.37 -29.82 -69.21
C ARG E 86 11.98 -29.18 -67.97
N ARG E 87 13.12 -29.69 -67.52
CA ARG E 87 13.89 -28.95 -66.53
C ARG E 87 15.38 -29.25 -66.49
N VAL E 88 16.15 -28.18 -66.30
CA VAL E 88 17.59 -28.23 -66.15
C VAL E 88 17.87 -27.70 -64.77
N MET E 89 18.79 -28.34 -64.04
CA MET E 89 19.29 -27.81 -62.76
C MET E 89 20.76 -28.17 -62.53
N VAL E 90 21.66 -27.22 -62.76
CA VAL E 90 23.08 -27.42 -62.48
C VAL E 90 23.35 -27.01 -61.04
N VAL E 91 24.28 -27.71 -60.41
CA VAL E 91 24.43 -27.69 -58.97
C VAL E 91 25.89 -27.96 -58.59
N LYS E 92 26.47 -27.19 -57.67
CA LYS E 92 27.88 -27.42 -57.28
C LYS E 92 28.07 -28.72 -56.51
N SER E 93 29.15 -29.39 -56.84
CA SER E 93 29.39 -30.70 -56.27
C SER E 93 29.76 -30.49 -54.83
N GLN E 94 29.31 -31.34 -53.92
CA GLN E 94 29.80 -31.30 -52.53
C GLN E 94 29.88 -32.67 -51.83
N GLU E 95 30.86 -32.81 -50.92
CA GLU E 95 31.08 -34.05 -50.18
C GLU E 95 29.85 -34.49 -49.39
N PRO E 96 29.47 -35.77 -49.53
CA PRO E 96 28.34 -36.34 -48.79
C PRO E 96 28.34 -36.20 -47.25
N PHE E 97 27.19 -35.82 -46.73
CA PHE E 97 26.98 -35.78 -45.30
C PHE E 97 26.26 -37.06 -44.86
N LEU E 98 26.95 -37.89 -44.10
CA LEU E 98 26.44 -39.21 -43.68
C LEU E 98 25.69 -39.20 -42.35
N ALA E 99 24.55 -39.86 -42.29
CA ALA E 99 23.85 -39.95 -41.01
C ALA E 99 23.19 -41.31 -40.73
N ASN E 100 23.13 -41.69 -39.45
CA ASN E 100 22.59 -42.98 -39.03
C ASN E 100 22.06 -42.95 -37.59
N ALA E 101 21.71 -44.11 -37.03
CA ALA E 101 21.31 -44.23 -35.60
C ALA E 101 21.34 -45.64 -34.96
N ALA F 1 -30.07 -26.27 -5.33
CA ALA F 1 -29.07 -27.27 -4.97
C ALA F 1 -27.61 -26.94 -5.37
N ARG F 2 -26.86 -26.19 -4.57
CA ARG F 2 -25.54 -25.79 -5.04
C ARG F 2 -24.37 -26.62 -4.50
N ARG F 3 -24.52 -27.17 -3.30
CA ARG F 3 -23.45 -27.98 -2.74
C ARG F 3 -23.56 -29.42 -3.23
N ARG F 4 -24.74 -30.00 -3.04
CA ARG F 4 -24.95 -31.44 -3.18
C ARG F 4 -25.99 -31.64 -4.25
N ARG F 5 -26.21 -32.89 -4.64
CA ARG F 5 -27.35 -33.19 -5.47
C ARG F 5 -28.49 -33.44 -4.49
N ALA F 6 -29.68 -32.91 -4.80
CA ALA F 6 -30.81 -33.11 -3.92
C ALA F 6 -31.31 -34.54 -4.04
N GLU F 7 -31.60 -35.16 -2.90
CA GLU F 7 -32.00 -36.57 -2.81
C GLU F 7 -33.51 -36.74 -2.83
N VAL F 8 -34.00 -37.46 -3.84
CA VAL F 8 -35.44 -37.55 -4.09
C VAL F 8 -36.22 -38.07 -2.89
N ARG F 9 -37.36 -37.44 -2.63
CA ARG F 9 -38.21 -37.83 -1.53
C ARG F 9 -38.76 -39.21 -1.80
N GLN F 10 -38.75 -40.06 -0.79
CA GLN F 10 -39.31 -41.39 -0.94
C GLN F 10 -40.75 -41.36 -0.49
N LEU F 11 -41.67 -41.64 -1.40
CA LEU F 11 -43.08 -41.50 -1.06
C LEU F 11 -43.60 -42.74 -0.37
N GLN F 12 -44.69 -42.56 0.39
CA GLN F 12 -45.37 -43.69 1.01
C GLN F 12 -46.21 -44.43 -0.03
N PRO F 13 -46.22 -45.78 0.03
CA PRO F 13 -46.97 -46.54 -0.98
C PRO F 13 -48.46 -46.32 -0.82
N ASP F 14 -49.17 -46.41 -1.94
CA ASP F 14 -50.61 -46.16 -1.97
C ASP F 14 -51.39 -47.08 -1.04
N LEU F 15 -52.49 -46.57 -0.48
CA LEU F 15 -53.25 -47.33 0.50
C LEU F 15 -54.25 -48.35 -0.09
N VAL F 16 -54.20 -48.59 -1.39
CA VAL F 16 -55.15 -49.51 -2.03
C VAL F 16 -54.50 -50.42 -3.07
N TYR F 17 -53.50 -49.91 -3.77
CA TYR F 17 -52.83 -50.66 -4.84
C TYR F 17 -51.35 -50.89 -4.55
N GLY F 18 -50.79 -50.04 -3.69
CA GLY F 18 -49.40 -50.18 -3.29
C GLY F 18 -48.42 -49.42 -4.17
N ASP F 19 -48.84 -49.11 -5.38
CA ASP F 19 -47.94 -48.43 -6.32
C ASP F 19 -47.70 -46.99 -5.86
N VAL F 20 -46.43 -46.71 -5.62
CA VAL F 20 -45.96 -45.39 -5.24
C VAL F 20 -46.34 -44.36 -6.31
N LEU F 21 -46.53 -44.80 -7.55
CA LEU F 21 -46.91 -43.90 -8.64
C LEU F 21 -48.30 -43.35 -8.39
N VAL F 22 -49.18 -44.22 -7.91
CA VAL F 22 -50.52 -43.80 -7.52
C VAL F 22 -50.44 -42.57 -6.64
N THR F 23 -49.72 -42.69 -5.52
CA THR F 23 -49.57 -41.61 -4.57
C THR F 23 -49.01 -40.33 -5.19
N ALA F 24 -47.92 -40.48 -5.96
CA ALA F 24 -47.28 -39.36 -6.65
C ALA F 24 -48.31 -38.56 -7.42
N PHE F 25 -49.15 -39.28 -8.14
CA PHE F 25 -50.25 -38.69 -8.88
C PHE F 25 -51.21 -37.98 -7.93
N ILE F 26 -51.61 -38.69 -6.87
CA ILE F 26 -52.57 -38.17 -5.91
C ILE F 26 -52.14 -36.80 -5.42
N ASN F 27 -50.93 -36.74 -4.88
CA ASN F 27 -50.37 -35.52 -4.33
C ASN F 27 -50.55 -34.36 -5.29
N LYS F 28 -50.32 -34.66 -6.56
CA LYS F 28 -50.37 -33.66 -7.63
C LYS F 28 -51.79 -33.21 -7.89
N ILE F 29 -52.74 -34.08 -7.58
CA ILE F 29 -54.15 -33.73 -7.65
C ILE F 29 -54.55 -32.77 -6.52
N MET F 30 -54.21 -33.15 -5.28
CA MET F 30 -54.59 -32.41 -4.08
C MET F 30 -54.14 -30.98 -4.11
N ARG F 31 -54.73 -30.19 -3.24
CA ARG F 31 -54.25 -28.83 -3.07
C ARG F 31 -54.49 -28.47 -1.62
N ASP F 32 -53.67 -27.57 -1.10
CA ASP F 32 -53.89 -27.06 0.25
C ASP F 32 -53.86 -28.18 1.29
N GLY F 33 -53.04 -29.19 1.02
CA GLY F 33 -52.90 -30.33 1.92
C GLY F 33 -54.16 -31.14 2.08
N LYS F 34 -55.10 -30.98 1.15
CA LYS F 34 -56.38 -31.67 1.27
C LYS F 34 -56.33 -33.12 0.79
N LYS F 35 -55.36 -33.87 1.30
CA LYS F 35 -55.07 -35.24 0.85
C LYS F 35 -56.26 -36.19 0.83
N ASN F 36 -57.21 -35.99 1.73
CA ASN F 36 -58.33 -36.91 1.77
C ASN F 36 -59.21 -36.76 0.53
N LEU F 37 -59.66 -35.54 0.29
CA LEU F 37 -60.39 -35.20 -0.92
C LEU F 37 -59.69 -35.75 -2.16
N ALA F 38 -58.36 -35.64 -2.19
CA ALA F 38 -57.60 -36.07 -3.35
C ALA F 38 -57.80 -37.54 -3.60
N ALA F 39 -57.39 -38.34 -2.61
CA ALA F 39 -57.54 -39.78 -2.70
C ALA F 39 -58.94 -40.13 -3.26
N ARG F 40 -59.96 -39.53 -2.65
CA ARG F 40 -61.34 -39.72 -3.09
C ARG F 40 -61.48 -39.38 -4.55
N ILE F 41 -60.94 -38.23 -4.98
CA ILE F 41 -61.02 -37.90 -6.41
C ILE F 41 -60.24 -38.91 -7.24
N PHE F 42 -59.15 -39.44 -6.70
CA PHE F 42 -58.46 -40.49 -7.45
C PHE F 42 -59.34 -41.73 -7.50
N TYR F 43 -59.50 -42.38 -6.34
CA TYR F 43 -60.10 -43.71 -6.28
C TYR F 43 -61.52 -43.81 -6.82
N ASP F 44 -62.25 -42.70 -6.86
CA ASP F 44 -63.59 -42.70 -7.42
C ASP F 44 -63.48 -42.65 -8.93
N ALA F 45 -62.44 -41.98 -9.41
CA ALA F 45 -62.15 -41.95 -10.84
C ALA F 45 -61.73 -43.33 -11.34
N CYS F 46 -61.13 -44.14 -10.47
CA CYS F 46 -60.81 -45.52 -10.80
C CYS F 46 -62.09 -46.32 -11.04
N LYS F 47 -63.10 -46.03 -10.22
CA LYS F 47 -64.38 -46.73 -10.25
C LYS F 47 -65.05 -46.50 -11.60
N ILE F 48 -65.04 -45.25 -12.06
CA ILE F 48 -65.57 -44.93 -13.37
C ILE F 48 -64.77 -45.62 -14.45
N ILE F 49 -63.46 -45.69 -14.27
CA ILE F 49 -62.59 -46.37 -15.21
C ILE F 49 -62.84 -47.89 -15.18
N GLN F 50 -62.82 -48.48 -13.98
CA GLN F 50 -63.16 -49.90 -13.81
C GLN F 50 -64.56 -50.24 -14.37
N GLU F 51 -65.45 -49.23 -14.37
CA GLU F 51 -66.80 -49.37 -14.90
C GLU F 51 -66.78 -49.38 -16.43
N LYS F 52 -66.41 -48.23 -17.02
CA LYS F 52 -66.55 -48.03 -18.47
C LYS F 52 -65.49 -48.67 -19.38
N THR F 53 -64.67 -49.58 -18.82
CA THR F 53 -63.68 -50.31 -19.61
C THR F 53 -63.57 -51.78 -19.20
N GLY F 54 -63.86 -52.06 -17.93
CA GLY F 54 -63.87 -53.42 -17.42
C GLY F 54 -62.56 -53.92 -16.86
N GLN F 55 -61.45 -53.44 -17.44
CA GLN F 55 -60.12 -53.86 -16.99
C GLN F 55 -59.73 -53.21 -15.68
N GLU F 56 -58.44 -53.25 -15.34
CA GLU F 56 -58.00 -52.74 -14.04
C GLU F 56 -57.44 -51.33 -14.12
N PRO F 57 -58.06 -50.38 -13.38
CA PRO F 57 -57.72 -48.95 -13.46
C PRO F 57 -56.24 -48.66 -13.19
N LEU F 58 -55.63 -49.36 -12.22
CA LEU F 58 -54.20 -49.28 -11.91
C LEU F 58 -53.33 -49.30 -13.17
N LYS F 59 -53.70 -50.17 -14.12
CA LYS F 59 -52.92 -50.43 -15.32
C LYS F 59 -53.27 -49.45 -16.45
N VAL F 60 -54.53 -49.01 -16.50
CA VAL F 60 -54.93 -47.94 -17.42
C VAL F 60 -54.19 -46.69 -16.99
N PHE F 61 -54.09 -46.52 -15.68
CA PHE F 61 -53.26 -45.48 -15.12
C PHE F 61 -51.80 -45.64 -15.53
N LYS F 62 -51.16 -46.73 -15.10
CA LYS F 62 -49.75 -47.00 -15.44
C LYS F 62 -49.47 -47.05 -16.96
N GLN F 63 -50.53 -47.07 -17.76
CA GLN F 63 -50.39 -46.96 -19.22
C GLN F 63 -50.51 -45.50 -19.67
N ALA F 64 -51.45 -44.76 -19.09
CA ALA F 64 -51.66 -43.36 -19.45
C ALA F 64 -50.48 -42.46 -19.12
N VAL F 65 -49.47 -43.01 -18.45
CA VAL F 65 -48.27 -42.25 -18.11
C VAL F 65 -47.19 -42.41 -19.19
N GLU F 66 -47.07 -43.61 -19.74
CA GLU F 66 -46.12 -43.87 -20.82
C GLU F 66 -46.47 -43.03 -22.03
N ASN F 67 -47.77 -42.79 -22.18
CA ASN F 67 -48.33 -42.08 -23.34
C ASN F 67 -48.41 -40.56 -23.12
N VAL F 68 -47.86 -40.10 -22.01
CA VAL F 68 -47.67 -38.67 -21.77
C VAL F 68 -46.18 -38.37 -21.45
N LYS F 69 -45.46 -39.38 -20.96
CA LYS F 69 -43.99 -39.31 -20.80
C LYS F 69 -43.31 -38.89 -22.10
N PRO F 70 -42.72 -37.68 -22.13
CA PRO F 70 -41.98 -37.21 -23.31
C PRO F 70 -40.55 -37.75 -23.38
N ARG F 71 -40.20 -38.37 -24.51
CA ARG F 71 -38.91 -39.05 -24.69
C ARG F 71 -37.73 -38.07 -24.77
N MET F 72 -38.03 -36.83 -25.15
CA MET F 72 -37.09 -35.71 -25.03
C MET F 72 -37.82 -34.36 -25.15
N GLU F 73 -37.12 -33.28 -24.85
CA GLU F 73 -37.71 -31.94 -24.83
C GLU F 73 -36.74 -30.87 -25.29
N VAL F 74 -37.23 -29.64 -25.30
CA VAL F 74 -36.36 -28.49 -25.51
C VAL F 74 -36.08 -27.81 -24.16
N ARG F 75 -34.81 -27.47 -23.90
CA ARG F 75 -34.43 -26.60 -22.77
C ARG F 75 -33.90 -25.29 -23.34
N SER F 76 -33.26 -24.47 -22.52
CA SER F 76 -32.77 -23.18 -23.03
C SER F 76 -31.27 -22.92 -22.87
N ARG F 77 -30.66 -22.41 -23.94
CA ARG F 77 -29.28 -21.94 -23.94
C ARG F 77 -29.10 -20.62 -24.70
N ARG F 78 -28.19 -19.79 -24.19
CA ARG F 78 -27.83 -18.52 -24.79
C ARG F 78 -26.36 -18.61 -25.16
N VAL F 79 -26.02 -18.25 -26.39
CA VAL F 79 -24.62 -18.37 -26.83
C VAL F 79 -23.93 -17.01 -26.97
N GLY F 80 -23.82 -16.53 -28.21
CA GLY F 80 -23.07 -15.31 -28.50
C GLY F 80 -23.86 -14.26 -29.24
N GLY F 81 -25.10 -14.58 -29.59
CA GLY F 81 -25.98 -13.63 -30.24
C GLY F 81 -27.21 -13.39 -29.41
N ALA F 82 -27.91 -14.47 -29.09
CA ALA F 82 -29.05 -14.43 -28.18
C ALA F 82 -29.34 -15.86 -27.71
N ASN F 83 -30.62 -16.23 -27.73
CA ASN F 83 -31.04 -17.51 -27.15
C ASN F 83 -31.58 -18.49 -28.16
N TYR F 84 -30.71 -19.36 -28.65
CA TYR F 84 -31.14 -20.43 -29.56
C TYR F 84 -31.80 -21.55 -28.73
N GLN F 85 -33.04 -21.89 -29.09
CA GLN F 85 -33.80 -22.95 -28.41
C GLN F 85 -33.15 -24.32 -28.58
N VAL F 86 -32.53 -24.84 -27.52
CA VAL F 86 -31.77 -26.08 -27.63
C VAL F 86 -32.58 -27.34 -27.28
N PRO F 87 -32.44 -28.42 -28.07
CA PRO F 87 -32.99 -29.72 -27.70
C PRO F 87 -32.10 -30.52 -26.73
N MET F 88 -32.72 -31.40 -25.94
CA MET F 88 -32.01 -32.22 -24.96
C MET F 88 -32.91 -33.33 -24.36
N GLU F 89 -32.40 -34.56 -24.31
CA GLU F 89 -33.12 -35.72 -23.81
C GLU F 89 -33.53 -35.60 -22.35
N VAL F 90 -34.71 -36.16 -22.01
CA VAL F 90 -35.29 -36.05 -20.67
C VAL F 90 -35.15 -37.29 -19.78
N SER F 91 -34.55 -37.09 -18.61
CA SER F 91 -34.23 -38.13 -17.63
C SER F 91 -35.34 -39.14 -17.29
N PRO F 92 -34.99 -40.23 -16.59
CA PRO F 92 -36.03 -41.06 -15.97
C PRO F 92 -37.03 -40.23 -15.16
N ARG F 93 -36.62 -39.57 -14.07
CA ARG F 93 -37.60 -38.92 -13.20
C ARG F 93 -38.35 -37.79 -13.85
N ARG F 94 -37.63 -36.89 -14.50
CA ARG F 94 -38.27 -35.72 -15.07
C ARG F 94 -39.44 -36.10 -16.01
N GLN F 95 -39.29 -37.22 -16.73
CA GLN F 95 -40.38 -37.73 -17.54
C GLN F 95 -41.59 -38.00 -16.67
N GLN F 96 -41.44 -38.94 -15.73
CA GLN F 96 -42.51 -39.34 -14.84
C GLN F 96 -43.17 -38.13 -14.20
N SER F 97 -42.36 -37.16 -13.79
CA SER F 97 -42.89 -36.00 -13.09
C SER F 97 -43.67 -35.07 -14.03
N LEU F 98 -43.15 -34.85 -15.23
CA LEU F 98 -43.79 -34.00 -16.23
C LEU F 98 -45.12 -34.57 -16.62
N ALA F 99 -45.21 -35.89 -16.53
CA ALA F 99 -46.38 -36.62 -16.99
C ALA F 99 -47.52 -36.39 -16.05
N LEU F 100 -47.30 -36.73 -14.80
CA LEU F 100 -48.31 -36.60 -13.78
C LEU F 100 -48.87 -35.19 -13.80
N ARG F 101 -47.96 -34.20 -13.72
CA ARG F 101 -48.34 -32.78 -13.78
C ARG F 101 -49.24 -32.43 -14.97
N TRP F 102 -48.86 -32.91 -16.14
CA TRP F 102 -49.55 -32.59 -17.38
C TRP F 102 -50.91 -33.27 -17.45
N LEU F 103 -50.98 -34.47 -16.89
CA LEU F 103 -52.20 -35.24 -16.86
C LEU F 103 -53.23 -34.42 -16.14
N VAL F 104 -52.91 -34.13 -14.88
CA VAL F 104 -53.75 -33.33 -14.02
C VAL F 104 -54.10 -31.96 -14.61
N GLN F 105 -53.09 -31.18 -14.99
CA GLN F 105 -53.29 -29.84 -15.56
C GLN F 105 -54.29 -29.73 -16.71
N ALA F 106 -54.30 -30.75 -17.57
CA ALA F 106 -55.15 -30.76 -18.75
C ALA F 106 -56.40 -31.60 -18.51
N ALA F 107 -56.34 -32.47 -17.51
CA ALA F 107 -57.54 -33.13 -17.05
C ALA F 107 -58.46 -32.02 -16.55
N ASN F 108 -57.90 -31.12 -15.74
CA ASN F 108 -58.64 -29.98 -15.20
C ASN F 108 -59.17 -28.99 -16.24
N GLN F 109 -58.69 -29.13 -17.48
CA GLN F 109 -59.17 -28.30 -18.58
C GLN F 109 -60.54 -28.77 -19.13
N ARG F 110 -60.67 -30.09 -19.30
CA ARG F 110 -61.88 -30.74 -19.82
C ARG F 110 -63.19 -30.09 -19.38
N PRO F 111 -64.24 -30.20 -20.21
CA PRO F 111 -65.56 -29.61 -19.91
C PRO F 111 -66.36 -30.26 -18.77
N GLU F 112 -66.17 -31.56 -18.52
CA GLU F 112 -66.89 -32.29 -17.46
C GLU F 112 -67.08 -31.47 -16.18
N ARG F 113 -68.28 -31.53 -15.63
CA ARG F 113 -68.58 -30.74 -14.43
C ARG F 113 -67.81 -31.18 -13.16
N ARG F 114 -67.64 -32.49 -12.96
CA ARG F 114 -67.11 -33.04 -11.71
C ARG F 114 -65.66 -33.52 -11.79
N ALA F 115 -64.92 -33.43 -10.69
CA ALA F 115 -63.47 -33.70 -10.69
C ALA F 115 -63.15 -35.16 -11.01
N ALA F 116 -63.70 -36.07 -10.21
CA ALA F 116 -63.46 -37.50 -10.36
C ALA F 116 -63.61 -37.98 -11.80
N VAL F 117 -64.63 -37.45 -12.48
CA VAL F 117 -64.87 -37.75 -13.90
C VAL F 117 -63.74 -37.21 -14.78
N ARG F 118 -63.46 -35.93 -14.62
CA ARG F 118 -62.42 -35.23 -15.38
C ARG F 118 -61.10 -35.99 -15.32
N ILE F 119 -60.77 -36.52 -14.15
CA ILE F 119 -59.58 -37.35 -14.02
C ILE F 119 -59.80 -38.64 -14.77
N ALA F 120 -60.95 -39.24 -14.54
CA ALA F 120 -61.25 -40.56 -15.11
C ALA F 120 -61.15 -40.53 -16.62
N HIS F 121 -61.69 -39.48 -17.21
CA HIS F 121 -61.72 -39.37 -18.66
C HIS F 121 -60.33 -39.12 -19.28
N GLU F 122 -59.62 -38.11 -18.79
CA GLU F 122 -58.26 -37.81 -19.25
C GLU F 122 -57.33 -38.99 -19.01
N LEU F 123 -57.52 -39.64 -17.86
CA LEU F 123 -56.76 -40.83 -17.50
C LEU F 123 -57.11 -41.99 -18.43
N MET F 124 -58.27 -41.89 -19.07
CA MET F 124 -58.63 -42.86 -20.08
C MET F 124 -58.14 -42.45 -21.46
N ASP F 125 -58.61 -41.28 -21.93
CA ASP F 125 -58.22 -40.74 -23.24
C ASP F 125 -56.73 -40.90 -23.53
N ALA F 126 -55.92 -40.24 -22.71
CA ALA F 126 -54.47 -40.29 -22.84
C ALA F 126 -53.96 -41.73 -22.81
N ALA F 127 -54.59 -42.58 -22.00
CA ALA F 127 -54.18 -43.98 -21.93
C ALA F 127 -54.25 -44.66 -23.29
N GLU F 128 -54.96 -44.02 -24.22
CA GLU F 128 -55.12 -44.54 -25.58
C GLU F 128 -54.24 -43.82 -26.60
N GLY F 129 -54.12 -42.50 -26.44
CA GLY F 129 -53.26 -41.71 -27.32
C GLY F 129 -53.86 -40.40 -27.80
N LYS F 130 -54.99 -40.00 -27.21
CA LYS F 130 -55.69 -38.75 -27.55
C LYS F 130 -55.87 -37.82 -26.33
N GLY F 131 -56.38 -36.61 -26.57
CA GLY F 131 -56.65 -35.66 -25.50
C GLY F 131 -55.44 -34.81 -25.14
N GLY F 132 -55.67 -33.51 -24.93
CA GLY F 132 -54.62 -32.53 -24.68
C GLY F 132 -53.54 -32.81 -23.62
N ALA F 133 -53.63 -33.98 -23.00
CA ALA F 133 -52.56 -34.49 -22.14
C ALA F 133 -51.42 -34.96 -23.02
N VAL F 134 -51.78 -35.73 -24.04
CA VAL F 134 -50.78 -36.19 -24.98
C VAL F 134 -50.43 -35.07 -25.94
N LYS F 135 -51.43 -34.29 -26.37
CA LYS F 135 -51.15 -33.17 -27.28
C LYS F 135 -50.24 -32.09 -26.66
N LYS F 136 -49.97 -32.16 -25.36
CA LYS F 136 -48.95 -31.30 -24.76
C LYS F 136 -47.68 -32.10 -24.51
N LYS F 137 -47.73 -33.39 -24.87
CA LYS F 137 -46.53 -34.23 -24.93
C LYS F 137 -46.08 -34.21 -26.36
N GLU F 138 -47.03 -34.42 -27.26
CA GLU F 138 -46.74 -34.36 -28.68
C GLU F 138 -46.40 -32.93 -29.09
N ASP F 139 -46.38 -32.01 -28.12
CA ASP F 139 -45.98 -30.63 -28.37
C ASP F 139 -44.53 -30.39 -27.96
N VAL F 140 -44.20 -30.77 -26.73
CA VAL F 140 -42.84 -30.60 -26.25
C VAL F 140 -41.88 -31.52 -27.04
N GLU F 141 -42.42 -32.57 -27.65
CA GLU F 141 -41.64 -33.50 -28.48
C GLU F 141 -41.51 -33.02 -29.90
N ARG F 142 -42.45 -32.17 -30.28
CA ARG F 142 -42.50 -31.53 -31.60
C ARG F 142 -41.34 -30.58 -31.77
N MET F 143 -41.15 -29.71 -30.78
CA MET F 143 -40.10 -28.72 -30.83
C MET F 143 -38.73 -29.36 -30.60
N ALA F 144 -38.72 -30.61 -30.16
CA ALA F 144 -37.51 -31.38 -29.93
C ALA F 144 -36.72 -31.61 -31.23
N GLU F 145 -37.45 -31.96 -32.27
CA GLU F 145 -36.87 -32.21 -33.57
C GLU F 145 -37.50 -31.30 -34.65
N ALA F 146 -37.77 -30.06 -34.25
CA ALA F 146 -38.15 -28.97 -35.15
C ALA F 146 -37.10 -27.87 -35.05
N ASN F 147 -36.34 -27.90 -33.96
CA ASN F 147 -35.19 -27.04 -33.79
C ASN F 147 -33.97 -27.91 -33.60
N ARG F 148 -33.86 -28.97 -34.40
CA ARG F 148 -32.72 -29.87 -34.31
C ARG F 148 -31.57 -29.34 -35.16
N ALA F 149 -31.81 -28.18 -35.78
CA ALA F 149 -30.77 -27.46 -36.51
C ALA F 149 -29.79 -26.84 -35.51
N TYR F 150 -30.30 -26.56 -34.32
CA TYR F 150 -29.52 -26.00 -33.23
C TYR F 150 -29.12 -27.07 -32.22
N ALA F 151 -29.06 -28.33 -32.65
CA ALA F 151 -28.82 -29.45 -31.73
C ALA F 151 -27.35 -29.74 -31.46
N HIS F 152 -26.48 -28.79 -31.80
CA HIS F 152 -25.04 -28.91 -31.54
C HIS F 152 -24.53 -27.99 -30.40
N TYR F 153 -25.42 -27.11 -29.92
CA TYR F 153 -25.18 -26.33 -28.71
C TYR F 153 -25.71 -27.12 -27.49
N ARG F 154 -25.19 -28.33 -27.29
CA ARG F 154 -25.69 -29.23 -26.26
C ARG F 154 -24.95 -29.12 -24.92
N TRP F 155 -25.62 -29.61 -23.86
CA TRP F 155 -25.00 -29.82 -22.55
C TRP F 155 -25.51 -31.12 -21.89
N MET G 1 41.06 -1.18 -24.84
CA MET G 1 42.32 -1.83 -24.57
C MET G 1 42.78 -1.51 -23.16
N LEU G 2 43.89 -2.09 -22.73
CA LEU G 2 44.38 -1.76 -21.40
C LEU G 2 45.01 -0.38 -21.41
N THR G 3 44.69 0.48 -20.45
CA THR G 3 45.23 1.83 -20.49
C THR G 3 45.90 2.19 -19.19
N ASP G 4 45.36 1.69 -18.10
CA ASP G 4 46.06 1.84 -16.85
C ASP G 4 46.28 0.44 -16.28
N PRO G 5 47.55 0.04 -16.18
CA PRO G 5 47.94 -1.27 -15.67
C PRO G 5 48.20 -1.27 -14.15
N ILE G 6 48.28 -0.07 -13.58
CA ILE G 6 48.34 0.07 -12.13
C ILE G 6 46.93 0.07 -11.53
N ALA G 7 46.00 0.77 -12.17
CA ALA G 7 44.59 0.56 -11.87
C ALA G 7 44.31 -0.92 -11.92
N ASP G 8 44.62 -1.53 -13.05
CA ASP G 8 44.39 -2.94 -13.25
C ASP G 8 44.98 -3.78 -12.15
N MET G 9 46.17 -3.41 -11.67
CA MET G 9 46.76 -4.18 -10.58
C MET G 9 45.92 -4.02 -9.33
N LEU G 10 45.67 -2.77 -8.95
CA LEU G 10 44.95 -2.51 -7.70
C LEU G 10 43.62 -3.22 -7.71
N THR G 11 42.91 -3.03 -8.82
CA THR G 11 41.57 -3.54 -8.98
C THR G 11 41.61 -5.05 -8.99
N ARG G 12 42.71 -5.62 -9.46
CA ARG G 12 42.84 -7.08 -9.40
C ARG G 12 42.84 -7.53 -7.94
N ILE G 13 43.54 -6.77 -7.11
CA ILE G 13 43.66 -7.11 -5.72
C ILE G 13 42.32 -6.88 -5.04
N ARG G 14 41.72 -5.74 -5.29
CA ARG G 14 40.42 -5.43 -4.71
C ARG G 14 39.46 -6.59 -4.93
N ASN G 15 39.08 -6.84 -6.18
CA ASN G 15 38.15 -7.90 -6.52
C ASN G 15 38.50 -9.27 -5.97
N ALA G 16 39.77 -9.47 -5.68
CA ALA G 16 40.29 -10.79 -5.30
C ALA G 16 39.87 -11.04 -3.91
N THR G 17 40.25 -10.08 -3.09
CA THR G 17 40.03 -10.04 -1.67
C THR G 17 38.56 -10.19 -1.32
N ARG G 18 37.69 -9.47 -2.02
CA ARG G 18 36.23 -9.56 -1.77
C ARG G 18 35.66 -10.98 -1.92
N VAL G 19 36.47 -11.90 -2.43
CA VAL G 19 36.01 -13.26 -2.65
C VAL G 19 36.93 -14.15 -1.84
N TYR G 20 37.75 -13.47 -1.05
CA TYR G 20 38.65 -14.11 -0.12
C TYR G 20 39.61 -15.05 -0.81
N LYS G 21 39.96 -14.74 -2.05
CA LYS G 21 40.97 -15.51 -2.77
C LYS G 21 42.21 -15.53 -1.89
N GLU G 22 42.92 -16.64 -1.90
CA GLU G 22 44.14 -16.77 -1.10
C GLU G 22 45.28 -15.97 -1.74
N SER G 23 45.13 -15.69 -3.04
CA SER G 23 46.22 -15.19 -3.88
C SER G 23 45.70 -14.83 -5.28
N THR G 24 46.25 -13.77 -5.90
CA THR G 24 46.09 -13.62 -7.36
C THR G 24 47.27 -13.08 -8.09
N ASP G 25 47.39 -13.60 -9.32
CA ASP G 25 48.46 -13.29 -10.24
C ASP G 25 48.17 -11.99 -10.96
N VAL G 26 49.22 -11.22 -11.22
CA VAL G 26 49.11 -9.96 -11.92
C VAL G 26 50.29 -9.83 -12.82
N PRO G 27 50.04 -9.61 -14.12
CA PRO G 27 51.12 -9.38 -15.09
C PRO G 27 52.16 -8.41 -14.51
N ALA G 28 53.42 -8.78 -14.66
CA ALA G 28 54.51 -8.11 -13.95
C ALA G 28 54.96 -6.82 -14.62
N SER G 29 55.83 -6.09 -13.92
CA SER G 29 56.24 -4.74 -14.25
C SER G 29 57.07 -4.25 -13.10
N ARG G 30 58.32 -3.86 -13.38
CA ARG G 30 59.22 -3.24 -12.40
C ARG G 30 58.44 -2.33 -11.42
N PHE G 31 57.60 -1.47 -11.98
CA PHE G 31 56.85 -0.52 -11.21
C PHE G 31 55.87 -1.20 -10.28
N LYS G 32 54.97 -1.98 -10.84
CA LYS G 32 53.95 -2.62 -10.02
C LYS G 32 54.62 -3.35 -8.84
N GLU G 33 55.73 -4.01 -9.12
CA GLU G 33 56.40 -4.82 -8.13
C GLU G 33 56.93 -3.92 -7.02
N GLU G 34 57.18 -2.66 -7.35
CA GLU G 34 57.57 -1.69 -6.34
C GLU G 34 56.40 -1.36 -5.43
N ILE G 35 55.30 -0.97 -6.03
CA ILE G 35 54.08 -0.77 -5.27
C ILE G 35 53.74 -1.98 -4.40
N LEU G 36 53.93 -3.19 -4.93
CA LEU G 36 53.68 -4.38 -4.11
C LEU G 36 54.66 -4.44 -2.97
N ARG G 37 55.91 -4.12 -3.26
CA ARG G 37 56.95 -4.20 -2.24
C ARG G 37 56.57 -3.34 -1.05
N ILE G 38 56.00 -2.18 -1.34
CA ILE G 38 55.45 -1.28 -0.33
C ILE G 38 54.31 -1.91 0.44
N LEU G 39 53.27 -2.33 -0.28
CA LEU G 39 52.12 -2.98 0.33
C LEU G 39 52.50 -4.12 1.23
N ALA G 40 53.60 -4.78 0.91
CA ALA G 40 54.11 -5.88 1.72
C ALA G 40 54.55 -5.39 3.08
N ARG G 41 55.49 -4.46 3.07
CA ARG G 41 56.06 -3.87 4.27
C ARG G 41 54.95 -3.43 5.22
N GLU G 42 53.96 -2.73 4.68
CA GLU G 42 52.97 -2.11 5.52
C GLU G 42 51.93 -3.10 6.00
N GLY G 43 52.06 -4.36 5.56
CA GLY G 43 51.24 -5.47 6.04
C GLY G 43 49.85 -5.68 5.44
N PHE G 44 49.59 -5.10 4.26
CA PHE G 44 48.30 -5.23 3.59
C PHE G 44 48.20 -6.59 2.83
N ILE G 45 49.37 -7.11 2.49
CA ILE G 45 49.50 -8.40 1.83
C ILE G 45 50.64 -9.19 2.51
N LYS G 46 50.53 -10.53 2.45
CA LYS G 46 51.53 -11.37 3.08
C LYS G 46 52.85 -11.24 2.33
N GLY G 47 52.75 -10.84 1.06
CA GLY G 47 53.90 -10.68 0.20
C GLY G 47 53.53 -11.09 -1.21
N TYR G 48 54.41 -10.77 -2.15
CA TYR G 48 54.27 -11.21 -3.52
C TYR G 48 55.53 -11.96 -3.84
N GLU G 49 55.40 -12.80 -4.88
CA GLU G 49 56.41 -13.75 -5.34
C GLU G 49 56.36 -13.65 -6.87
N ARG G 50 57.50 -13.71 -7.55
CA ARG G 50 57.47 -13.55 -8.99
C ARG G 50 57.37 -14.94 -9.59
N VAL G 51 56.37 -15.14 -10.46
CA VAL G 51 56.11 -16.45 -11.08
C VAL G 51 55.97 -16.34 -12.59
N ASP G 52 55.66 -17.46 -13.23
CA ASP G 52 55.64 -17.52 -14.67
C ASP G 52 54.44 -18.26 -15.21
N VAL G 53 53.49 -17.52 -15.77
CA VAL G 53 52.35 -18.11 -16.47
C VAL G 53 52.49 -18.23 -18.00
N ASP G 54 52.66 -19.46 -18.48
CA ASP G 54 52.96 -19.73 -19.89
C ASP G 54 54.17 -18.97 -20.40
N GLY G 55 55.22 -18.91 -19.57
CA GLY G 55 56.43 -18.21 -19.93
C GLY G 55 56.17 -16.71 -20.02
N LYS G 56 55.14 -16.26 -19.33
CA LYS G 56 54.90 -14.84 -19.21
C LYS G 56 55.15 -14.43 -17.76
N PRO G 57 55.99 -13.42 -17.55
CA PRO G 57 56.24 -12.73 -16.28
C PRO G 57 54.96 -12.33 -15.57
N TYR G 58 54.79 -12.79 -14.33
CA TYR G 58 53.65 -12.43 -13.51
C TYR G 58 54.09 -12.23 -12.07
N LEU G 59 53.16 -11.80 -11.23
CA LEU G 59 53.43 -11.47 -9.86
C LEU G 59 52.32 -12.01 -9.03
N ARG G 60 52.59 -13.06 -8.27
CA ARG G 60 51.57 -13.65 -7.43
C ARG G 60 51.40 -12.84 -6.14
N VAL G 61 50.28 -12.14 -6.02
CA VAL G 61 50.02 -11.38 -4.82
C VAL G 61 49.30 -12.33 -3.90
N TYR G 62 49.83 -12.47 -2.67
CA TYR G 62 49.26 -13.33 -1.62
C TYR G 62 48.53 -12.49 -0.57
N LEU G 63 47.19 -12.51 -0.59
CA LEU G 63 46.35 -11.59 0.20
C LEU G 63 46.28 -12.02 1.63
N LYS G 64 45.89 -11.08 2.49
CA LYS G 64 45.86 -11.26 3.96
C LYS G 64 44.52 -10.86 4.46
N TYR G 65 43.98 -11.64 5.40
CA TYR G 65 42.67 -11.27 5.92
C TYR G 65 42.57 -11.12 7.44
N GLY G 66 41.36 -10.86 7.91
CA GLY G 66 41.09 -10.76 9.32
C GLY G 66 40.92 -12.18 9.79
N PRO G 67 40.49 -12.37 11.05
CA PRO G 67 40.19 -13.71 11.57
C PRO G 67 38.75 -14.00 11.28
N ARG G 68 38.34 -15.25 11.34
CA ARG G 68 36.95 -15.58 11.11
C ARG G 68 36.10 -14.86 12.16
N ARG G 69 34.84 -14.61 11.87
CA ARG G 69 34.03 -13.96 12.86
C ARG G 69 32.82 -14.81 13.24
N GLN G 70 32.26 -14.57 14.41
CA GLN G 70 31.02 -15.22 14.81
C GLN G 70 29.87 -14.33 14.36
N GLY G 71 28.63 -14.78 14.50
CA GLY G 71 27.51 -14.01 13.99
C GLY G 71 27.13 -14.62 12.67
N PRO G 72 26.15 -14.04 11.97
CA PRO G 72 25.65 -15.01 10.98
C PRO G 72 26.40 -14.94 9.64
N ASP G 73 27.28 -13.94 9.51
CA ASP G 73 28.20 -13.85 8.38
C ASP G 73 29.58 -13.77 8.99
N PRO G 74 30.40 -14.77 8.69
CA PRO G 74 31.72 -14.97 9.26
C PRO G 74 32.89 -14.62 8.33
N ARG G 75 32.62 -13.95 7.23
CA ARG G 75 33.70 -13.57 6.33
C ARG G 75 34.58 -12.47 6.96
N PRO G 76 35.82 -12.82 7.29
CA PRO G 76 36.86 -12.05 7.99
C PRO G 76 36.87 -10.55 7.71
N GLU G 77 37.39 -9.76 8.64
CA GLU G 77 37.57 -8.34 8.33
C GLU G 77 38.55 -8.29 7.17
N GLN G 78 38.39 -7.32 6.29
CA GLN G 78 39.38 -7.13 5.24
C GLN G 78 40.62 -6.54 5.88
N VAL G 79 41.79 -6.71 5.27
CA VAL G 79 42.98 -6.01 5.75
C VAL G 79 43.16 -4.82 4.85
N ILE G 80 42.94 -5.04 3.55
CA ILE G 80 42.88 -3.95 2.59
C ILE G 80 41.43 -3.62 2.44
N HIS G 81 40.94 -2.74 3.31
CA HIS G 81 39.54 -2.38 3.34
C HIS G 81 39.18 -1.59 2.11
N HIS G 82 40.11 -0.78 1.62
CA HIS G 82 39.80 0.17 0.54
C HIS G 82 41.10 0.52 -0.13
N ILE G 83 41.18 0.14 -1.41
CA ILE G 83 42.31 0.50 -2.25
C ILE G 83 41.77 1.29 -3.43
N ARG G 84 42.49 2.36 -3.78
CA ARG G 84 41.99 3.34 -4.76
C ARG G 84 43.01 4.20 -5.46
N ARG G 85 42.89 4.24 -6.78
CA ARG G 85 43.84 4.86 -7.69
C ARG G 85 43.50 6.31 -7.75
N ILE G 86 44.53 7.14 -7.63
CA ILE G 86 44.36 8.58 -7.58
C ILE G 86 44.84 9.27 -8.87
N SER G 87 46.13 9.25 -9.15
CA SER G 87 46.55 9.83 -10.40
C SER G 87 46.20 8.81 -11.44
N LYS G 88 45.51 9.23 -12.48
CA LYS G 88 45.13 8.31 -13.53
C LYS G 88 45.58 8.91 -14.84
N PRO G 89 45.71 8.10 -15.91
CA PRO G 89 46.02 8.71 -17.20
C PRO G 89 44.88 9.60 -17.59
N GLY G 90 45.11 10.71 -18.25
CA GLY G 90 43.97 11.57 -18.55
C GLY G 90 43.36 12.31 -17.37
N ARG G 91 44.13 12.30 -16.28
CA ARG G 91 44.24 13.34 -15.23
C ARG G 91 45.31 13.00 -14.19
N ARG G 92 46.54 13.41 -14.47
CA ARG G 92 47.63 13.16 -13.54
C ARG G 92 47.59 14.09 -12.33
N VAL G 93 48.18 13.62 -11.25
CA VAL G 93 48.01 14.25 -9.98
C VAL G 93 49.37 14.35 -9.30
N TYR G 94 49.97 15.52 -9.42
CA TYR G 94 51.27 15.74 -8.82
C TYR G 94 51.07 16.54 -7.55
N VAL G 95 51.76 16.10 -6.49
CA VAL G 95 51.73 16.82 -5.21
C VAL G 95 53.10 17.26 -4.69
N GLY G 96 53.15 18.54 -4.34
CA GLY G 96 54.31 19.12 -3.67
C GLY G 96 54.32 18.56 -2.27
N VAL G 97 55.46 18.63 -1.61
CA VAL G 97 55.60 17.99 -0.31
C VAL G 97 54.60 18.51 0.75
N LYS G 98 54.41 19.81 0.79
CA LYS G 98 53.55 20.35 1.80
C LYS G 98 52.13 20.21 1.29
N GLU G 99 51.86 19.19 0.48
CA GLU G 99 50.52 18.94 -0.07
C GLU G 99 50.27 17.44 -0.15
N ILE G 100 51.24 16.66 0.30
CA ILE G 100 51.09 15.21 0.37
C ILE G 100 50.12 15.03 1.49
N PRO G 101 49.12 14.18 1.29
CA PRO G 101 48.01 14.12 2.23
C PRO G 101 48.19 13.08 3.31
N ARG G 102 47.27 13.10 4.27
CA ARG G 102 47.20 12.06 5.30
C ARG G 102 46.00 11.14 5.08
N VAL G 103 46.25 9.83 5.02
CA VAL G 103 45.18 8.91 4.77
C VAL G 103 44.65 8.32 6.07
N ARG G 104 43.37 8.58 6.35
CA ARG G 104 42.70 8.08 7.54
C ARG G 104 43.49 8.35 8.80
N ARG G 105 43.61 9.63 9.10
CA ARG G 105 44.22 10.11 10.34
C ARG G 105 45.53 9.42 10.68
N GLY G 106 46.23 8.95 9.66
CA GLY G 106 47.52 8.31 9.84
C GLY G 106 47.41 6.80 9.71
N LEU G 107 46.18 6.31 9.56
CA LEU G 107 45.93 4.86 9.66
C LEU G 107 46.10 4.17 8.32
N GLY G 108 46.15 4.98 7.28
CA GLY G 108 46.22 4.46 5.93
C GLY G 108 47.48 4.92 5.28
N ILE G 109 47.59 4.57 4.01
CA ILE G 109 48.77 4.85 3.21
C ILE G 109 48.38 5.69 2.00
N ALA G 110 49.26 6.59 1.60
CA ALA G 110 49.22 7.10 0.23
C ALA G 110 50.53 6.73 -0.45
N ILE G 111 50.46 6.05 -1.60
CA ILE G 111 51.68 5.64 -2.26
C ILE G 111 52.08 6.65 -3.33
N LEU G 112 53.31 7.09 -3.23
CA LEU G 112 53.78 8.18 -4.04
C LEU G 112 54.91 7.76 -4.96
N SER G 113 54.88 8.26 -6.18
CA SER G 113 56.01 8.05 -7.06
C SER G 113 56.84 9.32 -7.13
N THR G 114 58.09 9.24 -6.68
CA THR G 114 58.99 10.39 -6.62
C THR G 114 60.30 10.12 -7.30
N SER G 115 61.04 11.19 -7.58
CA SER G 115 62.37 11.04 -8.14
C SER G 115 63.32 10.39 -7.16
N LYS G 116 62.81 9.98 -6.00
CA LYS G 116 63.67 9.34 -5.04
C LYS G 116 63.14 7.94 -4.74
N GLY G 117 62.02 7.59 -5.38
CA GLY G 117 61.53 6.23 -5.34
C GLY G 117 60.02 6.13 -5.25
N VAL G 118 59.54 4.91 -5.06
CA VAL G 118 58.14 4.72 -4.71
C VAL G 118 58.02 4.68 -3.17
N LEU G 119 57.47 5.76 -2.63
CA LEU G 119 57.47 6.03 -1.21
C LEU G 119 56.07 6.05 -0.60
N THR G 120 55.97 5.77 0.69
CA THR G 120 54.70 5.97 1.37
C THR G 120 54.68 7.42 1.78
N ASP G 121 53.48 7.96 2.02
CA ASP G 121 53.33 9.36 2.40
C ASP G 121 54.36 9.75 3.45
N ARG G 122 54.54 8.89 4.44
CA ARG G 122 55.46 9.15 5.54
C ARG G 122 56.89 9.07 5.08
N GLU G 123 57.23 8.03 4.33
CA GLU G 123 58.57 7.87 3.78
C GLU G 123 58.98 9.08 2.95
N ALA G 124 58.04 9.59 2.17
CA ALA G 124 58.32 10.71 1.29
C ALA G 124 58.48 12.00 2.05
N ARG G 125 57.57 12.23 2.99
CA ARG G 125 57.59 13.45 3.78
C ARG G 125 58.84 13.48 4.64
N LYS G 126 59.42 12.33 4.88
CA LYS G 126 60.66 12.29 5.63
C LYS G 126 61.84 12.65 4.74
N LEU G 127 61.79 12.27 3.48
CA LEU G 127 62.91 12.56 2.59
C LEU G 127 62.73 13.92 1.98
N GLY G 128 61.62 14.57 2.34
CA GLY G 128 61.37 15.95 2.02
C GLY G 128 61.00 16.24 0.58
N VAL G 129 60.46 15.22 -0.09
CA VAL G 129 60.13 15.28 -1.52
C VAL G 129 58.70 14.85 -1.80
N GLY G 130 58.22 15.18 -2.99
CA GLY G 130 56.87 14.83 -3.40
C GLY G 130 56.88 14.19 -4.77
N GLY G 131 55.72 14.09 -5.43
CA GLY G 131 55.71 13.47 -6.73
C GLY G 131 54.33 13.11 -7.24
N GLU G 132 54.23 11.99 -7.96
CA GLU G 132 52.91 11.57 -8.42
C GLU G 132 52.18 10.75 -7.35
N LEU G 133 50.95 11.18 -7.11
CA LEU G 133 50.12 10.55 -6.11
C LEU G 133 49.38 9.40 -6.76
N ILE G 134 49.92 8.20 -6.58
CA ILE G 134 49.43 7.01 -7.24
C ILE G 134 48.08 6.52 -6.73
N CYS G 135 48.07 6.02 -5.50
CA CYS G 135 46.86 5.47 -4.91
C CYS G 135 46.77 5.83 -3.43
N GLU G 136 45.64 5.48 -2.80
CA GLU G 136 45.49 5.47 -1.34
C GLU G 136 45.05 4.06 -0.84
N VAL G 137 45.47 3.67 0.37
CA VAL G 137 45.03 2.39 0.96
C VAL G 137 44.66 2.48 2.46
N TRP G 138 43.77 1.58 2.88
CA TRP G 138 43.53 1.38 4.31
C TRP G 138 42.76 0.12 4.75
N GLU H 1 -55.35 -59.79 31.28
CA GLU H 1 -54.28 -60.07 30.34
C GLU H 1 -54.26 -59.02 29.23
N GLN H 2 -53.10 -58.40 28.98
CA GLN H 2 -53.00 -57.32 27.99
C GLN H 2 -51.55 -56.99 27.60
N TYR H 3 -51.37 -56.32 26.47
CA TYR H 3 -50.06 -55.77 26.10
C TYR H 3 -50.15 -54.34 25.56
N TYR H 4 -49.40 -53.45 26.21
CA TYR H 4 -49.50 -52.01 25.99
C TYR H 4 -48.37 -51.48 25.14
N GLY H 5 -48.56 -50.27 24.63
CA GLY H 5 -47.52 -49.56 23.93
C GLY H 5 -47.98 -48.13 23.81
N THR H 6 -47.10 -47.18 24.12
CA THR H 6 -47.48 -45.77 24.16
C THR H 6 -46.99 -45.01 22.92
N GLY H 7 -47.90 -44.73 21.99
CA GLY H 7 -47.56 -44.06 20.75
C GLY H 7 -48.00 -42.60 20.72
N ARG H 8 -47.04 -41.70 20.51
CA ARG H 8 -47.29 -40.27 20.36
C ARG H 8 -46.82 -39.81 19.00
N ARG H 9 -47.47 -38.79 18.47
CA ARG H 9 -47.04 -38.20 17.21
C ARG H 9 -47.56 -36.78 17.12
N LYS H 10 -46.65 -35.81 17.29
CA LYS H 10 -46.94 -34.43 16.94
C LYS H 10 -48.18 -33.98 17.69
N GLU H 11 -48.02 -33.66 18.97
CA GLU H 11 -49.14 -33.20 19.80
C GLU H 11 -50.32 -34.15 19.84
N ALA H 12 -50.09 -35.42 19.54
CA ALA H 12 -51.13 -36.44 19.72
C ALA H 12 -50.55 -37.54 20.63
N VAL H 13 -51.37 -38.08 21.54
CA VAL H 13 -50.94 -39.24 22.33
C VAL H 13 -51.91 -40.43 22.33
N ALA H 14 -51.46 -41.57 21.83
CA ALA H 14 -52.31 -42.75 21.68
C ALA H 14 -52.03 -43.83 22.72
N ARG H 15 -53.10 -44.37 23.31
CA ARG H 15 -52.95 -45.44 24.29
C ARG H 15 -53.51 -46.76 23.77
N VAL H 16 -52.59 -47.66 23.41
CA VAL H 16 -52.93 -48.92 22.76
C VAL H 16 -52.90 -50.10 23.73
N PHE H 17 -54.06 -50.76 23.86
CA PHE H 17 -54.19 -51.97 24.67
C PHE H 17 -54.57 -53.18 23.80
N LEU H 18 -53.69 -54.18 23.75
CA LEU H 18 -53.92 -55.35 22.90
C LEU H 18 -54.33 -56.60 23.67
N ARG H 19 -55.38 -57.26 23.17
CA ARG H 19 -55.92 -58.50 23.76
C ARG H 19 -56.39 -59.44 22.66
N PRO H 20 -55.79 -60.65 22.57
CA PRO H 20 -56.01 -61.54 21.43
C PRO H 20 -57.49 -61.89 21.23
N GLY H 21 -57.84 -62.41 20.05
CA GLY H 21 -59.22 -62.76 19.77
C GLY H 21 -59.70 -62.60 18.33
N ASN H 22 -60.61 -61.66 18.12
CA ASN H 22 -61.37 -61.58 16.87
C ASN H 22 -60.73 -60.73 15.79
N GLY H 23 -60.57 -59.43 16.10
CA GLY H 23 -60.04 -58.48 15.15
C GLY H 23 -60.59 -57.08 15.34
N LYS H 24 -61.66 -56.95 16.14
CA LYS H 24 -62.33 -55.68 16.36
C LYS H 24 -61.48 -54.69 17.19
N VAL H 25 -61.75 -53.41 17.04
CA VAL H 25 -60.90 -52.37 17.62
C VAL H 25 -61.70 -51.14 18.08
N THR H 26 -61.57 -50.79 19.35
CA THR H 26 -62.15 -49.55 19.89
C THR H 26 -61.15 -48.44 20.11
N VAL H 27 -61.50 -47.27 19.60
CA VAL H 27 -60.85 -46.04 19.95
C VAL H 27 -61.91 -45.22 20.66
N ASN H 28 -61.53 -44.59 21.78
CA ASN H 28 -62.39 -43.65 22.49
C ASN H 28 -63.89 -43.97 22.52
N GLY H 29 -64.19 -45.26 22.75
CA GLY H 29 -65.54 -45.71 22.98
C GLY H 29 -66.39 -45.84 21.73
N GLN H 30 -65.73 -45.91 20.57
CA GLN H 30 -66.42 -46.08 19.28
C GLN H 30 -65.67 -47.12 18.45
N ASP H 31 -66.33 -47.67 17.43
CA ASP H 31 -65.65 -48.61 16.56
C ASP H 31 -64.63 -47.86 15.74
N PHE H 32 -63.49 -48.50 15.52
CA PHE H 32 -62.37 -47.92 14.79
C PHE H 32 -62.89 -47.26 13.52
N ASN H 33 -63.67 -48.03 12.77
CA ASN H 33 -64.17 -47.59 11.48
C ASN H 33 -65.28 -46.54 11.53
N GLU H 34 -65.86 -46.33 12.72
CA GLU H 34 -66.88 -45.29 12.93
C GLU H 34 -66.23 -43.98 13.38
N TYR H 35 -65.12 -44.11 14.09
CA TYR H 35 -64.34 -42.96 14.57
C TYR H 35 -63.67 -42.28 13.40
N PHE H 36 -62.96 -43.06 12.60
CA PHE H 36 -62.35 -42.54 11.40
C PHE H 36 -63.30 -42.74 10.21
N GLN H 37 -64.54 -42.30 10.38
CA GLN H 37 -65.62 -42.50 9.40
C GLN H 37 -65.22 -42.56 7.92
N GLY H 38 -64.77 -41.43 7.38
CA GLY H 38 -64.42 -41.36 5.98
C GLY H 38 -62.97 -40.96 5.70
N LEU H 39 -62.06 -41.44 6.55
CA LEU H 39 -60.64 -41.12 6.40
C LEU H 39 -59.87 -42.28 5.78
N VAL H 40 -59.32 -42.01 4.59
CA VAL H 40 -58.56 -43.00 3.84
C VAL H 40 -57.33 -43.47 4.60
N ARG H 41 -56.60 -42.51 5.15
CA ARG H 41 -55.37 -42.77 5.86
C ARG H 41 -55.55 -43.81 6.97
N ALA H 42 -56.77 -43.88 7.49
CA ALA H 42 -57.08 -44.65 8.72
C ALA H 42 -56.55 -46.08 8.73
N VAL H 43 -56.81 -46.79 7.65
CA VAL H 43 -56.32 -48.14 7.41
C VAL H 43 -54.81 -48.33 7.73
N ALA H 44 -54.02 -47.27 7.55
CA ALA H 44 -52.58 -47.34 7.74
C ALA H 44 -52.23 -47.64 9.18
N ALA H 45 -53.12 -47.25 10.09
CA ALA H 45 -52.91 -47.42 11.53
C ALA H 45 -52.76 -48.88 11.93
N LEU H 46 -53.29 -49.75 11.09
CA LEU H 46 -53.26 -51.17 11.39
C LEU H 46 -52.28 -51.89 10.47
N GLU H 47 -51.37 -51.12 9.89
CA GLU H 47 -50.23 -51.72 9.19
C GLU H 47 -49.15 -52.38 10.10
N PRO H 48 -49.00 -51.96 11.37
CA PRO H 48 -48.00 -52.66 12.18
C PRO H 48 -48.31 -54.14 12.39
N LEU H 49 -49.59 -54.47 12.53
CA LEU H 49 -50.03 -55.84 12.71
C LEU H 49 -49.85 -56.64 11.42
N ARG H 50 -50.50 -56.18 10.36
CA ARG H 50 -50.49 -56.82 9.04
C ARG H 50 -49.10 -57.24 8.56
N ALA H 51 -48.08 -56.53 9.01
CA ALA H 51 -46.70 -56.82 8.62
C ALA H 51 -45.97 -57.77 9.60
N VAL H 52 -46.73 -58.41 10.47
CA VAL H 52 -46.21 -59.49 11.30
C VAL H 52 -47.19 -60.65 11.22
N ASP H 53 -48.33 -60.36 10.59
CA ASP H 53 -49.46 -61.29 10.39
C ASP H 53 -50.25 -61.68 11.64
N ALA H 54 -50.60 -60.67 12.43
CA ALA H 54 -51.34 -60.89 13.66
C ALA H 54 -52.65 -60.13 13.65
N LEU H 55 -53.04 -59.63 12.49
CA LEU H 55 -54.33 -58.97 12.36
C LEU H 55 -55.42 -60.04 12.41
N GLY H 56 -56.37 -59.86 13.32
CA GLY H 56 -57.38 -60.87 13.57
C GLY H 56 -57.07 -61.69 14.81
N HIS H 57 -55.79 -61.92 15.09
CA HIS H 57 -55.40 -62.67 16.27
C HIS H 57 -55.44 -61.78 17.49
N PHE H 58 -55.90 -60.54 17.31
CA PHE H 58 -55.99 -59.56 18.39
C PHE H 58 -57.26 -58.71 18.36
N ASP H 59 -57.44 -57.93 19.43
CA ASP H 59 -58.45 -56.89 19.47
C ASP H 59 -57.66 -55.66 19.88
N ALA H 60 -58.32 -54.51 19.95
CA ALA H 60 -57.65 -53.34 20.53
C ALA H 60 -58.57 -52.38 21.28
N TYR H 61 -58.22 -52.09 22.52
CA TYR H 61 -58.81 -50.98 23.26
C TYR H 61 -57.83 -49.81 23.23
N ILE H 62 -58.20 -48.78 22.46
CA ILE H 62 -57.32 -47.65 22.25
C ILE H 62 -57.97 -46.35 22.64
N THR H 63 -57.15 -45.42 23.15
CA THR H 63 -57.57 -44.04 23.34
C THR H 63 -56.53 -43.05 22.88
N VAL H 64 -57.02 -42.00 22.23
CA VAL H 64 -56.18 -40.94 21.73
C VAL H 64 -56.70 -39.61 22.27
N ARG H 65 -55.79 -38.67 22.47
CA ARG H 65 -56.15 -37.31 22.80
C ARG H 65 -55.06 -36.40 22.28
N GLY H 66 -55.47 -35.30 21.66
CA GLY H 66 -54.52 -34.33 21.15
C GLY H 66 -54.21 -34.56 19.69
N GLY H 67 -53.94 -33.46 18.99
CA GLY H 67 -53.63 -33.49 17.58
C GLY H 67 -54.87 -33.59 16.71
N GLY H 68 -54.66 -33.80 15.42
CA GLY H 68 -55.77 -34.06 14.53
C GLY H 68 -55.85 -35.55 14.37
N LYS H 69 -56.93 -36.03 13.76
CA LYS H 69 -57.16 -37.46 13.69
C LYS H 69 -56.02 -38.21 12.99
N SER H 70 -55.49 -37.64 11.91
CA SER H 70 -54.32 -38.23 11.24
C SER H 70 -53.11 -38.36 12.18
N GLY H 71 -52.88 -37.32 12.97
CA GLY H 71 -51.79 -37.36 13.92
C GLY H 71 -52.05 -38.51 14.86
N GLN H 72 -53.32 -38.69 15.18
CA GLN H 72 -53.69 -39.78 16.05
C GLN H 72 -53.44 -41.10 15.34
N ILE H 73 -53.64 -41.12 14.03
CA ILE H 73 -53.44 -42.37 13.29
C ILE H 73 -51.99 -42.87 13.36
N ASP H 74 -51.02 -42.01 13.04
CA ASP H 74 -49.61 -42.43 13.09
C ASP H 74 -49.13 -42.66 14.52
N ALA H 75 -49.93 -42.25 15.49
CA ALA H 75 -49.60 -42.42 16.90
C ALA H 75 -50.08 -43.79 17.37
N ILE H 76 -51.33 -44.13 17.01
CA ILE H 76 -51.87 -45.46 17.21
C ILE H 76 -50.91 -46.43 16.54
N LYS H 77 -50.78 -46.28 15.23
CA LYS H 77 -49.84 -47.04 14.40
C LYS H 77 -48.48 -47.22 15.07
N LEU H 78 -47.98 -46.21 15.76
CA LEU H 78 -46.78 -46.44 16.54
C LEU H 78 -47.11 -47.32 17.71
N GLY H 79 -48.01 -46.83 18.56
CA GLY H 79 -48.44 -47.55 19.74
C GLY H 79 -48.72 -49.04 19.60
N ILE H 80 -49.27 -49.46 18.47
CA ILE H 80 -49.48 -50.89 18.25
C ILE H 80 -48.15 -51.62 18.11
N ALA H 81 -47.29 -51.11 17.26
CA ALA H 81 -45.94 -51.63 17.12
C ALA H 81 -45.16 -51.65 18.46
N ARG H 82 -45.29 -50.59 19.25
CA ARG H 82 -44.66 -50.55 20.56
C ARG H 82 -45.17 -51.69 21.44
N ALA H 83 -46.39 -52.15 21.13
CA ALA H 83 -47.07 -53.14 21.96
C ALA H 83 -46.77 -54.56 21.51
N LEU H 84 -46.61 -54.76 20.21
CA LEU H 84 -46.28 -56.07 19.67
C LEU H 84 -44.94 -56.59 20.19
N VAL H 85 -44.13 -55.72 20.78
CA VAL H 85 -42.80 -56.09 21.24
C VAL H 85 -42.75 -56.40 22.75
N GLN H 86 -43.56 -55.71 23.53
CA GLN H 86 -43.72 -56.10 24.92
C GLN H 86 -44.31 -57.51 24.99
N TYR H 87 -45.01 -57.90 23.93
CA TYR H 87 -45.60 -59.22 23.76
C TYR H 87 -44.57 -60.19 23.20
N ASN H 88 -43.84 -59.75 22.18
CA ASN H 88 -42.91 -60.63 21.51
C ASN H 88 -41.68 -59.86 21.05
N PRO H 89 -40.63 -59.86 21.88
CA PRO H 89 -39.41 -59.08 21.64
C PRO H 89 -38.70 -59.42 20.33
N ASP H 90 -39.16 -60.49 19.68
CA ASP H 90 -38.57 -60.95 18.43
C ASP H 90 -39.25 -60.26 17.26
N TYR H 91 -40.34 -59.56 17.55
CA TYR H 91 -41.07 -58.86 16.50
C TYR H 91 -40.29 -57.64 16.00
N ARG H 92 -39.41 -57.12 16.84
CA ARG H 92 -38.58 -55.97 16.47
C ARG H 92 -37.96 -56.23 15.13
N ALA H 93 -37.45 -57.45 14.96
CA ALA H 93 -36.79 -57.86 13.74
C ALA H 93 -37.67 -57.64 12.51
N LYS H 94 -38.98 -57.84 12.66
CA LYS H 94 -39.88 -57.71 11.50
C LYS H 94 -40.30 -56.26 11.24
N LEU H 95 -40.38 -55.46 12.30
CA LEU H 95 -40.92 -54.09 12.23
C LEU H 95 -39.89 -53.00 11.85
N LYS H 96 -38.71 -53.05 12.46
CA LYS H 96 -37.64 -52.11 12.13
C LYS H 96 -37.25 -51.99 10.62
N PRO H 97 -37.39 -53.07 9.83
CA PRO H 97 -37.23 -52.89 8.38
C PRO H 97 -38.01 -51.71 7.83
N LEU H 98 -39.33 -51.73 7.99
CA LEU H 98 -40.16 -50.64 7.52
C LEU H 98 -40.23 -49.55 8.60
N GLY H 99 -39.46 -49.73 9.67
CA GLY H 99 -39.29 -48.74 10.72
C GLY H 99 -40.55 -48.33 11.46
N PHE H 100 -41.30 -49.31 11.94
CA PHE H 100 -42.57 -49.03 12.61
C PHE H 100 -42.36 -48.68 14.08
N LEU H 101 -41.11 -48.60 14.51
CA LEU H 101 -40.85 -48.30 15.90
C LEU H 101 -40.34 -46.89 16.07
N THR H 102 -40.38 -46.13 14.99
CA THR H 102 -39.76 -44.81 14.90
C THR H 102 -40.72 -43.66 15.21
N ARG H 103 -40.44 -42.90 16.25
CA ARG H 103 -41.25 -41.74 16.60
C ARG H 103 -40.98 -40.61 15.62
N ASP H 104 -41.98 -40.22 14.84
CA ASP H 104 -41.78 -39.14 13.87
C ASP H 104 -41.49 -37.85 14.60
N ALA H 105 -40.21 -37.49 14.53
CA ALA H 105 -39.65 -36.30 15.15
C ALA H 105 -40.24 -35.01 14.60
N ARG H 106 -40.79 -35.08 13.38
CA ARG H 106 -41.36 -33.90 12.68
C ARG H 106 -42.52 -33.26 13.43
N VAL H 107 -42.44 -31.93 13.57
CA VAL H 107 -43.47 -31.17 14.27
C VAL H 107 -43.48 -29.70 13.86
N VAL H 108 -44.64 -29.07 14.03
CA VAL H 108 -44.93 -27.68 13.65
C VAL H 108 -43.90 -26.72 14.11
N GLU H 109 -43.48 -25.85 13.20
CA GLU H 109 -42.35 -24.98 13.47
C GLU H 109 -42.74 -23.62 14.03
N ARG H 110 -42.05 -23.20 15.08
CA ARG H 110 -42.28 -21.92 15.71
C ARG H 110 -42.39 -20.80 14.67
N LYS H 111 -43.50 -20.05 14.73
CA LYS H 111 -43.62 -18.80 13.99
C LYS H 111 -42.56 -17.85 14.48
N LYS H 112 -41.88 -17.24 13.55
CA LYS H 112 -40.80 -16.37 13.94
C LYS H 112 -41.12 -14.96 13.51
N TYR H 113 -40.65 -14.02 14.30
CA TYR H 113 -41.04 -12.64 14.17
C TYR H 113 -40.38 -12.01 12.97
N GLY H 114 -41.15 -11.22 12.23
CA GLY H 114 -40.62 -10.50 11.09
C GLY H 114 -40.78 -11.37 9.87
N LYS H 115 -41.35 -12.56 10.08
CA LYS H 115 -41.85 -13.39 9.01
C LYS H 115 -43.37 -13.34 9.12
N HIS H 116 -44.05 -13.93 8.17
CA HIS H 116 -45.47 -14.14 8.30
C HIS H 116 -45.70 -15.53 8.86
N LYS H 117 -44.67 -16.35 9.06
CA LYS H 117 -45.00 -17.77 9.21
C LYS H 117 -43.95 -18.81 9.66
N ALA H 118 -42.74 -18.36 9.97
CA ALA H 118 -41.55 -19.19 10.29
C ALA H 118 -40.60 -19.21 9.11
N ARG H 119 -41.16 -19.21 7.92
CA ARG H 119 -40.34 -19.12 6.73
C ARG H 119 -40.93 -18.03 5.86
N ARG H 120 -42.22 -18.16 5.56
CA ARG H 120 -42.92 -17.25 4.67
C ARG H 120 -42.54 -15.80 4.94
N ALA H 121 -41.48 -15.35 4.33
CA ALA H 121 -41.09 -13.95 4.48
C ALA H 121 -42.14 -13.04 3.81
N PRO H 122 -42.35 -11.82 4.36
CA PRO H 122 -43.25 -10.78 3.82
C PRO H 122 -42.73 -10.28 2.49
N GLN H 123 -43.59 -9.77 1.62
CA GLN H 123 -43.13 -9.52 0.25
C GLN H 123 -42.41 -8.21 -0.03
N TYR H 124 -41.31 -8.35 -0.74
CA TYR H 124 -40.30 -7.33 -0.93
C TYR H 124 -40.71 -6.39 -2.08
N SER H 125 -41.62 -6.90 -2.92
CA SER H 125 -41.90 -6.40 -4.30
C SER H 125 -41.66 -4.93 -4.72
N LYS H 126 -41.18 -4.78 -5.96
CA LYS H 126 -40.84 -3.49 -6.59
C LYS H 126 -39.78 -2.66 -5.83
N ARG H 127 -38.73 -2.29 -6.56
CA ARG H 127 -37.53 -1.60 -6.05
C ARG H 127 -37.05 -2.06 -4.66
N LYS I 1 -55.62 -32.94 55.41
CA LYS I 1 -56.53 -31.88 55.83
C LYS I 1 -55.96 -30.47 55.53
N ILE I 2 -54.63 -30.33 55.62
CA ILE I 2 -53.94 -29.05 55.33
C ILE I 2 -53.30 -29.05 53.94
N ARG I 3 -53.69 -28.07 53.10
CA ARG I 3 -53.28 -28.04 51.68
C ARG I 3 -52.45 -26.79 51.36
N ILE I 4 -51.19 -26.99 50.97
CA ILE I 4 -50.33 -25.86 50.65
C ILE I 4 -50.01 -25.67 49.15
N LYS I 5 -50.41 -24.52 48.65
CA LYS I 5 -50.08 -24.11 47.29
C LYS I 5 -48.77 -23.34 47.37
N LEU I 6 -47.92 -23.50 46.35
CA LEU I 6 -46.67 -22.76 46.31
C LEU I 6 -46.43 -22.06 44.98
N ARG I 7 -46.64 -20.75 44.96
CA ARG I 7 -46.50 -19.97 43.75
C ARG I 7 -45.35 -18.98 43.87
N GLY I 8 -44.33 -19.14 43.03
CA GLY I 8 -43.21 -18.20 42.96
C GLY I 8 -42.63 -18.06 41.56
N PHE I 9 -41.74 -17.09 41.36
CA PHE I 9 -41.13 -16.88 40.04
C PHE I 9 -39.95 -17.80 39.76
N ASP I 10 -39.07 -17.94 40.74
CA ASP I 10 -37.87 -18.75 40.56
C ASP I 10 -38.12 -20.18 41.03
N HIS I 11 -37.87 -21.15 40.16
CA HIS I 11 -38.28 -22.54 40.38
C HIS I 11 -37.25 -23.34 41.16
N LYS I 12 -36.14 -22.70 41.53
CA LYS I 12 -35.11 -23.36 42.32
C LYS I 12 -35.52 -23.15 43.76
N THR I 13 -35.74 -21.88 44.06
CA THR I 13 -36.21 -21.44 45.36
C THR I 13 -37.57 -22.03 45.63
N LEU I 14 -38.44 -22.01 44.62
CA LEU I 14 -39.76 -22.58 44.76
C LEU I 14 -39.63 -24.06 45.08
N ASP I 15 -38.83 -24.78 44.31
CA ASP I 15 -38.70 -26.22 44.54
C ASP I 15 -38.00 -26.55 45.84
N ALA I 16 -36.98 -25.77 46.17
CA ALA I 16 -36.28 -25.93 47.43
C ALA I 16 -37.23 -25.82 48.64
N SER I 17 -37.91 -24.69 48.71
CA SER I 17 -38.86 -24.39 49.78
C SER I 17 -39.82 -25.54 50.02
N ALA I 18 -40.28 -26.15 48.93
CA ALA I 18 -41.23 -27.26 49.02
C ALA I 18 -40.58 -28.54 49.53
N GLN I 19 -39.25 -28.65 49.48
CA GLN I 19 -38.62 -29.80 50.11
C GLN I 19 -38.54 -29.59 51.60
N LYS I 20 -38.41 -28.32 51.99
CA LYS I 20 -38.31 -27.89 53.38
C LYS I 20 -39.65 -28.04 54.09
N ILE I 21 -40.62 -28.57 53.37
CA ILE I 21 -41.98 -28.63 53.84
C ILE I 21 -42.44 -30.07 53.75
N VAL I 22 -41.88 -30.83 52.81
CA VAL I 22 -42.14 -32.26 52.74
C VAL I 22 -41.44 -32.96 53.90
N GLU I 23 -40.29 -32.43 54.31
CA GLU I 23 -39.53 -33.00 55.43
C GLU I 23 -40.02 -32.51 56.79
N ALA I 24 -40.42 -31.25 56.84
CA ALA I 24 -40.99 -30.67 58.04
C ALA I 24 -42.17 -31.50 58.51
N ALA I 25 -43.00 -31.93 57.56
CA ALA I 25 -44.19 -32.70 57.86
C ALA I 25 -43.89 -34.18 58.18
N ARG I 26 -42.69 -34.64 57.82
CA ARG I 26 -42.26 -36.00 58.16
C ARG I 26 -41.85 -36.07 59.63
N ARG I 27 -40.87 -35.26 60.00
CA ARG I 27 -40.38 -35.21 61.36
C ARG I 27 -41.38 -34.54 62.31
N SER I 28 -42.65 -34.98 62.27
CA SER I 28 -43.70 -34.42 63.13
C SER I 28 -44.96 -35.30 63.19
N GLY I 29 -44.99 -36.34 62.36
CA GLY I 29 -45.99 -37.39 62.48
C GLY I 29 -47.17 -37.36 61.53
N ALA I 30 -46.92 -37.61 60.25
CA ALA I 30 -47.97 -37.56 59.23
C ALA I 30 -47.49 -38.13 57.90
N GLN I 31 -48.43 -38.54 57.07
CA GLN I 31 -48.12 -38.93 55.71
C GLN I 31 -48.47 -37.82 54.74
N VAL I 32 -47.81 -37.79 53.59
CA VAL I 32 -47.89 -36.63 52.69
C VAL I 32 -47.95 -37.01 51.23
N SER I 33 -48.90 -36.41 50.50
CA SER I 33 -48.87 -36.43 49.04
C SER I 33 -47.78 -35.46 48.62
N GLY I 34 -46.80 -35.94 47.85
CA GLY I 34 -45.58 -35.20 47.59
C GLY I 34 -45.75 -33.82 46.97
N PRO I 35 -44.64 -33.12 46.70
CA PRO I 35 -44.75 -31.82 46.04
C PRO I 35 -45.18 -31.93 44.56
N ILE I 36 -46.47 -31.72 44.30
CA ILE I 36 -47.04 -31.91 42.96
C ILE I 36 -46.82 -30.72 42.05
N PRO I 37 -46.20 -30.96 40.90
CA PRO I 37 -45.88 -29.92 39.94
C PRO I 37 -47.10 -29.50 39.12
N LEU I 38 -47.84 -28.53 39.62
CA LEU I 38 -48.90 -27.93 38.80
C LEU I 38 -48.31 -27.17 37.60
N PRO I 39 -49.09 -27.05 36.53
CA PRO I 39 -48.54 -26.39 35.34
C PRO I 39 -48.22 -24.92 35.63
N THR I 40 -47.41 -24.29 34.77
CA THR I 40 -46.81 -22.99 35.04
C THR I 40 -47.27 -21.91 34.06
N ARG I 41 -47.70 -20.76 34.58
CA ARG I 41 -48.38 -19.77 33.74
C ARG I 41 -47.41 -18.72 33.23
N VAL I 42 -47.15 -18.76 31.92
CA VAL I 42 -46.16 -17.87 31.33
C VAL I 42 -46.79 -16.59 30.81
N ARG I 43 -46.24 -15.46 31.19
CA ARG I 43 -46.69 -14.21 30.60
C ARG I 43 -45.61 -13.68 29.67
N ARG I 44 -45.80 -13.74 28.34
CA ARG I 44 -44.79 -13.22 27.37
C ARG I 44 -44.94 -11.71 27.06
N PHE I 45 -43.86 -11.09 26.59
CA PHE I 45 -43.83 -9.67 26.24
C PHE I 45 -42.99 -9.52 24.99
N THR I 46 -43.44 -8.72 24.02
CA THR I 46 -42.73 -8.74 22.75
C THR I 46 -42.39 -7.35 22.20
N VAL I 47 -41.34 -6.80 22.76
CA VAL I 47 -41.01 -5.42 22.50
C VAL I 47 -40.18 -5.22 21.24
N ILE I 48 -40.53 -4.20 20.45
CA ILE I 48 -39.63 -3.75 19.39
C ILE I 48 -38.32 -3.36 20.06
N ARG I 49 -37.23 -3.85 19.49
CA ARG I 49 -35.88 -3.64 20.01
C ARG I 49 -35.39 -2.18 20.00
N GLY I 50 -35.36 -1.58 18.82
CA GLY I 50 -34.98 -0.20 18.70
C GLY I 50 -35.99 0.72 19.34
N PRO I 51 -35.63 2.00 19.49
CA PRO I 51 -36.60 3.00 19.93
C PRO I 51 -37.52 3.51 18.78
N PHE I 52 -36.97 3.70 17.60
CA PHE I 52 -37.72 4.34 16.53
C PHE I 52 -37.73 3.41 15.34
N LYS I 53 -38.80 3.40 14.57
CA LYS I 53 -39.04 2.41 13.49
C LYS I 53 -38.52 0.99 13.73
N HIS I 54 -38.06 0.33 12.66
CA HIS I 54 -37.38 -0.96 12.71
C HIS I 54 -38.24 -2.01 13.37
N LYS I 55 -39.42 -2.28 12.83
CA LYS I 55 -40.35 -3.17 13.53
C LYS I 55 -39.98 -4.61 13.37
N ASP I 56 -39.03 -4.87 12.49
CA ASP I 56 -38.84 -6.24 12.07
C ASP I 56 -37.86 -6.99 12.95
N SER I 57 -37.50 -6.36 14.07
CA SER I 57 -36.71 -6.97 15.15
C SER I 57 -37.37 -6.77 16.51
N ARG I 58 -37.69 -7.84 17.19
CA ARG I 58 -38.22 -7.75 18.55
C ARG I 58 -37.33 -8.48 19.57
N GLU I 59 -37.76 -8.50 20.82
CA GLU I 59 -37.04 -9.31 21.78
C GLU I 59 -38.10 -9.92 22.63
N HIS I 60 -37.96 -11.21 22.95
CA HIS I 60 -39.01 -11.91 23.67
C HIS I 60 -38.69 -12.13 25.14
N PHE I 61 -39.48 -11.53 26.03
CA PHE I 61 -39.33 -11.78 27.46
C PHE I 61 -40.53 -12.53 27.97
N GLU I 62 -40.34 -13.27 29.05
CA GLU I 62 -41.44 -14.03 29.63
C GLU I 62 -41.41 -13.93 31.16
N LEU I 63 -42.47 -14.40 31.82
CA LEU I 63 -42.60 -14.27 33.27
C LEU I 63 -43.24 -15.51 33.87
N ARG I 64 -42.41 -16.40 34.39
CA ARG I 64 -42.88 -17.76 34.66
C ARG I 64 -43.26 -18.04 36.10
N THR I 65 -44.54 -17.90 36.43
CA THR I 65 -44.98 -18.17 37.80
C THR I 65 -45.15 -19.67 38.02
N HIS I 66 -44.26 -20.28 38.77
CA HIS I 66 -44.28 -21.75 38.93
C HIS I 66 -45.19 -22.21 40.07
N ASN I 67 -45.85 -23.36 39.91
CA ASN I 67 -46.84 -23.83 40.89
C ASN I 67 -46.61 -25.25 41.47
N ARG I 68 -46.41 -25.33 42.79
CA ARG I 68 -46.32 -26.63 43.47
C ARG I 68 -47.40 -26.82 44.53
N LEU I 69 -48.05 -27.97 44.49
CA LEU I 69 -49.01 -28.29 45.52
C LEU I 69 -48.33 -29.22 46.51
N VAL I 70 -48.75 -29.15 47.77
CA VAL I 70 -48.37 -30.17 48.74
C VAL I 70 -49.47 -30.39 49.76
N ASP I 71 -49.72 -31.65 50.07
CA ASP I 71 -50.80 -32.01 50.98
C ASP I 71 -50.24 -32.79 52.16
N ILE I 72 -50.69 -32.44 53.36
CA ILE I 72 -50.35 -33.20 54.54
C ILE I 72 -51.63 -33.76 55.13
N ILE I 73 -51.96 -35.02 54.81
CA ILE I 73 -53.09 -35.68 55.46
C ILE I 73 -52.63 -36.19 56.84
N ASN I 74 -53.60 -36.49 57.71
CA ASN I 74 -53.32 -36.80 59.12
C ASN I 74 -52.47 -35.71 59.77
N PRO I 75 -53.04 -34.50 59.90
CA PRO I 75 -52.28 -33.34 60.37
C PRO I 75 -52.23 -33.23 61.89
N ASN I 76 -51.06 -33.39 62.48
CA ASN I 76 -50.97 -33.30 63.94
C ASN I 76 -50.68 -31.88 64.43
N ARG I 77 -50.40 -31.74 65.72
CA ARG I 77 -50.03 -30.47 66.31
C ARG I 77 -48.52 -30.24 66.23
N LYS I 78 -47.75 -31.32 66.37
CA LYS I 78 -46.29 -31.25 66.32
C LYS I 78 -45.85 -30.95 64.89
N THR I 79 -46.81 -31.08 63.97
CA THR I 79 -46.66 -30.59 62.59
C THR I 79 -46.69 -29.05 62.54
N ILE I 80 -47.83 -28.45 62.90
CA ILE I 80 -47.99 -26.99 62.84
C ILE I 80 -46.93 -26.27 63.65
N GLU I 81 -46.55 -26.83 64.79
CA GLU I 81 -45.55 -26.22 65.65
C GLU I 81 -44.10 -26.43 65.12
N GLN I 82 -43.98 -26.69 63.82
CA GLN I 82 -42.69 -26.81 63.15
C GLN I 82 -42.77 -26.09 61.79
N LEU I 83 -43.94 -25.50 61.53
CA LEU I 83 -44.22 -24.79 60.26
C LEU I 83 -44.22 -23.27 60.38
N MET I 84 -44.72 -22.77 61.51
CA MET I 84 -44.69 -21.35 61.79
C MET I 84 -43.36 -21.03 62.48
N THR I 85 -42.31 -21.73 62.03
CA THR I 85 -40.95 -21.54 62.52
C THR I 85 -39.94 -21.67 61.37
N LEU I 86 -40.46 -21.79 60.14
CA LEU I 86 -39.66 -21.99 58.93
C LEU I 86 -39.22 -20.70 58.24
N ASP I 87 -39.90 -20.39 57.13
CA ASP I 87 -39.56 -19.28 56.23
C ASP I 87 -38.06 -19.20 55.87
N LEU I 88 -37.71 -19.64 54.66
CA LEU I 88 -36.30 -19.62 54.22
C LEU I 88 -36.01 -19.19 52.74
N PRO I 89 -37.04 -19.14 51.87
CA PRO I 89 -36.75 -18.45 50.61
C PRO I 89 -37.59 -17.19 50.41
N THR I 90 -37.02 -16.17 49.78
CA THR I 90 -37.69 -14.87 49.68
C THR I 90 -38.74 -14.69 48.55
N GLY I 91 -38.49 -15.26 47.38
CA GLY I 91 -39.32 -14.98 46.24
C GLY I 91 -40.38 -16.03 46.02
N VAL I 92 -40.80 -16.65 47.12
CA VAL I 92 -41.83 -17.70 47.15
C VAL I 92 -43.02 -17.27 47.99
N GLU I 93 -44.21 -17.32 47.42
CA GLU I 93 -45.40 -16.98 48.17
C GLU I 93 -46.06 -18.27 48.65
N ILE I 94 -46.55 -18.25 49.89
CA ILE I 94 -47.30 -19.37 50.45
C ILE I 94 -48.76 -18.96 50.70
N GLU I 95 -49.68 -19.89 50.48
CA GLU I 95 -51.05 -19.72 50.93
C GLU I 95 -51.56 -21.04 51.47
N ILE I 96 -52.04 -21.04 52.73
CA ILE I 96 -52.55 -22.27 53.33
C ILE I 96 -54.06 -22.24 53.53
N LYS I 97 -54.74 -23.21 52.92
CA LYS I 97 -56.17 -23.38 53.13
C LYS I 97 -56.51 -24.78 53.67
N THR I 98 -56.91 -24.86 54.93
CA THR I 98 -57.39 -26.12 55.51
C THR I 98 -58.68 -26.58 54.82
N VAL I 99 -58.54 -27.22 53.67
CA VAL I 99 -59.66 -27.84 52.99
C VAL I 99 -59.33 -29.33 52.82
N LYS J 1 -31.07 -37.65 -67.41
CA LYS J 1 -31.25 -38.59 -68.51
C LYS J 1 -30.24 -39.74 -68.44
N ARG J 2 -28.97 -39.37 -68.27
CA ARG J 2 -27.85 -40.29 -68.34
C ARG J 2 -27.84 -41.34 -67.21
N GLN J 3 -27.00 -42.36 -67.32
CA GLN J 3 -26.78 -43.33 -66.24
C GLN J 3 -25.33 -43.37 -65.71
N VAL J 4 -25.15 -42.97 -64.44
CA VAL J 4 -23.83 -42.84 -63.80
C VAL J 4 -23.58 -43.82 -62.65
N ALA J 5 -22.77 -44.84 -62.94
CA ALA J 5 -22.51 -45.94 -62.02
C ALA J 5 -21.83 -45.44 -60.75
N SER J 6 -20.54 -45.15 -60.85
CA SER J 6 -19.78 -44.56 -59.76
C SER J 6 -19.59 -43.06 -60.04
N GLY J 7 -19.08 -42.32 -59.06
CA GLY J 7 -18.93 -40.87 -59.19
C GLY J 7 -18.15 -40.17 -58.08
N ARG J 8 -18.20 -38.83 -58.09
CA ARG J 8 -17.53 -38.03 -57.07
C ARG J 8 -18.52 -37.16 -56.30
N ALA J 9 -18.35 -37.14 -54.99
CA ALA J 9 -19.09 -36.24 -54.12
C ALA J 9 -18.13 -35.21 -53.49
N TYR J 10 -18.19 -33.98 -54.00
CA TYR J 10 -17.36 -32.88 -53.51
C TYR J 10 -18.11 -32.12 -52.43
N ILE J 11 -17.45 -31.89 -51.31
CA ILE J 11 -18.06 -31.17 -50.19
C ILE J 11 -17.25 -29.94 -49.81
N HIS J 12 -17.81 -28.77 -50.10
CA HIS J 12 -17.14 -27.51 -49.82
C HIS J 12 -17.92 -26.77 -48.76
N ALA J 13 -17.39 -26.85 -47.53
CA ALA J 13 -18.00 -26.23 -46.35
C ALA J 13 -17.29 -24.94 -45.94
N SER J 14 -18.07 -23.87 -45.92
CA SER J 14 -17.64 -22.58 -45.43
C SER J 14 -18.04 -22.49 -43.94
N TYR J 15 -17.72 -21.37 -43.30
CA TYR J 15 -18.25 -21.09 -41.98
C TYR J 15 -19.67 -20.58 -42.18
N ASN J 16 -20.00 -20.24 -43.42
CA ASN J 16 -21.28 -19.59 -43.69
C ASN J 16 -22.30 -20.51 -44.34
N ASN J 17 -21.82 -21.58 -44.97
CA ASN J 17 -22.65 -22.42 -45.81
C ASN J 17 -21.88 -23.60 -46.37
N THR J 18 -22.56 -24.75 -46.47
CA THR J 18 -21.96 -25.98 -47.00
C THR J 18 -22.58 -26.43 -48.34
N ILE J 19 -21.78 -26.47 -49.40
CA ILE J 19 -22.25 -26.87 -50.73
C ILE J 19 -21.74 -28.26 -51.10
N VAL J 20 -22.61 -29.08 -51.71
CA VAL J 20 -22.20 -30.41 -52.17
C VAL J 20 -22.58 -30.68 -53.62
N THR J 21 -21.59 -30.80 -54.48
CA THR J 21 -21.87 -31.16 -55.85
C THR J 21 -21.41 -32.58 -56.11
N ILE J 22 -22.10 -33.25 -57.01
CA ILE J 22 -21.79 -34.62 -57.35
C ILE J 22 -21.49 -34.66 -58.82
N THR J 23 -20.41 -35.35 -59.19
CA THR J 23 -19.98 -35.33 -60.57
C THR J 23 -19.78 -36.73 -61.12
N ASP J 24 -19.44 -36.80 -62.41
CA ASP J 24 -19.10 -38.06 -63.06
C ASP J 24 -17.63 -38.38 -62.83
N PRO J 25 -17.20 -39.64 -63.05
CA PRO J 25 -15.82 -40.01 -62.72
C PRO J 25 -14.75 -39.21 -63.48
N ASP J 26 -15.20 -38.37 -64.42
CA ASP J 26 -14.34 -37.40 -65.08
C ASP J 26 -14.40 -36.03 -64.36
N GLY J 27 -15.30 -35.92 -63.38
CA GLY J 27 -15.40 -34.73 -62.55
C GLY J 27 -16.41 -33.68 -62.98
N ASN J 28 -17.18 -33.94 -64.03
CA ASN J 28 -18.20 -33.01 -64.49
C ASN J 28 -19.47 -33.25 -63.69
N PRO J 29 -19.98 -32.20 -63.07
CA PRO J 29 -21.11 -32.19 -62.12
C PRO J 29 -22.43 -32.62 -62.73
N ILE J 30 -23.20 -33.35 -61.95
CA ILE J 30 -24.45 -33.94 -62.39
C ILE J 30 -25.66 -33.22 -61.77
N THR J 31 -25.74 -33.29 -60.44
CA THR J 31 -26.63 -32.46 -59.62
C THR J 31 -25.86 -31.99 -58.40
N TRP J 32 -26.24 -30.84 -57.87
CA TRP J 32 -25.61 -30.32 -56.67
C TRP J 32 -26.67 -29.84 -55.69
N SER J 33 -26.24 -29.54 -54.47
CA SER J 33 -27.15 -29.05 -53.45
C SER J 33 -26.35 -28.27 -52.42
N SER J 34 -27.00 -27.33 -51.75
CA SER J 34 -26.34 -26.55 -50.74
C SER J 34 -27.29 -26.44 -49.57
N GLY J 35 -26.95 -25.62 -48.59
CA GLY J 35 -27.80 -25.40 -47.44
C GLY J 35 -28.93 -24.46 -47.77
N GLY J 36 -28.68 -23.54 -48.71
CA GLY J 36 -29.67 -22.56 -49.12
C GLY J 36 -30.71 -23.14 -50.07
N VAL J 37 -30.25 -24.09 -50.88
CA VAL J 37 -31.12 -24.84 -51.78
C VAL J 37 -32.12 -25.68 -51.01
N ILE J 38 -31.66 -26.31 -49.93
CA ILE J 38 -32.50 -26.93 -48.91
C ILE J 38 -33.61 -25.97 -48.50
N GLY J 39 -33.30 -24.68 -48.53
CA GLY J 39 -34.28 -23.66 -48.25
C GLY J 39 -34.04 -22.97 -46.93
N TYR J 40 -32.78 -22.62 -46.68
CA TYR J 40 -32.41 -21.84 -45.52
C TYR J 40 -31.91 -20.48 -45.97
N LYS J 41 -31.96 -19.50 -45.06
CA LYS J 41 -31.72 -18.10 -45.43
C LYS J 41 -30.30 -17.55 -45.16
N GLY J 42 -29.93 -17.42 -43.89
CA GLY J 42 -28.66 -16.79 -43.58
C GLY J 42 -27.70 -17.60 -42.76
N SER J 43 -27.54 -17.21 -41.51
CA SER J 43 -26.72 -17.91 -40.52
C SER J 43 -26.94 -19.42 -40.53
N ARG J 44 -28.15 -19.79 -40.93
CA ARG J 44 -28.66 -21.12 -40.74
C ARG J 44 -28.11 -22.12 -41.76
N LYS J 45 -27.57 -21.63 -42.87
CA LYS J 45 -27.03 -22.53 -43.90
C LYS J 45 -25.76 -23.23 -43.42
N GLY J 46 -24.96 -22.52 -42.66
CA GLY J 46 -23.71 -23.06 -42.17
C GLY J 46 -23.90 -23.87 -40.91
N THR J 47 -24.56 -25.02 -41.05
CA THR J 47 -24.98 -25.79 -39.88
C THR J 47 -24.89 -27.27 -40.11
N PRO J 48 -24.28 -27.98 -39.16
CA PRO J 48 -24.19 -29.44 -39.20
C PRO J 48 -25.51 -30.13 -39.57
N TYR J 49 -26.65 -29.48 -39.32
CA TYR J 49 -27.93 -30.01 -39.78
C TYR J 49 -28.23 -29.55 -41.19
N ALA J 50 -28.06 -28.26 -41.45
CA ALA J 50 -28.23 -27.76 -42.80
C ALA J 50 -27.35 -28.54 -43.79
N ALA J 51 -26.14 -28.87 -43.34
CA ALA J 51 -25.16 -29.62 -44.14
C ALA J 51 -25.57 -31.08 -44.30
N GLN J 52 -26.19 -31.65 -43.28
CA GLN J 52 -26.69 -33.03 -43.34
C GLN J 52 -27.84 -33.08 -44.33
N LEU J 53 -28.52 -31.94 -44.47
CA LEU J 53 -29.57 -31.82 -45.46
C LEU J 53 -29.00 -31.67 -46.86
N ALA J 54 -28.08 -30.73 -47.02
CA ALA J 54 -27.48 -30.48 -48.32
C ALA J 54 -26.95 -31.79 -48.92
N ALA J 55 -26.28 -32.59 -48.10
CA ALA J 55 -25.70 -33.83 -48.56
C ALA J 55 -26.79 -34.80 -48.98
N LEU J 56 -27.80 -34.97 -48.13
CA LEU J 56 -28.87 -35.94 -48.40
C LEU J 56 -29.58 -35.65 -49.70
N ASP J 57 -29.96 -34.39 -49.92
CA ASP J 57 -30.62 -34.00 -51.16
C ASP J 57 -29.68 -34.19 -52.34
N ALA J 58 -28.41 -33.91 -52.13
CA ALA J 58 -27.44 -34.06 -53.19
C ALA J 58 -27.44 -35.51 -53.67
N ALA J 59 -27.44 -36.46 -52.75
CA ALA J 59 -27.40 -37.87 -53.12
C ALA J 59 -28.77 -38.35 -53.58
N LYS J 60 -29.82 -37.61 -53.19
CA LYS J 60 -31.19 -37.95 -53.58
C LYS J 60 -31.35 -37.72 -55.08
N LYS J 61 -31.16 -36.47 -55.49
CA LYS J 61 -31.12 -36.12 -56.90
C LYS J 61 -30.22 -37.10 -57.65
N ALA J 62 -29.11 -37.46 -57.02
CA ALA J 62 -28.07 -38.29 -57.61
C ALA J 62 -28.50 -39.70 -57.93
N MET J 63 -28.98 -40.44 -56.93
CA MET J 63 -29.36 -41.83 -57.15
C MET J 63 -30.55 -42.00 -58.13
N ALA J 64 -31.21 -40.87 -58.43
CA ALA J 64 -32.19 -40.82 -59.51
C ALA J 64 -31.51 -40.77 -60.90
N TYR J 65 -30.25 -40.31 -60.94
CA TYR J 65 -29.42 -40.42 -62.15
C TYR J 65 -28.64 -41.73 -62.11
N GLY J 66 -29.17 -42.71 -61.37
CA GLY J 66 -28.60 -44.04 -61.30
C GLY J 66 -27.41 -44.22 -60.38
N MET J 67 -27.01 -43.14 -59.71
CA MET J 67 -25.84 -43.14 -58.81
C MET J 67 -25.88 -44.33 -57.85
N GLN J 68 -24.70 -44.91 -57.63
CA GLN J 68 -24.55 -46.16 -56.91
C GLN J 68 -23.43 -46.05 -55.90
N SER J 69 -22.29 -45.56 -56.36
CA SER J 69 -21.14 -45.35 -55.51
C SER J 69 -20.53 -43.98 -55.76
N VAL J 70 -19.73 -43.50 -54.80
CA VAL J 70 -19.10 -42.19 -54.88
C VAL J 70 -17.78 -42.16 -54.12
N ASP J 71 -16.80 -41.45 -54.66
CA ASP J 71 -15.57 -41.14 -53.93
C ASP J 71 -15.81 -39.72 -53.39
N VAL J 72 -15.33 -39.42 -52.19
CA VAL J 72 -15.65 -38.14 -51.56
C VAL J 72 -14.46 -37.25 -51.41
N ILE J 73 -14.63 -35.98 -51.80
CA ILE J 73 -13.58 -35.01 -51.62
C ILE J 73 -14.12 -33.83 -50.81
N VAL J 74 -13.58 -33.61 -49.62
CA VAL J 74 -13.95 -32.42 -48.86
C VAL J 74 -12.88 -31.35 -48.93
N ARG J 75 -13.32 -30.14 -49.22
CA ARG J 75 -12.42 -28.99 -49.18
C ARG J 75 -12.93 -28.03 -48.15
N GLY J 76 -12.15 -27.86 -47.10
CA GLY J 76 -12.48 -26.86 -46.11
C GLY J 76 -12.51 -27.33 -44.69
N THR J 77 -12.25 -26.37 -43.80
CA THR J 77 -12.55 -26.47 -42.39
C THR J 77 -13.94 -25.88 -42.22
N GLY J 78 -14.69 -26.36 -41.25
CA GLY J 78 -16.03 -25.82 -41.08
C GLY J 78 -16.99 -26.79 -40.46
N ALA J 79 -18.19 -26.28 -40.15
CA ALA J 79 -19.21 -27.05 -39.44
C ALA J 79 -19.68 -28.14 -40.36
N GLY J 80 -20.15 -29.23 -39.76
CA GLY J 80 -20.83 -30.29 -40.49
C GLY J 80 -20.20 -30.73 -41.80
N ARG J 81 -18.91 -30.43 -41.94
CA ARG J 81 -18.11 -31.07 -42.95
C ARG J 81 -18.22 -32.54 -42.61
N GLU J 82 -18.04 -32.84 -41.33
CA GLU J 82 -18.13 -34.20 -40.84
C GLU J 82 -19.54 -34.77 -41.00
N GLN J 83 -20.53 -33.91 -40.80
CA GLN J 83 -21.93 -34.32 -40.91
C GLN J 83 -22.27 -34.65 -42.35
N ALA J 84 -21.73 -33.86 -43.27
CA ALA J 84 -21.96 -34.05 -44.68
C ALA J 84 -21.50 -35.44 -45.11
N ILE J 85 -20.31 -35.81 -44.65
CA ILE J 85 -19.77 -37.15 -44.88
C ILE J 85 -20.70 -38.23 -44.36
N ARG J 86 -20.93 -38.24 -43.04
CA ARG J 86 -21.77 -39.26 -42.43
C ARG J 86 -23.15 -39.33 -43.09
N ALA J 87 -23.63 -38.16 -43.53
CA ALA J 87 -24.89 -38.09 -44.26
C ALA J 87 -24.77 -38.84 -45.57
N LEU J 88 -23.67 -38.61 -46.28
CA LEU J 88 -23.37 -39.37 -47.49
C LEU J 88 -23.21 -40.83 -47.13
N GLN J 89 -22.35 -41.10 -46.15
CA GLN J 89 -22.03 -42.47 -45.71
C GLN J 89 -23.29 -43.31 -45.53
N ALA J 90 -24.21 -42.82 -44.70
CA ALA J 90 -25.48 -43.51 -44.45
C ALA J 90 -26.67 -43.03 -45.33
N SER J 91 -26.39 -42.61 -46.56
CA SER J 91 -27.42 -42.11 -47.49
C SER J 91 -27.95 -43.20 -48.42
N GLY J 92 -27.10 -44.21 -48.67
CA GLY J 92 -27.45 -45.25 -49.60
C GLY J 92 -26.42 -45.34 -50.71
N LEU J 93 -25.46 -44.41 -50.69
CA LEU J 93 -24.31 -44.50 -51.57
C LEU J 93 -23.19 -45.18 -50.82
N GLN J 94 -22.55 -46.14 -51.48
CA GLN J 94 -21.39 -46.81 -50.94
C GLN J 94 -20.25 -45.81 -51.03
N VAL J 95 -19.57 -45.57 -49.93
CA VAL J 95 -18.52 -44.55 -49.89
C VAL J 95 -17.14 -45.16 -50.07
N LYS J 96 -16.64 -45.09 -51.30
CA LYS J 96 -15.35 -45.70 -51.66
C LYS J 96 -14.19 -45.08 -50.86
N SER J 97 -14.04 -43.76 -50.95
CA SER J 97 -12.97 -43.05 -50.24
C SER J 97 -13.42 -41.71 -49.66
N ILE J 98 -12.58 -41.15 -48.79
CA ILE J 98 -12.73 -39.77 -48.38
C ILE J 98 -11.34 -39.17 -48.47
N VAL J 99 -11.27 -37.92 -48.94
CA VAL J 99 -10.04 -37.14 -48.93
C VAL J 99 -10.29 -35.68 -48.54
N ASP J 100 -9.30 -35.03 -47.94
CA ASP J 100 -9.35 -33.60 -47.73
C ASP J 100 -8.36 -32.99 -48.69
N ASP J 101 -8.82 -31.96 -49.38
CA ASP J 101 -7.98 -31.24 -50.33
C ASP J 101 -8.17 -29.74 -50.10
N THR J 102 -8.17 -29.33 -48.84
CA THR J 102 -8.34 -27.93 -48.55
C THR J 102 -7.09 -27.24 -49.01
N PRO J 103 -7.23 -26.30 -49.97
CA PRO J 103 -6.13 -25.50 -50.49
C PRO J 103 -5.43 -24.63 -49.43
N VAL J 104 -4.17 -24.94 -49.22
CA VAL J 104 -3.32 -24.17 -48.32
C VAL J 104 -2.32 -23.44 -49.21
N PRO J 105 -2.44 -22.11 -49.29
CA PRO J 105 -1.44 -21.34 -50.05
C PRO J 105 -0.05 -21.58 -49.48
N HIS J 106 0.98 -21.60 -50.33
CA HIS J 106 2.34 -21.82 -49.86
C HIS J 106 2.99 -20.46 -49.64
N ASN J 107 2.06 -19.54 -49.30
CA ASN J 107 2.23 -18.18 -48.74
C ASN J 107 2.12 -16.98 -49.67
N GLY J 108 0.91 -16.77 -50.19
CA GLY J 108 0.75 -15.99 -51.40
C GLY J 108 0.06 -14.64 -51.39
N CYS J 109 -1.26 -14.66 -51.25
CA CYS J 109 -1.98 -13.40 -51.24
C CYS J 109 -2.17 -12.95 -49.81
N ARG J 110 -1.93 -11.67 -49.57
CA ARG J 110 -2.20 -11.08 -48.27
C ARG J 110 -3.67 -11.15 -48.00
N PRO J 111 -4.08 -11.67 -46.82
CA PRO J 111 -5.53 -11.84 -46.65
C PRO J 111 -6.25 -10.56 -46.20
N LYS J 112 -7.58 -10.60 -46.18
CA LYS J 112 -8.37 -9.43 -45.82
C LYS J 112 -8.05 -9.07 -44.38
N LYS J 113 -8.35 -7.85 -43.96
CA LYS J 113 -8.02 -7.36 -42.61
C LYS J 113 -8.36 -8.36 -41.50
N LYS J 114 -9.62 -8.65 -41.29
CA LYS J 114 -10.03 -9.77 -40.44
C LYS J 114 -9.52 -10.93 -41.23
N PHE J 115 -8.71 -11.84 -40.69
CA PHE J 115 -8.05 -12.78 -41.61
C PHE J 115 -8.93 -13.88 -42.34
N PRO K 1 30.57 13.36 -16.86
CA PRO K 1 31.49 13.60 -17.98
C PRO K 1 32.88 13.09 -17.64
N THR K 2 33.69 12.85 -18.67
CA THR K 2 35.10 12.61 -18.42
C THR K 2 35.73 13.94 -18.05
N ILE K 3 37.03 13.91 -17.84
CA ILE K 3 37.74 15.14 -17.54
C ILE K 3 37.88 15.93 -18.82
N ASN K 4 38.48 15.29 -19.83
CA ASN K 4 38.69 15.93 -21.12
C ASN K 4 37.41 16.58 -21.62
N GLN K 5 36.28 16.01 -21.24
CA GLN K 5 35.01 16.61 -21.57
C GLN K 5 34.85 17.91 -20.82
N LEU K 6 35.20 17.97 -19.54
CA LEU K 6 35.07 19.25 -18.83
C LEU K 6 36.12 20.26 -19.29
N VAL K 7 37.30 19.79 -19.65
CA VAL K 7 38.30 20.69 -20.17
C VAL K 7 37.81 21.26 -21.46
N ARG K 8 37.18 20.41 -22.28
CA ARG K 8 36.61 20.84 -23.56
C ARG K 8 35.36 21.74 -23.44
N LYS K 9 34.44 21.41 -22.53
CA LYS K 9 33.12 22.05 -22.50
C LYS K 9 32.75 22.80 -21.22
N GLY K 10 33.55 22.64 -20.17
CA GLY K 10 33.34 23.39 -18.94
C GLY K 10 32.06 23.08 -18.20
N ARG K 11 31.80 23.74 -17.09
CA ARG K 11 30.50 23.55 -16.45
C ARG K 11 29.65 24.82 -16.56
N GLU K 12 28.36 24.67 -16.83
CA GLU K 12 27.55 25.84 -17.09
C GLU K 12 26.96 26.41 -15.81
N LYS K 13 27.47 27.54 -15.33
CA LYS K 13 26.95 28.17 -14.12
C LYS K 13 25.45 28.38 -14.26
N VAL K 14 24.78 28.69 -13.16
CA VAL K 14 23.32 28.82 -13.21
C VAL K 14 22.87 30.29 -13.04
N ARG K 15 22.18 30.83 -14.05
CA ARG K 15 21.73 32.22 -14.01
C ARG K 15 20.40 32.36 -13.28
N LYS K 16 20.31 33.36 -12.40
CA LYS K 16 19.12 33.54 -11.57
C LYS K 16 18.20 34.61 -12.16
N LYS K 17 16.94 34.27 -12.38
CA LYS K 17 16.01 35.21 -13.03
C LYS K 17 15.26 35.95 -11.96
N SER K 18 15.07 37.26 -12.13
CA SER K 18 14.51 38.08 -11.05
C SER K 18 12.99 38.05 -10.96
N LYS K 19 12.50 37.52 -9.84
CA LYS K 19 11.07 37.41 -9.57
C LYS K 19 10.44 38.78 -9.30
N VAL K 20 11.21 39.85 -9.47
CA VAL K 20 10.73 41.20 -9.21
C VAL K 20 11.24 42.24 -10.20
N PRO K 21 10.99 42.01 -11.50
CA PRO K 21 11.65 42.79 -12.53
C PRO K 21 11.20 44.25 -12.54
N ALA K 22 9.91 44.50 -12.28
CA ALA K 22 9.37 45.85 -12.35
C ALA K 22 10.15 46.91 -11.56
N LEU K 23 10.61 46.56 -10.36
CA LEU K 23 11.53 47.40 -9.61
C LEU K 23 12.86 47.14 -10.24
N LYS K 24 13.27 47.97 -11.19
CA LYS K 24 14.53 47.70 -11.86
C LYS K 24 15.69 47.76 -10.87
N GLY K 25 15.82 46.73 -10.04
CA GLY K 25 16.95 46.59 -9.11
C GLY K 25 16.81 47.27 -7.77
N ALA K 26 15.86 48.20 -7.65
CA ALA K 26 15.57 48.96 -6.44
C ALA K 26 14.64 48.19 -5.50
N PRO K 27 14.53 48.63 -4.23
CA PRO K 27 13.65 47.90 -3.30
C PRO K 27 12.17 48.32 -3.26
N PHE K 28 11.84 49.50 -3.79
CA PHE K 28 10.45 49.92 -3.92
C PHE K 28 10.38 50.78 -5.16
N ARG K 29 9.21 50.93 -5.75
CA ARG K 29 9.01 52.00 -6.72
C ARG K 29 7.69 52.63 -6.43
N ARG K 30 7.52 53.87 -6.87
CA ARG K 30 6.23 54.52 -6.73
C ARG K 30 5.53 54.46 -8.06
N GLY K 31 4.20 54.54 -7.99
CA GLY K 31 3.38 54.54 -9.16
C GLY K 31 2.07 55.17 -8.76
N VAL K 32 1.21 55.33 -9.76
CA VAL K 32 -0.13 55.82 -9.54
C VAL K 32 -1.09 54.68 -9.86
N CYS K 33 -2.30 54.77 -9.34
CA CYS K 33 -3.22 53.65 -9.53
C CYS K 33 -4.10 53.85 -10.76
N THR K 34 -4.36 52.77 -11.49
CA THR K 34 -5.33 52.78 -12.58
C THR K 34 -6.62 52.17 -12.06
N VAL K 35 -6.60 50.84 -11.99
CA VAL K 35 -7.72 50.06 -11.51
C VAL K 35 -7.45 49.71 -10.06
N VAL K 36 -8.43 49.98 -9.18
CA VAL K 36 -8.44 49.45 -7.80
C VAL K 36 -9.71 48.62 -7.59
N ARG K 37 -9.55 47.32 -7.56
CA ARG K 37 -10.70 46.44 -7.68
C ARG K 37 -10.52 45.30 -6.70
N THR K 38 -11.50 44.41 -6.71
CA THR K 38 -11.44 43.19 -5.93
C THR K 38 -11.22 42.08 -6.91
N VAL K 39 -10.63 41.00 -6.45
CA VAL K 39 -10.28 39.92 -7.33
C VAL K 39 -10.53 38.63 -6.58
N THR K 40 -11.11 37.65 -7.24
CA THR K 40 -11.34 36.35 -6.61
C THR K 40 -10.12 35.41 -6.57
N PRO K 41 -9.85 34.83 -5.39
CA PRO K 41 -8.61 34.10 -5.14
C PRO K 41 -8.57 32.80 -5.89
N LYS K 42 -7.50 32.03 -5.70
CA LYS K 42 -7.28 30.81 -6.46
C LYS K 42 -7.84 29.53 -5.83
N LYS K 43 -6.97 28.56 -5.61
CA LYS K 43 -7.38 27.16 -5.71
C LYS K 43 -8.39 26.74 -4.66
N PRO K 44 -7.97 26.53 -3.40
CA PRO K 44 -9.02 26.06 -2.50
C PRO K 44 -9.61 27.20 -1.68
N ASN K 45 -9.15 28.42 -1.95
CA ASN K 45 -9.53 29.61 -1.17
C ASN K 45 -10.69 30.39 -1.74
N SER K 46 -11.51 30.94 -0.86
CA SER K 46 -12.53 31.89 -1.31
C SER K 46 -12.42 33.22 -0.57
N ALA K 47 -12.75 34.29 -1.28
CA ALA K 47 -12.74 35.64 -0.75
C ALA K 47 -12.97 36.63 -1.89
N LEU K 48 -12.76 37.92 -1.57
CA LEU K 48 -12.71 39.04 -2.49
C LEU K 48 -11.54 39.91 -2.05
N ARG K 49 -10.40 39.75 -2.73
CA ARG K 49 -9.12 40.33 -2.33
C ARG K 49 -8.90 41.68 -2.99
N LYS K 50 -8.23 42.59 -2.28
CA LYS K 50 -8.06 43.96 -2.77
C LYS K 50 -6.76 44.14 -3.52
N VAL K 51 -6.89 44.56 -4.77
CA VAL K 51 -5.76 44.66 -5.67
C VAL K 51 -5.76 46.02 -6.32
N ALA K 52 -4.58 46.58 -6.54
CA ALA K 52 -4.48 47.82 -7.28
C ALA K 52 -3.67 47.56 -8.54
N LYS K 53 -4.03 48.21 -9.64
CA LYS K 53 -3.16 48.18 -10.82
C LYS K 53 -2.39 49.49 -10.83
N VAL K 54 -1.07 49.40 -10.94
CA VAL K 54 -0.20 50.53 -10.68
C VAL K 54 0.73 50.82 -11.86
N ARG K 55 0.74 52.08 -12.30
CA ARG K 55 1.63 52.51 -13.38
C ARG K 55 2.92 53.11 -12.83
N LEU K 56 4.03 52.42 -13.09
CA LEU K 56 5.28 52.72 -12.39
C LEU K 56 6.19 53.72 -13.05
N THR K 57 7.18 54.16 -12.27
CA THR K 57 8.25 55.05 -12.73
C THR K 57 9.24 54.25 -13.58
N SER K 58 9.06 52.94 -13.56
CA SER K 58 9.89 52.02 -14.29
C SER K 58 9.19 51.62 -15.58
N GLY K 59 8.09 52.33 -15.89
CA GLY K 59 7.33 52.13 -17.12
C GLY K 59 6.27 51.05 -17.06
N TYR K 60 6.59 49.96 -16.36
CA TYR K 60 5.74 48.77 -16.18
C TYR K 60 4.39 49.05 -15.56
N GLU K 61 3.35 48.40 -16.08
CA GLU K 61 2.03 48.41 -15.46
C GLU K 61 1.82 47.11 -14.71
N VAL K 62 1.97 47.11 -13.39
CA VAL K 62 1.78 45.87 -12.63
C VAL K 62 0.72 45.96 -11.57
N THR K 63 0.30 44.81 -11.08
CA THR K 63 -0.75 44.77 -10.08
C THR K 63 -0.14 44.35 -8.77
N ALA K 64 -0.68 44.96 -7.72
CA ALA K 64 -0.12 44.99 -6.38
C ALA K 64 -1.21 44.70 -5.37
N TYR K 65 -0.91 43.82 -4.42
CA TYR K 65 -1.84 43.56 -3.32
C TYR K 65 -1.86 44.73 -2.38
N ILE K 66 -3.07 45.12 -1.95
CA ILE K 66 -3.22 46.10 -0.88
C ILE K 66 -3.49 45.37 0.42
N PRO K 67 -2.48 45.26 1.29
CA PRO K 67 -2.72 44.53 2.54
C PRO K 67 -3.56 45.31 3.53
N GLY K 68 -4.04 44.63 4.56
CA GLY K 68 -4.74 45.31 5.65
C GLY K 68 -6.24 45.18 5.65
N GLU K 69 -6.83 45.07 6.85
CA GLU K 69 -8.28 45.10 6.99
C GLU K 69 -8.84 46.50 6.60
N GLY K 70 -9.02 46.74 5.29
CA GLY K 70 -9.61 47.98 4.80
C GLY K 70 -8.68 49.15 4.44
N HIS K 71 -8.88 49.71 3.25
CA HIS K 71 -8.02 50.77 2.72
C HIS K 71 -8.73 52.03 2.16
N ASN K 72 -8.02 52.73 1.28
CA ASN K 72 -8.51 53.99 0.75
C ASN K 72 -7.80 54.31 -0.59
N LEU K 73 -7.69 53.30 -1.42
CA LEU K 73 -7.05 53.50 -2.71
C LEU K 73 -8.02 53.82 -3.87
N GLN K 74 -7.53 54.60 -4.82
CA GLN K 74 -8.38 55.22 -5.82
C GLN K 74 -7.71 55.46 -7.16
N GLU K 75 -8.50 55.93 -8.11
CA GLU K 75 -8.09 56.01 -9.49
C GLU K 75 -6.84 56.85 -9.76
N HIS K 76 -6.31 57.54 -8.76
CA HIS K 76 -5.09 58.30 -9.00
C HIS K 76 -4.22 58.39 -7.75
N SER K 77 -4.46 57.45 -6.83
CA SER K 77 -3.66 57.33 -5.62
C SER K 77 -2.19 57.17 -5.99
N VAL K 78 -1.33 57.99 -5.40
CA VAL K 78 0.11 57.77 -5.51
C VAL K 78 0.53 56.80 -4.40
N VAL K 79 1.21 55.72 -4.75
CA VAL K 79 1.51 54.68 -3.78
C VAL K 79 2.90 54.19 -3.93
N LEU K 80 3.34 53.40 -2.96
CA LEU K 80 4.65 52.78 -3.04
C LEU K 80 4.52 51.28 -2.94
N ILE K 81 5.33 50.56 -3.70
CA ILE K 81 5.22 49.11 -3.77
C ILE K 81 6.53 48.41 -3.48
N ARG K 82 6.43 47.23 -2.89
CA ARG K 82 7.61 46.43 -2.56
C ARG K 82 7.50 45.02 -3.13
N GLY K 83 8.51 44.20 -2.86
CA GLY K 83 8.50 42.80 -3.27
C GLY K 83 7.53 42.05 -2.38
N GLY K 84 7.29 40.79 -2.68
CA GLY K 84 6.31 40.01 -1.94
C GLY K 84 5.15 39.58 -2.82
N ARG K 85 5.16 38.31 -3.18
CA ARG K 85 4.11 37.71 -3.99
C ARG K 85 2.90 37.40 -3.10
N VAL K 86 1.77 37.06 -3.73
CA VAL K 86 0.61 36.51 -3.03
C VAL K 86 0.26 35.22 -3.73
N LYS K 87 0.35 34.09 -3.03
CA LYS K 87 0.15 32.81 -3.71
C LYS K 87 -1.24 32.66 -4.37
N ASP K 88 -2.29 33.03 -3.64
CA ASP K 88 -3.65 32.99 -4.15
C ASP K 88 -4.03 33.85 -5.32
N LEU K 89 -3.30 34.94 -5.50
CA LEU K 89 -3.62 35.87 -6.57
C LEU K 89 -2.48 35.78 -7.57
N PRO K 90 -2.74 35.14 -8.71
CA PRO K 90 -1.57 34.88 -9.54
C PRO K 90 -1.33 36.10 -10.43
N GLY K 91 -0.06 36.37 -10.73
CA GLY K 91 0.28 37.55 -11.52
C GLY K 91 0.33 38.79 -10.65
N VAL K 92 0.56 38.55 -9.37
CA VAL K 92 0.66 39.58 -8.34
C VAL K 92 1.97 39.30 -7.66
N ARG K 93 3.03 40.02 -8.03
CA ARG K 93 4.32 39.77 -7.38
C ARG K 93 4.82 40.98 -6.61
N TYR K 94 3.90 41.89 -6.27
CA TYR K 94 4.26 43.06 -5.48
C TYR K 94 3.16 43.42 -4.49
N HIS K 95 3.55 43.90 -3.30
CA HIS K 95 2.63 44.46 -2.31
C HIS K 95 2.70 45.98 -2.30
N ILE K 96 1.61 46.62 -1.90
CA ILE K 96 1.62 48.07 -1.65
C ILE K 96 2.00 48.42 -0.20
N VAL K 97 2.97 49.30 -0.04
CA VAL K 97 3.41 49.67 1.29
C VAL K 97 2.43 50.65 1.87
N ARG K 98 2.01 50.39 3.11
CA ARG K 98 1.01 51.22 3.73
C ARG K 98 1.65 52.29 4.57
N GLY K 99 1.04 53.48 4.56
CA GLY K 99 1.55 54.65 5.27
C GLY K 99 2.52 55.53 4.51
N VAL K 100 2.60 55.36 3.19
CA VAL K 100 3.48 56.18 2.38
C VAL K 100 2.73 56.73 1.20
N TYR K 101 2.97 57.98 0.85
CA TYR K 101 2.28 58.63 -0.27
C TYR K 101 0.79 58.74 0.03
N ASP K 102 -0.05 58.00 -0.69
CA ASP K 102 -1.50 58.14 -0.51
C ASP K 102 -2.17 56.91 0.12
N ALA K 103 -1.35 56.06 0.70
CA ALA K 103 -1.84 54.84 1.28
C ALA K 103 -1.86 55.00 2.79
N ALA K 104 -3.04 55.20 3.38
CA ALA K 104 -3.07 55.35 4.83
C ALA K 104 -2.59 54.08 5.51
N GLY K 105 -2.21 54.20 6.77
CA GLY K 105 -1.98 53.01 7.57
C GLY K 105 -3.34 52.43 7.80
N VAL K 106 -3.42 51.21 8.30
CA VAL K 106 -4.72 50.71 8.71
C VAL K 106 -5.14 51.54 9.92
N LYS K 107 -6.41 51.90 9.99
CA LYS K 107 -6.90 52.52 11.20
C LYS K 107 -7.10 51.38 12.20
N ASP K 108 -7.07 51.70 13.49
CA ASP K 108 -7.48 50.74 14.51
C ASP K 108 -6.54 49.58 14.71
N ARG K 109 -5.55 49.43 13.83
CA ARG K 109 -4.60 48.32 13.97
C ARG K 109 -3.71 48.53 15.21
N LYS K 110 -3.67 47.53 16.08
CA LYS K 110 -2.92 47.68 17.32
C LYS K 110 -1.77 46.69 17.45
N LYS K 111 -1.70 45.72 16.53
CA LYS K 111 -0.66 44.69 16.60
C LYS K 111 0.58 44.86 15.69
N SER K 112 0.70 44.09 14.61
CA SER K 112 1.94 44.15 13.83
C SER K 112 2.06 45.51 13.15
N ARG K 113 1.99 46.60 13.90
CA ARG K 113 1.74 47.92 13.31
C ARG K 113 2.75 48.39 12.25
N SER K 114 4.04 48.05 12.40
CA SER K 114 5.03 48.63 11.50
C SER K 114 4.83 48.07 10.11
N LYS K 115 4.25 46.88 10.05
CA LYS K 115 3.94 46.26 8.76
C LYS K 115 2.65 46.82 8.14
N TYR K 116 2.10 47.89 8.71
CA TYR K 116 0.83 48.44 8.21
C TYR K 116 0.77 49.95 8.38
N GLY K 117 1.93 50.55 8.62
CA GLY K 117 2.04 51.99 8.76
C GLY K 117 1.26 52.67 9.88
N THR K 118 0.80 51.91 10.85
CA THR K 118 0.07 52.51 11.95
C THR K 118 0.98 52.91 13.12
N LYS K 119 0.85 54.17 13.54
CA LYS K 119 1.71 54.72 14.59
C LYS K 119 1.15 54.32 15.95
N LYS K 120 2.02 54.34 16.97
CA LYS K 120 1.69 53.82 18.29
C LYS K 120 0.79 54.75 19.06
N PRO K 121 -0.46 54.30 19.32
CA PRO K 121 -1.51 55.08 19.98
C PRO K 121 -1.30 55.25 21.49
N LYS K 122 -1.70 56.41 21.99
CA LYS K 122 -1.50 56.80 23.38
C LYS K 122 -2.63 56.21 24.21
N GLU K 123 -2.45 56.21 25.54
CA GLU K 123 -3.53 55.88 26.48
C GLU K 123 -3.98 54.40 26.41
N ALA K 124 -3.28 53.62 25.59
CA ALA K 124 -3.64 52.22 25.32
C ALA K 124 -3.65 51.33 26.57
N ALA L 1 -93.71 -16.87 -13.55
CA ALA L 1 -94.91 -16.75 -12.73
C ALA L 1 -95.10 -15.31 -12.29
N ARG L 2 -95.97 -14.58 -12.98
CA ARG L 2 -96.03 -13.12 -12.81
C ARG L 2 -96.48 -12.68 -11.41
N ILE L 3 -95.51 -12.22 -10.61
CA ILE L 3 -95.79 -11.68 -9.28
C ILE L 3 -95.09 -10.35 -9.12
N ALA L 4 -95.75 -9.43 -8.42
CA ALA L 4 -95.17 -8.12 -8.07
C ALA L 4 -94.78 -7.21 -9.24
N GLY L 5 -94.99 -7.68 -10.46
CA GLY L 5 -94.66 -6.93 -11.66
C GLY L 5 -93.73 -7.69 -12.58
N VAL L 6 -92.82 -8.47 -12.00
CA VAL L 6 -91.82 -9.19 -12.78
C VAL L 6 -92.11 -10.68 -12.86
N GLU L 7 -91.94 -11.24 -14.06
CA GLU L 7 -91.99 -12.69 -14.27
C GLU L 7 -90.76 -13.29 -13.61
N ILE L 8 -90.98 -13.93 -12.47
CA ILE L 8 -89.92 -14.67 -11.81
C ILE L 8 -89.70 -15.87 -12.69
N PRO L 9 -88.47 -16.40 -12.70
CA PRO L 9 -88.14 -17.47 -13.65
C PRO L 9 -88.56 -18.85 -13.17
N ARG L 10 -89.29 -19.57 -14.02
CA ARG L 10 -89.56 -20.98 -13.79
C ARG L 10 -88.25 -21.73 -13.84
N ASN L 11 -88.29 -23.05 -13.69
CA ASN L 11 -87.07 -23.89 -13.64
C ASN L 11 -86.25 -23.72 -12.35
N LYS L 12 -86.34 -22.54 -11.73
CA LYS L 12 -85.64 -22.23 -10.48
C LYS L 12 -86.59 -22.30 -9.27
N ARG L 13 -86.18 -23.04 -8.24
CA ARG L 13 -86.98 -23.27 -7.03
C ARG L 13 -87.58 -21.97 -6.54
N VAL L 14 -88.76 -22.02 -5.94
CA VAL L 14 -89.49 -20.80 -5.54
C VAL L 14 -88.77 -19.98 -4.48
N ASP L 15 -88.14 -20.68 -3.54
CA ASP L 15 -87.34 -20.04 -2.49
C ASP L 15 -86.23 -19.13 -3.06
N VAL L 16 -85.69 -19.52 -4.22
CA VAL L 16 -84.79 -18.66 -4.97
C VAL L 16 -85.57 -17.61 -5.77
N ALA L 17 -86.49 -18.11 -6.59
CA ALA L 17 -87.20 -17.35 -7.60
C ALA L 17 -87.59 -15.95 -7.18
N LEU L 18 -88.12 -15.82 -5.97
CA LEU L 18 -88.68 -14.55 -5.56
C LEU L 18 -87.63 -13.44 -5.38
N THR L 19 -86.36 -13.83 -5.23
CA THR L 19 -85.25 -12.89 -5.02
C THR L 19 -85.15 -11.83 -6.11
N TYR L 20 -85.59 -12.21 -7.31
CA TYR L 20 -85.49 -11.40 -8.54
C TYR L 20 -86.42 -10.17 -8.56
N ILE L 21 -87.36 -10.15 -7.60
CA ILE L 21 -88.19 -9.00 -7.32
C ILE L 21 -87.38 -8.05 -6.46
N TYR L 22 -87.71 -6.76 -6.51
CA TYR L 22 -86.91 -5.78 -5.82
C TYR L 22 -86.88 -6.08 -4.33
N GLY L 23 -87.93 -5.74 -3.60
CA GLY L 23 -87.88 -5.89 -2.16
C GLY L 23 -87.78 -7.30 -1.56
N ILE L 24 -87.38 -8.30 -2.35
CA ILE L 24 -87.25 -9.64 -1.80
C ILE L 24 -85.84 -10.18 -1.87
N GLY L 25 -85.29 -10.45 -0.70
CA GLY L 25 -84.01 -11.10 -0.57
C GLY L 25 -84.27 -12.48 -0.02
N LYS L 26 -83.20 -13.14 0.40
CA LYS L 26 -83.25 -14.56 0.78
C LYS L 26 -84.34 -14.84 1.82
N ALA L 27 -84.40 -13.99 2.84
CA ALA L 27 -85.23 -14.26 4.02
C ALA L 27 -86.71 -14.01 3.77
N ARG L 28 -87.01 -12.85 3.19
CA ARG L 28 -88.39 -12.41 2.98
C ARG L 28 -89.08 -13.44 2.14
N ALA L 29 -88.33 -14.02 1.22
CA ALA L 29 -88.82 -15.08 0.34
C ALA L 29 -89.21 -16.32 1.14
N LYS L 30 -88.25 -16.86 1.89
CA LYS L 30 -88.52 -18.06 2.69
C LYS L 30 -89.57 -17.83 3.79
N GLU L 31 -89.79 -16.58 4.20
CA GLU L 31 -90.92 -16.22 5.07
C GLU L 31 -92.26 -16.32 4.35
N ALA L 32 -92.26 -15.92 3.09
CA ALA L 32 -93.47 -15.94 2.27
C ALA L 32 -93.93 -17.34 1.90
N LEU L 33 -92.97 -18.27 1.80
CA LEU L 33 -93.31 -19.63 1.43
C LEU L 33 -93.78 -20.45 2.62
N GLU L 34 -93.47 -19.96 3.81
CA GLU L 34 -94.06 -20.53 5.03
C GLU L 34 -95.49 -20.04 5.17
N LYS L 35 -95.64 -18.72 5.30
CA LYS L 35 -96.94 -18.07 5.53
C LYS L 35 -98.02 -18.47 4.50
N THR L 36 -97.60 -18.96 3.34
CA THR L 36 -98.52 -19.45 2.32
C THR L 36 -98.41 -20.98 2.18
N GLY L 37 -97.57 -21.60 3.00
CA GLY L 37 -97.48 -23.04 3.12
C GLY L 37 -97.21 -23.82 1.84
N ILE L 38 -95.99 -23.69 1.33
CA ILE L 38 -95.60 -24.29 0.07
C ILE L 38 -94.19 -24.88 0.16
N ASN L 39 -94.02 -26.12 -0.26
CA ASN L 39 -92.66 -26.66 -0.40
C ASN L 39 -91.88 -25.74 -1.35
N PRO L 40 -90.82 -25.08 -0.84
CA PRO L 40 -90.03 -24.13 -1.62
C PRO L 40 -89.23 -24.85 -2.69
N ALA L 41 -88.81 -26.08 -2.35
CA ALA L 41 -87.99 -26.92 -3.21
C ALA L 41 -88.58 -27.21 -4.61
N THR L 42 -89.90 -27.16 -4.72
CA THR L 42 -90.55 -27.40 -6.01
C THR L 42 -90.29 -26.24 -6.94
N ARG L 43 -90.10 -26.57 -8.20
CA ARG L 43 -89.79 -25.59 -9.24
C ARG L 43 -90.97 -24.65 -9.42
N VAL L 44 -90.76 -23.56 -10.14
CA VAL L 44 -91.84 -22.59 -10.34
C VAL L 44 -92.88 -23.11 -11.33
N LYS L 45 -92.43 -23.82 -12.36
CA LYS L 45 -93.35 -24.36 -13.37
C LYS L 45 -94.15 -25.56 -12.86
N ASP L 46 -93.99 -25.86 -11.57
CA ASP L 46 -94.68 -27.00 -10.94
C ASP L 46 -95.60 -26.51 -9.82
N LEU L 47 -96.34 -25.45 -10.10
CA LEU L 47 -97.18 -24.79 -9.10
C LEU L 47 -98.67 -24.96 -9.41
N THR L 48 -99.51 -24.90 -8.39
CA THR L 48 -100.95 -24.81 -8.66
C THR L 48 -101.18 -23.39 -9.11
N GLU L 49 -102.11 -23.22 -10.04
CA GLU L 49 -102.49 -21.90 -10.51
C GLU L 49 -102.98 -21.08 -9.31
N ALA L 50 -103.60 -21.77 -8.35
CA ALA L 50 -104.12 -21.12 -7.15
C ALA L 50 -103.08 -21.06 -6.02
N GLU L 51 -102.05 -21.91 -6.11
CA GLU L 51 -100.89 -21.85 -5.21
C GLU L 51 -100.17 -20.55 -5.47
N VAL L 52 -99.93 -20.32 -6.75
CA VAL L 52 -99.35 -19.09 -7.26
C VAL L 52 -100.12 -17.84 -6.80
N VAL L 53 -101.44 -17.91 -6.86
CA VAL L 53 -102.27 -16.78 -6.47
C VAL L 53 -102.05 -16.43 -5.03
N ARG L 54 -102.00 -17.44 -4.15
CA ARG L 54 -101.76 -17.23 -2.72
C ARG L 54 -100.44 -16.49 -2.49
N LEU L 55 -99.43 -16.90 -3.24
CA LEU L 55 -98.11 -16.31 -3.20
C LEU L 55 -98.16 -14.84 -3.62
N ARG L 56 -98.81 -14.58 -4.74
CA ARG L 56 -99.06 -13.22 -5.22
C ARG L 56 -99.79 -12.35 -4.18
N GLU L 57 -100.77 -12.91 -3.46
CA GLU L 57 -101.51 -12.17 -2.43
C GLU L 57 -100.54 -11.59 -1.44
N TYR L 58 -99.91 -12.52 -0.71
CA TYR L 58 -99.04 -12.19 0.40
C TYR L 58 -97.94 -11.26 -0.04
N VAL L 59 -97.16 -11.72 -1.01
CA VAL L 59 -96.01 -10.99 -1.46
C VAL L 59 -96.36 -9.57 -1.88
N GLU L 60 -97.34 -9.44 -2.77
CA GLU L 60 -97.68 -8.12 -3.30
C GLU L 60 -98.24 -7.19 -2.24
N ASN L 61 -98.88 -7.74 -1.20
CA ASN L 61 -99.59 -6.85 -0.28
C ASN L 61 -98.91 -6.36 1.01
N THR L 62 -98.23 -7.26 1.73
CA THR L 62 -97.54 -6.86 2.96
C THR L 62 -96.37 -5.89 2.74
N TRP L 63 -95.42 -6.28 1.89
CA TRP L 63 -94.22 -5.49 1.71
C TRP L 63 -94.31 -4.42 0.62
N LYS L 64 -93.66 -3.30 0.88
CA LYS L 64 -93.48 -2.29 -0.15
C LYS L 64 -92.38 -2.82 -1.07
N LEU L 65 -92.73 -3.12 -2.31
CA LEU L 65 -91.78 -3.75 -3.25
C LEU L 65 -91.48 -2.97 -4.52
N GLU L 66 -90.98 -3.71 -5.51
CA GLU L 66 -90.52 -3.20 -6.82
C GLU L 66 -90.26 -1.71 -6.96
N GLY L 67 -90.67 -1.16 -8.10
CA GLY L 67 -90.38 0.22 -8.45
C GLY L 67 -91.05 1.19 -7.51
N GLU L 68 -92.03 0.66 -6.79
CA GLU L 68 -92.73 1.37 -5.75
C GLU L 68 -91.79 1.57 -4.53
N LEU L 69 -90.80 0.68 -4.40
CA LEU L 69 -89.77 0.77 -3.34
C LEU L 69 -88.60 1.64 -3.78
N ARG L 70 -88.27 1.52 -5.06
CA ARG L 70 -87.29 2.38 -5.71
C ARG L 70 -87.71 3.83 -5.49
N ALA L 71 -89.01 4.08 -5.53
CA ALA L 71 -89.56 5.37 -5.17
C ALA L 71 -89.05 5.89 -3.82
N GLU L 72 -89.27 5.10 -2.77
CA GLU L 72 -89.02 5.56 -1.42
C GLU L 72 -87.53 5.74 -1.15
N VAL L 73 -86.72 4.82 -1.65
CA VAL L 73 -85.28 4.95 -1.47
C VAL L 73 -84.76 6.19 -2.19
N ALA L 74 -85.25 6.39 -3.42
CA ALA L 74 -84.87 7.54 -4.23
C ALA L 74 -85.19 8.85 -3.55
N ALA L 75 -86.46 8.98 -3.15
CA ALA L 75 -86.98 10.19 -2.50
C ALA L 75 -86.50 10.32 -1.04
N ASN L 76 -85.85 9.28 -0.55
CA ASN L 76 -85.20 9.32 0.75
C ASN L 76 -83.87 10.07 0.65
N ILE L 77 -83.08 9.72 -0.36
CA ILE L 77 -81.82 10.40 -0.59
C ILE L 77 -82.11 11.84 -0.96
N LYS L 78 -83.17 11.98 -1.76
CA LYS L 78 -83.65 13.26 -2.23
C LYS L 78 -83.91 14.16 -1.04
N ARG L 79 -84.64 13.66 -0.05
CA ARG L 79 -84.84 14.36 1.22
C ARG L 79 -83.50 14.86 1.76
N LEU L 80 -82.54 13.94 1.88
CA LEU L 80 -81.26 14.24 2.50
C LEU L 80 -80.51 15.37 1.84
N MET L 81 -80.55 15.40 0.51
CA MET L 81 -79.88 16.47 -0.22
C MET L 81 -80.61 17.79 0.03
N ASP L 82 -81.94 17.73 -0.03
CA ASP L 82 -82.77 18.92 0.11
C ASP L 82 -82.62 19.47 1.52
N ILE L 83 -82.34 18.59 2.46
CA ILE L 83 -82.11 19.01 3.84
C ILE L 83 -80.83 19.83 3.93
N GLY L 84 -79.81 19.41 3.19
CA GLY L 84 -78.51 20.06 3.22
C GLY L 84 -77.63 19.57 4.35
N CYS L 85 -77.77 18.29 4.69
CA CYS L 85 -76.98 17.65 5.73
C CYS L 85 -75.75 16.97 5.11
N TYR L 86 -74.79 16.58 5.94
CA TYR L 86 -73.53 16.01 5.46
C TYR L 86 -73.76 14.84 4.51
N ARG L 87 -74.51 13.85 4.98
CA ARG L 87 -74.82 12.69 4.17
C ARG L 87 -75.41 13.17 2.86
N GLY L 88 -76.08 14.31 2.89
CA GLY L 88 -76.58 14.92 1.68
C GLY L 88 -75.48 15.26 0.68
N LEU L 89 -74.51 16.07 1.10
CA LEU L 89 -73.42 16.50 0.22
C LEU L 89 -72.68 15.27 -0.31
N ARG L 90 -72.47 14.30 0.56
CA ARG L 90 -71.74 13.11 0.16
C ARG L 90 -72.52 12.40 -0.94
N HIS L 91 -73.84 12.42 -0.85
CA HIS L 91 -74.67 11.79 -1.88
C HIS L 91 -74.60 12.55 -3.18
N ARG L 92 -74.76 13.87 -3.06
CA ARG L 92 -74.64 14.80 -4.17
C ARG L 92 -73.31 14.69 -4.96
N ARG L 93 -72.19 14.81 -4.27
CA ARG L 93 -70.88 14.77 -4.91
C ARG L 93 -70.45 13.35 -5.36
N GLY L 94 -71.32 12.38 -5.12
CA GLY L 94 -71.02 10.99 -5.43
C GLY L 94 -69.78 10.47 -4.72
N LEU L 95 -69.72 10.69 -3.41
CA LEU L 95 -68.63 10.19 -2.56
C LEU L 95 -69.15 9.12 -1.61
N PRO L 96 -68.26 8.52 -0.80
CA PRO L 96 -68.85 7.63 0.21
C PRO L 96 -69.58 8.43 1.28
N VAL L 97 -70.48 7.72 1.94
CA VAL L 97 -71.52 8.32 2.75
C VAL L 97 -71.43 7.84 4.21
N ARG L 98 -71.15 6.56 4.41
CA ARG L 98 -71.06 5.99 5.77
C ARG L 98 -69.69 6.19 6.44
N GLY L 99 -68.82 6.96 5.79
CA GLY L 99 -67.59 7.42 6.41
C GLY L 99 -66.29 6.70 6.06
N GLN L 100 -66.11 6.31 4.80
CA GLN L 100 -64.90 5.57 4.42
C GLN L 100 -63.74 6.48 4.05
N ARG L 101 -62.55 5.90 3.86
CA ARG L 101 -61.46 6.66 3.27
C ARG L 101 -61.63 6.91 1.76
N THR L 102 -60.99 8.00 1.30
CA THR L 102 -61.15 8.53 -0.05
C THR L 102 -59.79 8.82 -0.68
N ARG L 103 -58.75 8.68 0.11
CA ARG L 103 -57.45 8.96 -0.40
C ARG L 103 -56.99 7.79 -1.25
N THR L 104 -57.56 6.63 -1.00
CA THR L 104 -57.32 5.50 -1.86
C THR L 104 -58.71 5.00 -2.06
N ASN L 105 -58.84 3.80 -2.60
CA ASN L 105 -60.12 3.13 -2.84
C ASN L 105 -61.34 4.01 -3.09
N ALA L 106 -62.40 3.73 -2.36
CA ALA L 106 -63.64 4.47 -2.54
C ALA L 106 -64.12 4.47 -4.01
N ARG L 107 -63.88 3.36 -4.70
CA ARG L 107 -64.12 3.27 -6.13
C ARG L 107 -65.57 3.02 -6.53
N THR L 108 -66.28 2.17 -5.80
CA THR L 108 -67.64 1.89 -6.24
C THR L 108 -68.48 3.18 -6.27
N ARG L 109 -68.11 4.14 -5.43
CA ARG L 109 -68.82 5.42 -5.36
C ARG L 109 -68.42 6.43 -6.44
N LYS L 110 -67.18 6.37 -6.91
CA LYS L 110 -66.71 7.31 -7.91
C LYS L 110 -66.55 6.69 -9.29
N GLY L 111 -67.05 5.47 -9.48
CA GLY L 111 -66.85 4.74 -10.74
C GLY L 111 -65.38 4.63 -11.13
N PRO L 112 -65.11 4.31 -12.40
CA PRO L 112 -63.73 4.10 -12.87
C PRO L 112 -62.81 5.30 -12.67
N ARG L 113 -61.51 5.06 -12.81
CA ARG L 113 -60.47 5.94 -12.29
C ARG L 113 -59.94 6.99 -13.26
N LYS L 114 -60.32 8.24 -13.02
CA LYS L 114 -59.96 9.35 -13.89
C LYS L 114 -58.52 9.88 -13.66
N THR L 115 -57.55 9.08 -14.12
CA THR L 115 -56.12 9.35 -13.93
C THR L 115 -55.76 10.78 -14.36
N VAL L 116 -54.89 11.45 -13.62
CA VAL L 116 -54.49 12.80 -14.01
C VAL L 116 -52.96 12.90 -13.98
N ALA L 117 -52.39 14.10 -14.18
CA ALA L 117 -50.94 14.27 -14.08
C ALA L 117 -50.44 14.02 -12.66
N GLY L 118 -49.17 14.36 -12.43
CA GLY L 118 -48.54 14.06 -11.17
C GLY L 118 -47.09 14.40 -11.33
N LYS L 119 -46.32 14.28 -10.27
CA LYS L 119 -44.98 14.87 -10.29
C LYS L 119 -43.83 13.86 -10.20
N LYS L 120 -42.59 14.38 -10.16
CA LYS L 120 -41.36 13.57 -10.14
C LYS L 120 -40.67 13.40 -8.76
N LYS L 121 -40.87 12.23 -8.13
CA LYS L 121 -40.34 11.92 -6.79
C LYS L 121 -39.56 10.59 -6.76
N ALA L 122 -38.57 10.45 -5.86
CA ALA L 122 -38.21 11.46 -4.86
C ALA L 122 -36.90 12.21 -5.16
N PRO L 123 -35.81 11.50 -5.50
CA PRO L 123 -34.64 12.24 -5.96
C PRO L 123 -34.53 12.27 -7.48
N ARG L 124 -34.72 13.44 -8.08
CA ARG L 124 -34.67 13.64 -9.54
C ARG L 124 -35.82 12.97 -10.32
N LYS L 125 -35.61 11.73 -10.74
CA LYS L 125 -36.62 11.01 -11.50
C LYS L 125 -36.59 9.50 -11.22
N ALA M 1 -43.70 13.17 25.93
CA ALA M 1 -43.58 13.31 27.37
C ALA M 1 -43.29 14.74 27.79
N ARG M 2 -44.03 15.70 27.24
CA ARG M 2 -44.01 17.08 27.73
C ARG M 2 -44.47 17.07 29.18
N LYS M 3 -43.91 17.95 30.03
CA LYS M 3 -44.12 17.82 31.47
C LYS M 3 -45.60 17.85 31.90
N ALA M 4 -46.33 18.84 31.40
CA ALA M 4 -47.75 19.02 31.75
C ALA M 4 -48.61 17.79 31.52
N LEU M 5 -48.36 17.10 30.41
CA LEU M 5 -49.17 15.95 30.06
C LEU M 5 -48.86 14.73 30.92
N ILE M 6 -47.72 14.75 31.60
CA ILE M 6 -47.41 13.67 32.53
C ILE M 6 -48.22 13.88 33.79
N GLU M 7 -48.44 15.16 34.11
CA GLU M 7 -49.21 15.57 35.28
C GLU M 7 -50.68 15.45 34.99
N LYS M 8 -51.09 16.02 33.85
CA LYS M 8 -52.45 15.83 33.38
C LYS M 8 -52.81 14.34 33.41
N ALA M 9 -51.84 13.49 33.07
CA ALA M 9 -52.05 12.04 33.06
C ALA M 9 -52.64 11.53 34.37
N LYS M 10 -52.27 12.21 35.47
CA LYS M 10 -52.53 11.78 36.85
C LYS M 10 -53.79 12.40 37.41
N ARG M 11 -54.02 13.65 37.03
CA ARG M 11 -55.28 14.36 37.27
C ARG M 11 -56.49 13.48 37.00
N THR M 12 -57.26 13.16 38.03
CA THR M 12 -58.50 12.43 37.81
C THR M 12 -59.50 13.36 37.07
N PRO M 13 -59.80 13.04 35.80
CA PRO M 13 -60.39 13.95 34.81
C PRO M 13 -61.90 14.06 34.88
N LYS M 14 -62.47 14.95 34.06
CA LYS M 14 -63.90 15.28 34.13
C LYS M 14 -64.79 14.08 33.81
N PHE M 15 -64.23 13.10 33.10
CA PHE M 15 -64.96 11.89 32.71
C PHE M 15 -64.07 10.66 32.79
N LYS M 16 -64.66 9.54 33.21
CA LYS M 16 -63.95 8.29 33.47
C LYS M 16 -63.09 7.83 32.29
N VAL M 17 -63.41 8.38 31.14
CA VAL M 17 -62.98 7.85 29.85
C VAL M 17 -61.79 8.58 29.25
N ARG M 18 -61.51 9.78 29.73
CA ARG M 18 -60.21 10.39 29.44
C ARG M 18 -59.06 9.77 30.28
N ALA M 19 -59.33 8.63 30.91
CA ALA M 19 -58.30 7.85 31.57
C ALA M 19 -57.31 7.27 30.54
N TYR M 20 -56.04 7.69 30.62
CA TYR M 20 -55.04 7.06 29.75
C TYR M 20 -53.73 6.83 30.47
N THR M 21 -53.02 5.74 30.15
CA THR M 21 -51.72 5.44 30.79
C THR M 21 -50.53 6.03 30.06
N ARG M 22 -49.54 6.45 30.85
CA ARG M 22 -48.21 6.76 30.36
C ARG M 22 -47.20 5.93 31.16
N CYS M 23 -45.94 5.96 30.73
CA CYS M 23 -44.90 5.21 31.41
C CYS M 23 -44.55 5.88 32.74
N VAL M 24 -44.58 5.11 33.82
CA VAL M 24 -44.12 5.63 35.12
C VAL M 24 -42.71 6.23 35.04
N ARG M 25 -41.86 5.73 34.14
CA ARG M 25 -40.55 6.35 33.89
C ARG M 25 -40.58 7.56 32.94
N CYS M 26 -40.31 7.31 31.66
CA CYS M 26 -40.15 8.34 30.61
C CYS M 26 -41.38 9.20 30.39
N GLY M 27 -42.54 8.64 30.71
CA GLY M 27 -43.80 9.35 30.56
C GLY M 27 -44.43 9.08 29.20
N ARG M 28 -43.71 8.32 28.38
CA ARG M 28 -44.16 7.93 27.04
C ARG M 28 -45.63 7.51 27.05
N ALA M 29 -46.40 8.05 26.12
CA ALA M 29 -47.83 7.76 26.05
C ALA M 29 -48.10 6.41 25.44
N ARG M 30 -47.26 6.02 24.49
CA ARG M 30 -47.68 5.08 23.45
C ARG M 30 -47.56 3.58 23.70
N SER M 31 -46.37 3.03 23.90
CA SER M 31 -46.48 1.58 24.01
C SER M 31 -46.47 1.05 25.43
N VAL M 32 -47.42 1.52 26.24
CA VAL M 32 -47.42 1.24 27.69
C VAL M 32 -48.11 -0.07 28.14
N TYR M 33 -47.35 -0.92 28.80
CA TYR M 33 -47.82 -2.22 29.25
C TYR M 33 -48.53 -2.09 30.59
N ARG M 34 -49.83 -2.39 30.61
CA ARG M 34 -50.46 -2.67 31.89
C ARG M 34 -49.69 -3.88 32.38
N PHE M 35 -49.56 -3.98 33.70
CA PHE M 35 -48.76 -4.97 34.41
C PHE M 35 -47.48 -4.33 34.91
N PHE M 36 -46.85 -3.51 34.10
CA PHE M 36 -45.65 -2.86 34.60
C PHE M 36 -45.82 -1.36 34.72
N GLY M 37 -46.78 -0.80 34.00
CA GLY M 37 -46.89 0.65 33.87
C GLY M 37 -45.68 1.25 33.17
N LEU M 38 -45.01 0.41 32.39
CA LEU M 38 -43.84 0.81 31.62
C LEU M 38 -44.05 0.67 30.10
N CYS M 39 -43.35 1.48 29.33
CA CYS M 39 -43.39 1.34 27.88
C CYS M 39 -42.46 0.24 27.42
N ARG M 40 -42.52 -0.04 26.13
CA ARG M 40 -41.81 -1.17 25.57
C ARG M 40 -40.36 -0.81 25.39
N ILE M 41 -40.02 0.44 25.65
CA ILE M 41 -38.61 0.79 25.66
C ILE M 41 -38.04 0.51 27.04
N CYS M 42 -38.74 1.06 28.04
CA CYS M 42 -38.33 0.99 29.44
C CYS M 42 -38.33 -0.45 29.93
N LEU M 43 -39.40 -1.18 29.59
CA LEU M 43 -39.47 -2.62 29.82
C LEU M 43 -38.18 -3.28 29.41
N ARG M 44 -37.80 -3.05 28.16
CA ARG M 44 -36.62 -3.66 27.56
C ARG M 44 -35.38 -3.37 28.39
N GLU M 45 -35.23 -2.09 28.74
CA GLU M 45 -34.10 -1.58 29.51
C GLU M 45 -34.03 -2.11 30.90
N LEU M 46 -35.13 -2.01 31.62
CA LEU M 46 -35.10 -2.47 33.00
C LEU M 46 -34.99 -3.99 33.03
N ALA M 47 -35.50 -4.66 32.01
CA ALA M 47 -35.48 -6.11 31.99
C ALA M 47 -34.03 -6.62 31.93
N HIS M 48 -33.19 -5.90 31.20
CA HIS M 48 -31.81 -6.31 30.99
C HIS M 48 -30.99 -5.99 32.20
N LYS M 49 -31.34 -4.90 32.88
CA LYS M 49 -30.66 -4.49 34.10
C LYS M 49 -30.83 -5.55 35.18
N GLY M 50 -31.98 -6.22 35.14
CA GLY M 50 -32.32 -7.31 36.05
C GLY M 50 -33.25 -6.84 37.15
N GLN M 51 -33.86 -5.67 36.92
CA GLN M 51 -34.64 -4.96 37.93
C GLN M 51 -36.15 -5.18 37.79
N LEU M 52 -36.55 -5.99 36.82
CA LEU M 52 -37.91 -6.52 36.78
C LEU M 52 -37.79 -7.95 37.24
N PRO M 53 -38.31 -8.25 38.44
CA PRO M 53 -38.09 -9.55 39.10
C PRO M 53 -38.70 -10.67 38.28
N GLY M 54 -38.10 -11.85 38.31
CA GLY M 54 -38.63 -12.99 37.57
C GLY M 54 -38.81 -12.81 36.06
N VAL M 55 -38.47 -11.63 35.53
CA VAL M 55 -38.52 -11.38 34.10
C VAL M 55 -37.23 -11.86 33.42
N ARG M 56 -37.32 -13.02 32.79
CA ARG M 56 -36.23 -13.64 32.06
C ARG M 56 -36.33 -13.23 30.59
N LYS M 57 -35.30 -13.52 29.83
CA LYS M 57 -35.42 -13.41 28.40
C LYS M 57 -35.96 -14.74 27.82
N ALA M 58 -36.99 -14.66 26.98
CA ALA M 58 -37.59 -15.88 26.38
C ALA M 58 -36.81 -16.47 25.20
N SER M 59 -37.17 -17.70 24.84
CA SER M 59 -36.38 -18.52 23.95
C SER M 59 -36.99 -19.92 23.85
N TRP M 60 -37.63 -20.22 22.72
CA TRP M 60 -38.26 -21.53 22.55
C TRP M 60 -38.32 -22.02 21.09
N PRO N 1 36.81 -14.85 -56.52
CA PRO N 1 37.60 -14.58 -55.31
C PRO N 1 39.07 -14.29 -55.63
N ILE N 2 39.94 -14.63 -54.68
CA ILE N 2 41.36 -14.72 -54.94
C ILE N 2 41.73 -16.15 -54.62
N THR N 3 42.33 -16.86 -55.56
CA THR N 3 42.74 -18.24 -55.27
C THR N 3 44.07 -18.22 -54.54
N LYS N 4 44.35 -19.29 -53.81
CA LYS N 4 45.52 -19.37 -52.95
C LYS N 4 46.75 -19.03 -53.77
N GLU N 5 46.78 -19.65 -54.94
CA GLU N 5 47.85 -19.51 -55.91
C GLU N 5 48.11 -18.06 -56.29
N GLU N 6 47.03 -17.29 -56.48
CA GLU N 6 47.07 -15.87 -56.85
C GLU N 6 47.71 -15.04 -55.75
N LYS N 7 47.14 -15.20 -54.56
CA LYS N 7 47.51 -14.43 -53.38
C LYS N 7 48.92 -14.75 -52.95
N GLN N 8 49.28 -16.02 -53.03
CA GLN N 8 50.62 -16.42 -52.67
C GLN N 8 51.69 -15.67 -53.49
N LYS N 9 51.40 -15.41 -54.76
CA LYS N 9 52.35 -14.74 -55.65
C LYS N 9 52.51 -13.27 -55.29
N VAL N 10 51.53 -12.73 -54.57
CA VAL N 10 51.57 -11.37 -54.05
C VAL N 10 52.51 -11.33 -52.89
N ILE N 11 52.27 -12.28 -51.98
CA ILE N 11 53.08 -12.48 -50.80
C ILE N 11 54.56 -12.53 -51.16
N GLN N 12 54.91 -13.43 -52.09
CA GLN N 12 56.28 -13.64 -52.50
C GLN N 12 56.85 -12.43 -53.19
N GLU N 13 55.96 -11.63 -53.77
CA GLU N 13 56.39 -10.41 -54.43
C GLU N 13 56.85 -9.38 -53.43
N PHE N 14 56.12 -9.22 -52.34
CA PHE N 14 56.47 -8.17 -51.39
C PHE N 14 57.29 -8.62 -50.19
N ALA N 15 57.32 -9.94 -49.97
CA ALA N 15 58.05 -10.56 -48.86
C ALA N 15 59.44 -9.96 -48.62
N ARG N 16 59.60 -9.35 -47.44
CA ARG N 16 60.84 -8.69 -47.04
C ARG N 16 62.08 -9.59 -46.97
N PHE N 17 61.86 -10.91 -47.01
CA PHE N 17 62.92 -11.90 -47.00
C PHE N 17 62.22 -13.22 -47.19
N PRO N 18 62.94 -14.21 -47.74
CA PRO N 18 62.37 -15.55 -47.99
C PRO N 18 61.60 -16.10 -46.78
N GLY N 19 60.29 -16.30 -46.94
CA GLY N 19 59.44 -16.89 -45.92
C GLY N 19 58.58 -15.96 -45.06
N ASP N 20 58.81 -14.66 -45.19
CA ASP N 20 58.04 -13.66 -44.48
C ASP N 20 56.56 -13.76 -44.87
N THR N 21 55.80 -14.56 -44.11
CA THR N 21 54.38 -14.72 -44.39
C THR N 21 53.54 -13.48 -44.07
N GLY N 22 54.09 -12.48 -43.37
CA GLY N 22 53.30 -11.29 -43.09
C GLY N 22 53.88 -10.08 -42.35
N SER N 23 54.92 -9.45 -42.91
CA SER N 23 55.43 -8.15 -42.41
C SER N 23 54.42 -7.03 -42.65
N THR N 24 54.89 -5.80 -42.55
CA THR N 24 54.02 -4.66 -42.82
C THR N 24 53.68 -4.60 -44.33
N GLU N 25 54.73 -4.57 -45.15
CA GLU N 25 54.61 -4.46 -46.59
C GLU N 25 53.69 -5.52 -47.15
N VAL N 26 53.83 -6.73 -46.63
CA VAL N 26 53.02 -7.84 -47.10
C VAL N 26 51.54 -7.62 -46.75
N GLN N 27 51.29 -7.10 -45.55
CA GLN N 27 49.92 -6.91 -45.07
C GLN N 27 49.28 -5.85 -45.92
N VAL N 28 50.02 -4.78 -46.18
CA VAL N 28 49.52 -3.72 -47.02
C VAL N 28 49.22 -4.29 -48.40
N ALA N 29 50.13 -5.11 -48.92
CA ALA N 29 49.98 -5.72 -50.25
C ALA N 29 48.71 -6.55 -50.39
N LEU N 30 48.64 -7.63 -49.63
CA LEU N 30 47.45 -8.48 -49.57
C LEU N 30 46.16 -7.70 -49.34
N LEU N 31 46.26 -6.63 -48.55
CA LEU N 31 45.11 -5.81 -48.30
C LEU N 31 44.78 -4.97 -49.53
N THR N 32 45.81 -4.38 -50.14
CA THR N 32 45.64 -3.59 -51.36
C THR N 32 44.95 -4.40 -52.44
N LEU N 33 45.37 -5.66 -52.59
CA LEU N 33 44.67 -6.59 -53.45
C LEU N 33 43.20 -6.56 -53.11
N ARG N 34 42.83 -7.17 -51.99
CA ARG N 34 41.44 -7.37 -51.61
C ARG N 34 40.56 -6.15 -51.90
N ILE N 35 41.18 -4.97 -51.84
CA ILE N 35 40.47 -3.71 -52.01
C ILE N 35 40.13 -3.40 -53.46
N ASN N 36 41.15 -3.39 -54.31
CA ASN N 36 40.91 -3.23 -55.74
C ASN N 36 39.88 -4.28 -56.16
N ARG N 37 40.15 -5.53 -55.81
CA ARG N 37 39.29 -6.66 -56.14
C ARG N 37 37.83 -6.39 -55.78
N LEU N 38 37.62 -5.89 -54.55
CA LEU N 38 36.29 -5.53 -54.02
C LEU N 38 35.73 -4.23 -54.61
N SER N 39 36.59 -3.24 -54.75
CA SER N 39 36.18 -2.00 -55.37
C SER N 39 35.62 -2.27 -56.76
N GLU N 40 36.27 -3.16 -57.52
CA GLU N 40 35.82 -3.44 -58.87
C GLU N 40 34.44 -4.05 -58.84
N HIS N 41 34.25 -5.01 -57.95
CA HIS N 41 32.92 -5.55 -57.72
C HIS N 41 31.89 -4.45 -57.43
N LEU N 42 32.34 -3.36 -56.82
CA LEU N 42 31.41 -2.31 -56.41
C LEU N 42 31.06 -1.29 -57.49
N LYS N 43 31.80 -1.33 -58.59
CA LYS N 43 31.49 -0.50 -59.75
C LYS N 43 30.29 -1.10 -60.48
N VAL N 44 30.16 -2.42 -60.37
CA VAL N 44 29.11 -3.17 -61.03
C VAL N 44 27.90 -3.28 -60.14
N HIS N 45 28.16 -3.51 -58.85
CA HIS N 45 27.11 -3.72 -57.87
C HIS N 45 27.09 -2.51 -56.94
N LYS N 46 26.45 -1.44 -57.38
CA LYS N 46 26.39 -0.21 -56.61
C LYS N 46 25.36 -0.35 -55.50
N LYS N 47 24.69 -1.48 -55.45
CA LYS N 47 23.65 -1.64 -54.45
C LYS N 47 24.13 -2.49 -53.30
N ASP N 48 25.24 -3.19 -53.48
CA ASP N 48 25.85 -3.94 -52.39
C ASP N 48 26.42 -2.98 -51.36
N HIS N 49 25.52 -2.32 -50.61
CA HIS N 49 25.91 -1.30 -49.65
C HIS N 49 26.63 -1.95 -48.50
N HIS N 50 26.18 -3.17 -48.19
CA HIS N 50 26.74 -3.91 -47.09
C HIS N 50 28.20 -4.29 -47.28
N SER N 51 28.59 -4.55 -48.53
CA SER N 51 29.96 -4.98 -48.76
C SER N 51 30.87 -3.78 -48.77
N HIS N 52 30.31 -2.64 -49.16
CA HIS N 52 31.02 -1.35 -49.10
C HIS N 52 31.55 -1.10 -47.68
N ARG N 53 30.69 -1.43 -46.69
CA ARG N 53 31.07 -1.33 -45.30
C ARG N 53 32.43 -1.93 -45.04
N GLY N 54 32.62 -3.16 -45.49
CA GLY N 54 33.88 -3.87 -45.29
C GLY N 54 35.01 -3.21 -46.03
N LEU N 55 34.67 -2.42 -47.04
CA LEU N 55 35.66 -1.77 -47.87
C LEU N 55 36.26 -0.61 -47.13
N LEU N 56 35.42 0.11 -46.38
CA LEU N 56 35.93 1.22 -45.58
C LEU N 56 36.85 0.65 -44.54
N MET N 57 36.43 -0.46 -43.94
CA MET N 57 37.21 -1.12 -42.92
C MET N 57 38.56 -1.56 -43.46
N MET N 58 38.55 -2.22 -44.62
CA MET N 58 39.80 -2.59 -45.31
C MET N 58 40.66 -1.39 -45.64
N VAL N 59 40.05 -0.33 -46.14
CA VAL N 59 40.78 0.86 -46.54
C VAL N 59 41.44 1.52 -45.34
N GLY N 60 40.63 1.72 -44.30
CA GLY N 60 41.05 2.41 -43.10
C GLY N 60 42.18 1.66 -42.46
N GLN N 61 42.09 0.34 -42.49
CA GLN N 61 43.15 -0.50 -41.96
C GLN N 61 44.44 -0.30 -42.75
N ARG N 62 44.32 -0.28 -44.06
CA ARG N 62 45.46 -0.08 -44.96
C ARG N 62 46.15 1.23 -44.63
N ARG N 63 45.37 2.27 -44.34
CA ARG N 63 45.93 3.56 -43.96
C ARG N 63 46.74 3.48 -42.67
N ARG N 64 46.22 2.77 -41.68
CA ARG N 64 46.87 2.77 -40.38
C ARG N 64 48.20 2.04 -40.40
N LEU N 65 48.28 1.05 -41.26
CA LEU N 65 49.50 0.31 -41.44
C LEU N 65 50.53 1.21 -42.11
N LEU N 66 50.10 1.87 -43.17
CA LEU N 66 50.97 2.76 -43.89
C LEU N 66 51.43 3.86 -42.94
N ARG N 67 50.47 4.42 -42.18
CA ARG N 67 50.65 5.52 -41.23
C ARG N 67 51.83 5.15 -40.31
N TYR N 68 51.81 3.88 -39.90
CA TYR N 68 52.81 3.29 -39.02
C TYR N 68 54.15 3.24 -39.72
N LEU N 69 54.11 2.77 -40.95
CA LEU N 69 55.33 2.61 -41.70
C LEU N 69 55.95 3.98 -42.04
N GLN N 70 55.12 4.98 -42.30
CA GLN N 70 55.64 6.31 -42.57
C GLN N 70 56.51 6.79 -41.42
N ARG N 71 55.99 6.63 -40.20
CA ARG N 71 56.70 6.98 -38.97
C ARG N 71 57.94 6.11 -38.74
N GLU N 72 57.76 4.81 -38.99
CA GLU N 72 58.78 3.79 -38.75
C GLU N 72 60.01 3.86 -39.62
N ASP N 73 59.84 3.59 -40.92
CA ASP N 73 60.91 3.71 -41.90
C ASP N 73 60.37 4.42 -43.14
N PRO N 74 60.62 5.74 -43.24
CA PRO N 74 59.97 6.57 -44.25
C PRO N 74 60.41 6.14 -45.66
N GLU N 75 61.57 5.50 -45.77
CA GLU N 75 62.01 4.98 -47.06
C GLU N 75 61.15 3.80 -47.51
N ARG N 76 61.02 2.79 -46.65
CA ARG N 76 60.21 1.63 -47.01
C ARG N 76 58.77 2.01 -47.29
N TYR N 77 58.37 3.21 -46.85
CA TYR N 77 57.07 3.80 -47.16
C TYR N 77 56.99 4.29 -48.59
N ARG N 78 58.00 5.04 -49.05
CA ARG N 78 58.04 5.47 -50.45
C ARG N 78 57.99 4.24 -51.33
N ALA N 79 58.96 3.35 -51.13
CA ALA N 79 59.04 2.08 -51.83
C ALA N 79 57.67 1.43 -51.98
N LEU N 80 57.11 1.02 -50.85
CA LEU N 80 55.85 0.30 -50.81
C LEU N 80 54.71 1.04 -51.54
N ILE N 81 54.59 2.35 -51.33
CA ILE N 81 53.56 3.10 -52.05
C ILE N 81 53.75 3.04 -53.56
N GLU N 82 54.91 3.50 -54.02
CA GLU N 82 55.22 3.54 -55.45
C GLU N 82 55.01 2.15 -56.03
N LYS N 83 55.64 1.17 -55.41
CA LYS N 83 55.52 -0.22 -55.85
C LYS N 83 54.06 -0.78 -55.83
N LEU N 84 53.05 0.09 -55.77
CA LEU N 84 51.66 -0.35 -55.64
C LEU N 84 50.73 0.77 -56.12
N GLY N 85 51.34 1.93 -56.39
CA GLY N 85 50.63 3.17 -56.73
C GLY N 85 49.46 3.49 -55.83
N ILE N 86 49.72 4.17 -54.71
CA ILE N 86 48.67 4.54 -53.77
C ILE N 86 48.79 6.01 -53.43
N ARG N 87 48.07 6.44 -52.39
CA ARG N 87 47.79 7.85 -52.07
C ARG N 87 47.40 8.71 -53.30
N GLY N 88 46.10 8.90 -53.50
CA GLY N 88 45.58 9.68 -54.61
C GLY N 88 44.13 10.09 -54.46
N MET O 1 61.79 66.05 -7.60
CA MET O 1 62.89 65.77 -6.67
C MET O 1 62.41 64.89 -5.53
N VAL O 2 63.29 64.03 -5.08
CA VAL O 2 62.90 63.08 -4.07
C VAL O 2 62.85 63.80 -2.73
N LYS O 3 61.88 63.49 -1.91
CA LYS O 3 61.81 64.13 -0.61
C LYS O 3 61.77 63.14 0.56
N ILE O 4 62.18 63.59 1.73
CA ILE O 4 61.96 62.84 2.94
C ILE O 4 60.90 63.61 3.71
N ARG O 5 59.69 63.07 3.80
CA ARG O 5 58.62 63.77 4.47
C ARG O 5 57.71 62.90 5.32
N LEU O 6 56.61 63.50 5.79
CA LEU O 6 55.68 62.82 6.70
C LEU O 6 54.43 62.35 5.97
N ALA O 7 53.97 61.14 6.30
CA ALA O 7 52.75 60.61 5.73
C ALA O 7 51.82 60.29 6.89
N ARG O 8 50.68 60.96 6.97
CA ARG O 8 49.82 60.76 8.12
C ARG O 8 49.15 59.42 8.01
N PHE O 9 49.06 58.75 9.16
CA PHE O 9 48.50 57.42 9.25
C PHE O 9 47.71 57.22 10.54
N GLY O 10 47.27 58.28 11.17
CA GLY O 10 46.58 58.08 12.43
C GLY O 10 45.11 57.74 12.31
N SER O 11 44.30 58.33 13.19
CA SER O 11 42.87 58.41 12.99
C SER O 11 42.55 59.90 12.92
N LYS O 12 41.30 60.24 13.22
CA LYS O 12 40.91 61.62 13.42
C LYS O 12 41.22 61.97 14.88
N HIS O 13 41.95 63.06 15.08
CA HIS O 13 42.44 63.49 16.38
C HIS O 13 43.43 62.47 16.90
N ASN O 14 43.92 61.59 16.01
CA ASN O 14 44.97 60.66 16.43
C ASN O 14 46.14 60.61 15.47
N PRO O 15 46.74 61.74 15.14
CA PRO O 15 47.78 61.77 14.11
C PRO O 15 48.97 60.89 14.41
N HIS O 16 49.26 59.98 13.50
CA HIS O 16 50.44 59.12 13.56
C HIS O 16 51.11 59.21 12.22
N TYR O 17 52.35 59.68 12.22
CA TYR O 17 53.07 59.98 10.98
C TYR O 17 54.09 58.91 10.72
N ARG O 18 54.61 58.93 9.50
CA ARG O 18 55.54 57.91 9.03
C ARG O 18 56.56 58.62 8.18
N ILE O 19 57.84 58.50 8.53
CA ILE O 19 58.85 59.20 7.77
C ILE O 19 59.14 58.32 6.56
N VAL O 20 59.29 58.96 5.39
CA VAL O 20 59.27 58.26 4.11
C VAL O 20 60.07 58.97 3.04
N VAL O 21 60.53 58.22 2.05
CA VAL O 21 61.14 58.78 0.85
C VAL O 21 60.13 58.64 -0.28
N THR O 22 59.88 59.71 -1.03
CA THR O 22 58.96 59.66 -2.16
C THR O 22 59.14 60.85 -3.13
N ASP O 23 58.72 60.65 -4.39
CA ASP O 23 58.77 61.69 -5.41
C ASP O 23 57.87 62.80 -4.94
N ALA O 24 58.43 64.01 -4.94
CA ALA O 24 57.75 65.27 -4.61
C ALA O 24 56.24 65.26 -4.82
N ARG O 25 55.84 64.71 -5.96
CA ARG O 25 54.52 64.93 -6.48
C ARG O 25 53.47 63.94 -5.99
N ARG O 26 53.83 62.93 -5.21
CA ARG O 26 52.81 61.95 -4.88
C ARG O 26 51.93 62.37 -3.74
N LYS O 27 50.69 61.88 -3.77
CA LYS O 27 49.70 62.12 -2.70
C LYS O 27 50.36 62.02 -1.36
N ARG O 28 49.94 62.89 -0.45
CA ARG O 28 50.56 62.97 0.87
C ARG O 28 50.71 61.59 1.50
N ASP O 29 49.74 60.71 1.24
CA ASP O 29 49.78 59.36 1.77
C ASP O 29 49.90 58.26 0.70
N GLY O 30 50.69 58.49 -0.36
CA GLY O 30 50.70 57.59 -1.51
C GLY O 30 51.78 56.53 -1.51
N LYS O 31 51.98 55.88 -2.64
CA LYS O 31 53.08 54.92 -2.78
C LYS O 31 54.38 55.63 -2.49
N TYR O 32 55.11 55.13 -1.50
CA TYR O 32 56.37 55.76 -1.17
C TYR O 32 57.53 54.81 -1.45
N ILE O 33 58.66 55.40 -1.82
CA ILE O 33 59.89 54.66 -2.12
C ILE O 33 60.35 53.77 -0.98
N GLU O 34 60.53 54.36 0.20
CA GLU O 34 61.01 53.61 1.34
C GLU O 34 60.64 54.34 2.64
N LYS O 35 60.20 53.55 3.62
CA LYS O 35 59.85 54.05 4.94
C LYS O 35 61.11 54.08 5.78
N ILE O 36 61.28 55.15 6.52
CA ILE O 36 62.46 55.28 7.36
C ILE O 36 62.05 55.77 8.72
N GLY O 37 61.13 55.06 9.36
CA GLY O 37 60.85 55.39 10.74
C GLY O 37 59.61 56.22 10.92
N TYR O 38 59.03 56.09 12.11
CA TYR O 38 57.74 56.64 12.43
C TYR O 38 57.94 57.78 13.38
N TYR O 39 56.90 58.58 13.55
CA TYR O 39 56.93 59.71 14.46
C TYR O 39 55.51 60.01 14.97
N ASP O 40 55.38 60.16 16.29
CA ASP O 40 54.08 60.29 16.96
C ASP O 40 54.04 61.61 17.71
N PRO O 41 53.31 62.61 17.17
CA PRO O 41 53.48 64.01 17.62
C PRO O 41 53.00 64.20 19.05
N ARG O 42 52.15 63.29 19.53
CA ARG O 42 51.53 63.44 20.84
C ARG O 42 52.28 62.66 21.91
N LYS O 43 53.20 61.81 21.48
CA LYS O 43 54.11 61.14 22.40
C LYS O 43 53.36 60.29 23.42
N THR O 44 52.45 59.47 22.91
CA THR O 44 51.64 58.54 23.71
C THR O 44 52.45 57.36 24.23
N THR O 45 53.74 57.34 23.86
CA THR O 45 54.62 56.21 24.15
C THR O 45 56.03 56.70 24.38
N PRO O 46 56.77 55.99 25.21
CA PRO O 46 58.18 56.35 25.39
C PRO O 46 58.94 56.33 24.07
N ASP O 47 58.42 55.72 23.03
CA ASP O 47 59.17 55.69 21.77
C ASP O 47 58.37 56.29 20.64
N TRP O 48 58.29 57.61 20.66
CA TRP O 48 57.50 58.34 19.68
C TRP O 48 58.37 58.90 18.55
N LEU O 49 59.57 58.37 18.40
CA LEU O 49 60.37 58.68 17.23
C LEU O 49 61.45 57.65 17.02
N LYS O 50 61.43 56.98 15.86
CA LYS O 50 62.55 56.14 15.44
C LYS O 50 62.95 56.64 14.07
N VAL O 51 64.19 56.41 13.68
CA VAL O 51 64.61 56.90 12.38
C VAL O 51 65.36 55.96 11.42
N ASP O 52 66.17 55.04 11.95
CA ASP O 52 67.09 54.28 11.08
C ASP O 52 67.98 55.29 10.40
N VAL O 53 69.02 55.70 11.12
CA VAL O 53 69.92 56.71 10.63
C VAL O 53 70.51 56.33 9.31
N GLU O 54 71.29 55.26 9.27
CA GLU O 54 72.14 54.95 8.12
C GLU O 54 71.44 54.95 6.76
N ARG O 55 70.15 54.61 6.74
CA ARG O 55 69.39 54.70 5.50
C ARG O 55 69.18 56.16 5.14
N ALA O 56 68.54 56.92 6.02
CA ALA O 56 68.32 58.35 5.80
C ALA O 56 69.58 59.07 5.31
N ARG O 57 70.70 58.79 5.97
CA ARG O 57 72.00 59.26 5.55
C ARG O 57 72.26 58.93 4.08
N TYR O 58 72.04 57.68 3.68
CA TYR O 58 72.08 57.31 2.26
C TYR O 58 71.23 58.20 1.35
N TRP O 59 69.98 58.41 1.74
CA TRP O 59 69.05 59.11 0.89
C TRP O 59 69.37 60.58 0.79
N LEU O 60 69.86 61.15 1.89
CA LEU O 60 70.34 62.52 1.86
C LEU O 60 71.56 62.61 0.95
N SER O 61 72.42 61.59 1.04
CA SER O 61 73.62 61.45 0.21
C SER O 61 73.33 61.38 -1.30
N VAL O 62 72.10 61.10 -1.68
CA VAL O 62 71.72 61.36 -3.07
C VAL O 62 70.64 62.38 -3.20
N GLY O 63 70.59 63.28 -2.22
CA GLY O 63 69.86 64.53 -2.35
C GLY O 63 68.36 64.42 -2.30
N ALA O 64 67.88 63.75 -1.27
CA ALA O 64 66.46 63.73 -1.07
C ALA O 64 66.21 64.84 -0.09
N GLN O 65 66.04 66.04 -0.61
CA GLN O 65 65.72 67.18 0.24
C GLN O 65 64.50 66.86 1.09
N PRO O 66 64.67 66.93 2.42
CA PRO O 66 63.58 66.63 3.36
C PRO O 66 62.83 67.90 3.80
N THR O 67 61.52 67.75 4.05
CA THR O 67 60.69 68.87 4.50
C THR O 67 61.24 69.45 5.79
N ASP O 68 60.63 70.54 6.24
CA ASP O 68 61.16 71.21 7.40
C ASP O 68 60.93 70.42 8.70
N THR O 69 59.70 69.97 8.93
CA THR O 69 59.43 69.18 10.12
C THR O 69 60.25 67.91 10.07
N ALA O 70 60.62 67.48 8.88
CA ALA O 70 61.31 66.19 8.76
C ALA O 70 62.77 66.36 9.10
N ARG O 71 63.39 67.41 8.54
CA ARG O 71 64.76 67.74 8.89
C ARG O 71 64.87 67.78 10.41
N ARG O 72 64.05 68.62 11.05
CA ARG O 72 63.94 68.63 12.51
C ARG O 72 63.90 67.22 13.17
N LEU O 73 63.00 66.35 12.72
CA LEU O 73 62.89 65.05 13.35
C LEU O 73 64.15 64.26 13.07
N LEU O 74 64.65 64.35 11.85
CA LEU O 74 65.89 63.68 11.49
C LEU O 74 67.01 64.14 12.40
N ARG O 75 67.14 65.46 12.52
CA ARG O 75 68.22 66.10 13.28
C ARG O 75 68.21 65.59 14.69
N GLN O 76 67.00 65.38 15.20
CA GLN O 76 66.77 65.03 16.59
C GLN O 76 67.29 63.64 16.89
N ALA O 77 67.24 62.76 15.90
CA ALA O 77 67.83 61.43 16.04
C ALA O 77 69.23 61.45 15.49
N GLY O 78 69.74 62.66 15.27
CA GLY O 78 71.13 62.88 14.91
C GLY O 78 71.54 62.21 13.63
N VAL O 79 70.82 62.52 12.56
CA VAL O 79 71.21 62.04 11.26
C VAL O 79 72.37 62.88 10.78
N PHE O 80 72.48 64.10 11.31
CA PHE O 80 73.41 65.10 10.79
C PHE O 80 74.68 65.27 11.62
N ARG O 81 74.59 64.98 12.93
CA ARG O 81 75.68 65.19 13.89
C ARG O 81 76.98 64.45 13.54
N GLN O 82 78.12 65.13 13.66
CA GLN O 82 79.42 64.51 13.37
C GLN O 82 80.10 64.12 14.68
N GLU O 83 81.39 64.39 14.79
CA GLU O 83 82.08 64.04 16.03
C GLU O 83 83.41 64.75 16.33
N ALA O 84 83.80 64.68 17.61
CA ALA O 84 85.15 65.03 18.09
C ALA O 84 85.76 66.37 17.69
N ARG O 85 87.03 66.31 17.29
CA ARG O 85 87.83 67.49 16.99
C ARG O 85 87.40 68.17 15.66
N PRO P 1 66.27 38.08 -18.56
CA PRO P 1 66.15 37.09 -19.63
C PRO P 1 65.14 37.43 -20.71
N LYS P 2 65.61 37.84 -21.89
CA LYS P 2 64.78 37.87 -23.07
C LYS P 2 64.18 36.47 -23.19
N LYS P 3 62.88 36.39 -23.43
CA LYS P 3 62.24 35.09 -23.53
C LYS P 3 62.79 34.24 -24.71
N VAL P 4 62.85 32.93 -24.51
CA VAL P 4 63.25 32.02 -25.58
C VAL P 4 62.28 30.86 -25.66
N LEU P 5 61.71 30.63 -26.84
CA LEU P 5 60.73 29.56 -27.00
C LEU P 5 61.25 28.58 -28.02
N THR P 6 60.67 27.39 -28.07
CA THR P 6 61.06 26.48 -29.15
C THR P 6 59.83 26.07 -29.97
N GLY P 7 60.01 25.96 -31.29
CA GLY P 7 58.88 25.71 -32.18
C GLY P 7 59.23 25.36 -33.62
N VAL P 8 58.23 25.27 -34.47
CA VAL P 8 58.45 24.77 -35.83
C VAL P 8 58.00 25.71 -36.91
N VAL P 9 58.70 25.67 -38.02
CA VAL P 9 58.35 26.51 -39.14
C VAL P 9 57.19 25.94 -39.95
N VAL P 10 56.17 26.77 -40.10
CA VAL P 10 54.94 26.41 -40.78
C VAL P 10 54.71 27.37 -41.96
N SER P 11 55.63 28.32 -42.14
CA SER P 11 55.43 29.30 -43.21
C SER P 11 56.69 29.94 -43.80
N ASP P 12 56.89 29.70 -45.11
CA ASP P 12 57.92 30.31 -45.95
C ASP P 12 57.40 31.59 -46.60
N LYS P 13 56.11 31.59 -46.87
CA LYS P 13 55.46 32.52 -47.77
C LYS P 13 55.62 34.01 -47.44
N MET P 14 56.38 34.33 -46.39
CA MET P 14 56.62 35.72 -45.99
C MET P 14 58.04 36.15 -46.32
N GLN P 15 58.23 37.45 -46.57
CA GLN P 15 59.46 37.94 -47.17
C GLN P 15 60.71 37.52 -46.40
N LYS P 16 61.06 38.25 -45.34
CA LYS P 16 62.19 37.84 -44.49
C LYS P 16 61.69 37.32 -43.15
N THR P 17 60.81 36.33 -43.18
CA THR P 17 60.05 35.99 -41.99
C THR P 17 59.57 34.52 -41.99
N VAL P 18 59.48 33.92 -40.80
CA VAL P 18 58.87 32.60 -40.64
C VAL P 18 57.79 32.60 -39.59
N THR P 19 56.80 31.74 -39.79
CA THR P 19 55.81 31.51 -38.78
C THR P 19 56.35 30.35 -37.96
N VAL P 20 56.46 30.56 -36.65
CA VAL P 20 56.86 29.49 -35.74
C VAL P 20 55.71 29.06 -34.83
N LEU P 21 55.49 27.75 -34.78
CA LEU P 21 54.41 27.17 -34.00
C LEU P 21 54.98 26.65 -32.70
N VAL P 22 54.60 27.29 -31.60
CA VAL P 22 55.18 26.98 -30.31
C VAL P 22 54.17 26.29 -29.42
N GLU P 23 54.49 25.11 -28.93
CA GLU P 23 53.59 24.46 -27.96
C GLU P 23 54.00 24.70 -26.50
N ARG P 24 53.01 24.65 -25.62
CA ARG P 24 53.19 24.89 -24.21
C ARG P 24 52.25 23.92 -23.53
N GLN P 25 52.72 23.15 -22.54
CA GLN P 25 51.84 22.31 -21.71
C GLN P 25 51.72 22.90 -20.32
N PHE P 26 50.59 22.66 -19.68
CA PHE P 26 50.39 23.19 -18.35
C PHE P 26 49.15 22.58 -17.74
N PRO P 27 49.12 22.51 -16.41
CA PRO P 27 47.94 21.86 -15.87
C PRO P 27 46.78 22.81 -15.92
N HIS P 28 45.61 22.25 -16.21
CA HIS P 28 44.40 23.03 -16.27
C HIS P 28 44.06 23.60 -14.90
N PRO P 29 43.82 24.91 -14.85
CA PRO P 29 43.66 25.70 -13.63
C PRO P 29 42.55 25.21 -12.74
N LEU P 30 41.69 24.34 -13.23
CA LEU P 30 40.63 23.81 -12.38
C LEU P 30 40.57 22.30 -12.40
N TYR P 31 40.70 21.73 -13.59
CA TYR P 31 40.53 20.29 -13.76
C TYR P 31 41.88 19.56 -13.74
N GLY P 32 42.97 20.35 -13.69
CA GLY P 32 44.29 19.81 -13.41
C GLY P 32 44.88 18.79 -14.37
N LYS P 33 44.16 18.42 -15.42
CA LYS P 33 44.72 17.63 -16.51
C LYS P 33 45.85 18.47 -17.07
N VAL P 34 46.81 17.85 -17.73
CA VAL P 34 47.75 18.65 -18.51
C VAL P 34 47.21 18.95 -19.91
N ILE P 35 47.13 20.24 -20.24
CA ILE P 35 46.59 20.58 -21.54
C ILE P 35 47.64 21.21 -22.47
N LYS P 36 47.48 20.96 -23.76
CA LYS P 36 48.47 21.32 -24.76
C LYS P 36 47.97 22.46 -25.63
N ARG P 37 48.00 23.68 -25.12
CA ARG P 37 47.71 24.87 -25.93
C ARG P 37 48.94 25.28 -26.77
N SER P 38 48.72 26.10 -27.81
CA SER P 38 49.78 26.49 -28.72
C SER P 38 49.61 27.93 -29.18
N LYS P 39 50.67 28.49 -29.78
CA LYS P 39 50.69 29.85 -30.33
C LYS P 39 51.61 30.02 -31.57
N LYS P 40 51.27 30.97 -32.44
CA LYS P 40 52.13 31.25 -33.58
C LYS P 40 52.91 32.56 -33.43
N TYR P 41 54.20 32.48 -33.68
CA TYR P 41 55.08 33.65 -33.54
C TYR P 41 55.67 34.03 -34.89
N LEU P 42 55.82 35.32 -35.14
CA LEU P 42 56.40 35.76 -36.41
C LEU P 42 57.81 36.14 -36.15
N ALA P 43 58.72 35.44 -36.84
CA ALA P 43 60.13 35.54 -36.49
C ALA P 43 61.02 36.02 -37.63
N HIS P 44 61.89 36.97 -37.32
CA HIS P 44 62.73 37.63 -38.31
C HIS P 44 63.81 36.69 -38.82
N ASP P 45 63.73 36.35 -40.10
CA ASP P 45 64.70 35.49 -40.76
C ASP P 45 65.44 36.33 -41.80
N PRO P 46 66.55 36.95 -41.39
CA PRO P 46 67.25 37.93 -42.22
C PRO P 46 68.01 37.32 -43.41
N GLU P 47 67.96 36.01 -43.56
CA GLU P 47 68.82 35.32 -44.50
C GLU P 47 68.13 34.16 -45.14
N GLU P 48 66.81 34.07 -44.97
CA GLU P 48 66.02 32.94 -45.49
C GLU P 48 66.47 31.56 -45.00
N LYS P 49 67.48 31.53 -44.13
CA LYS P 49 68.21 30.30 -43.79
C LYS P 49 67.34 29.16 -43.28
N TYR P 50 66.21 29.52 -42.65
CA TYR P 50 65.34 28.55 -41.97
C TYR P 50 64.18 28.16 -42.85
N LYS P 51 64.07 26.85 -43.09
CA LYS P 51 63.11 26.29 -44.03
C LYS P 51 61.95 25.69 -43.25
N LEU P 52 60.88 25.27 -43.93
CA LEU P 52 59.77 24.77 -43.15
C LEU P 52 59.92 23.30 -42.77
N GLY P 53 59.66 23.04 -41.50
CA GLY P 53 59.91 21.74 -40.93
C GLY P 53 61.03 21.85 -39.91
N ASP P 54 61.79 22.93 -40.03
CA ASP P 54 62.80 23.20 -39.02
C ASP P 54 62.14 23.46 -37.67
N VAL P 55 62.61 22.77 -36.66
CA VAL P 55 62.34 23.22 -35.31
C VAL P 55 63.40 24.28 -35.05
N VAL P 56 62.99 25.39 -34.46
CA VAL P 56 63.91 26.46 -34.15
C VAL P 56 63.72 27.03 -32.75
N GLU P 57 64.77 27.64 -32.24
CA GLU P 57 64.67 28.49 -31.08
C GLU P 57 64.45 29.92 -31.58
N ILE P 58 63.71 30.70 -30.81
CA ILE P 58 63.25 31.99 -31.24
C ILE P 58 63.39 32.87 -30.00
N ILE P 59 63.83 34.12 -30.16
CA ILE P 59 64.13 34.97 -29.00
C ILE P 59 63.50 36.36 -29.04
N GLU P 60 62.96 36.82 -27.90
CA GLU P 60 62.36 38.15 -27.72
C GLU P 60 63.30 39.24 -28.26
N SER P 61 62.75 40.17 -29.02
CA SER P 61 63.59 41.03 -29.82
C SER P 61 63.01 42.41 -30.00
N ARG P 62 63.88 43.38 -30.28
CA ARG P 62 63.46 44.74 -30.61
C ARG P 62 62.53 44.60 -31.82
N PRO P 63 61.35 45.25 -31.75
CA PRO P 63 60.26 45.10 -32.73
C PRO P 63 60.69 45.20 -34.19
N ILE P 64 60.26 44.26 -35.02
CA ILE P 64 60.60 44.32 -36.45
C ILE P 64 59.47 44.92 -37.30
N SER P 65 58.35 44.23 -37.41
CA SER P 65 57.18 44.78 -38.07
C SER P 65 56.06 44.88 -37.07
N LYS P 66 54.84 45.01 -37.56
CA LYS P 66 53.71 45.03 -36.65
C LYS P 66 53.67 43.79 -35.77
N ARG P 67 53.71 42.60 -36.37
CA ARG P 67 53.61 41.36 -35.62
C ARG P 67 54.96 40.75 -35.27
N LYS P 68 56.02 41.15 -35.96
CA LYS P 68 57.31 40.50 -35.72
C LYS P 68 57.95 41.09 -34.49
N ARG P 69 57.94 40.36 -33.38
CA ARG P 69 58.68 40.84 -32.21
C ARG P 69 59.72 39.81 -31.73
N PHE P 70 59.96 38.80 -32.56
CA PHE P 70 60.97 37.81 -32.24
C PHE P 70 61.97 37.56 -33.38
N ARG P 71 63.23 37.36 -33.01
CA ARG P 71 64.26 36.93 -33.96
C ARG P 71 64.46 35.41 -33.91
N VAL P 72 64.77 34.78 -35.04
CA VAL P 72 65.03 33.34 -35.02
C VAL P 72 66.37 33.09 -34.38
N LEU P 73 66.41 32.25 -33.35
CA LEU P 73 67.61 32.19 -32.53
C LEU P 73 68.68 31.22 -32.99
N ARG P 74 68.29 29.98 -33.24
CA ARG P 74 69.19 28.99 -33.82
C ARG P 74 68.38 27.78 -34.25
N LEU P 75 69.03 26.86 -34.94
CA LEU P 75 68.32 25.66 -35.36
C LEU P 75 68.42 24.57 -34.31
N VAL P 76 67.27 23.98 -33.99
CA VAL P 76 67.24 22.94 -32.99
C VAL P 76 67.32 21.58 -33.66
N GLU P 77 66.56 21.41 -34.73
CA GLU P 77 66.44 20.12 -35.36
C GLU P 77 65.71 20.35 -36.65
N SER P 78 66.28 19.92 -37.77
CA SER P 78 65.67 20.27 -39.05
C SER P 78 65.00 19.07 -39.64
N GLY P 79 64.05 19.31 -40.53
CA GLY P 79 63.30 18.25 -41.19
C GLY P 79 62.38 17.47 -40.26
N ARG P 80 61.12 17.87 -40.21
CA ARG P 80 60.24 17.40 -39.16
C ARG P 80 58.81 17.63 -39.60
N MET P 81 58.47 17.06 -40.74
CA MET P 81 57.27 17.47 -41.46
C MET P 81 55.96 17.02 -40.81
N ASP P 82 56.05 15.98 -40.00
CA ASP P 82 54.89 15.44 -39.27
C ASP P 82 54.14 16.55 -38.56
N LEU P 83 54.89 17.47 -37.97
CA LEU P 83 54.30 18.54 -37.18
C LEU P 83 53.59 19.44 -38.12
N VAL P 84 54.26 19.76 -39.22
CA VAL P 84 53.73 20.71 -40.16
C VAL P 84 52.44 20.19 -40.75
N GLU P 85 52.40 18.90 -41.03
CA GLU P 85 51.19 18.22 -41.47
C GLU P 85 50.05 18.42 -40.49
N LYS P 86 50.31 18.14 -39.22
CA LYS P 86 49.30 18.34 -38.20
C LYS P 86 48.77 19.78 -38.23
N TYR P 87 49.65 20.75 -38.49
CA TYR P 87 49.19 22.14 -38.64
C TYR P 87 48.27 22.30 -39.84
N LEU P 88 48.67 21.71 -40.96
CA LEU P 88 47.92 21.93 -42.19
C LEU P 88 46.60 21.21 -42.19
N ILE P 89 46.59 19.98 -41.68
CA ILE P 89 45.32 19.26 -41.67
C ILE P 89 44.35 19.88 -40.68
N ARG P 90 44.86 20.30 -39.52
CA ARG P 90 44.02 21.04 -38.56
C ARG P 90 43.39 22.20 -39.34
N ARG P 91 44.20 22.89 -40.15
CA ARG P 91 43.75 24.01 -40.99
C ARG P 91 42.73 23.58 -42.02
N GLN P 92 43.08 22.53 -42.76
CA GLN P 92 42.24 22.09 -43.84
C GLN P 92 40.84 21.81 -43.33
N ASN P 93 40.74 21.07 -42.24
CA ASN P 93 39.44 20.72 -41.64
C ASN P 93 38.59 21.93 -41.33
N TYR P 94 39.22 23.09 -41.20
CA TYR P 94 38.48 24.30 -40.89
C TYR P 94 37.49 24.63 -42.01
N GLU P 95 37.92 24.44 -43.25
CA GLU P 95 37.06 24.67 -44.43
C GLU P 95 35.81 23.77 -44.46
N SER P 96 35.80 22.73 -43.63
CA SER P 96 34.59 22.01 -43.29
C SER P 96 33.94 22.87 -42.22
N LEU P 97 33.39 22.28 -41.16
CA LEU P 97 33.02 23.03 -39.95
C LEU P 97 32.10 24.26 -40.15
N SER P 98 31.75 24.55 -41.40
CA SER P 98 31.17 25.84 -41.80
C SER P 98 29.68 26.03 -41.47
N LYS P 99 28.89 26.27 -42.53
CA LYS P 99 27.42 26.36 -42.51
C LYS P 99 26.90 26.94 -43.83
N ARG P 100 27.77 27.51 -44.65
CA ARG P 100 27.41 27.92 -46.02
C ARG P 100 27.10 26.65 -46.85
N GLY P 101 27.74 25.54 -46.46
CA GLY P 101 27.49 24.22 -47.06
C GLY P 101 28.65 23.22 -47.10
N GLY P 102 28.35 22.04 -47.64
CA GLY P 102 29.34 21.00 -47.91
C GLY P 102 29.04 20.17 -49.15
N LYS P 103 29.83 19.12 -49.38
CA LYS P 103 29.65 18.24 -50.55
C LYS P 103 29.66 16.72 -50.17
N ALA P 104 29.91 15.84 -51.15
CA ALA P 104 29.75 14.37 -50.97
C ALA P 104 31.05 13.54 -50.88
N ARG Q 1 7.83 -41.06 -28.32
CA ARG Q 1 8.71 -41.79 -29.22
C ARG Q 1 7.88 -42.76 -30.07
N LYS Q 2 7.15 -42.23 -31.04
CA LYS Q 2 6.32 -43.06 -31.94
C LYS Q 2 7.16 -43.95 -32.86
N ALA Q 3 8.11 -43.35 -33.58
CA ALA Q 3 9.11 -44.05 -34.40
C ALA Q 3 10.09 -43.03 -35.02
N LYS Q 4 11.38 -43.16 -34.70
CA LYS Q 4 12.40 -42.23 -35.20
C LYS Q 4 13.04 -42.69 -36.52
N VAL Q 5 12.95 -41.88 -37.58
CA VAL Q 5 13.45 -42.26 -38.93
C VAL Q 5 14.98 -42.25 -39.09
N LYS Q 6 15.68 -41.87 -38.02
CA LYS Q 6 17.14 -41.93 -37.97
C LYS Q 6 17.55 -43.41 -37.79
N ALA Q 7 16.83 -44.10 -36.90
CA ALA Q 7 17.08 -45.51 -36.56
C ALA Q 7 16.68 -46.52 -37.65
N THR Q 8 15.45 -46.41 -38.17
CA THR Q 8 14.95 -47.35 -39.19
C THR Q 8 15.70 -47.31 -40.53
N LEU Q 9 16.87 -46.69 -40.52
CA LEU Q 9 17.67 -46.49 -41.72
C LEU Q 9 19.15 -46.70 -41.41
N GLY Q 10 19.89 -47.21 -42.39
CA GLY Q 10 21.33 -47.40 -42.25
C GLY Q 10 22.02 -46.05 -42.32
N GLU Q 11 23.15 -45.98 -43.02
CA GLU Q 11 23.75 -44.68 -43.24
C GLU Q 11 23.50 -44.23 -44.67
N PHE Q 12 23.22 -42.94 -44.83
CA PHE Q 12 22.95 -42.39 -46.15
C PHE Q 12 23.52 -40.98 -46.28
N ASP Q 13 23.49 -40.46 -47.50
CA ASP Q 13 23.98 -39.13 -47.80
C ASP Q 13 22.82 -38.14 -47.74
N LEU Q 14 22.93 -37.17 -46.83
CA LEU Q 14 21.88 -36.17 -46.63
C LEU Q 14 21.89 -35.14 -47.74
N ARG Q 15 23.03 -35.00 -48.40
CA ARG Q 15 23.17 -34.06 -49.51
C ARG Q 15 22.74 -34.70 -50.83
N ASP Q 16 22.40 -35.98 -50.79
CA ASP Q 16 21.91 -36.72 -51.97
C ASP Q 16 20.42 -36.48 -52.25
N TYR Q 17 20.19 -35.65 -53.25
CA TYR Q 17 18.90 -35.07 -53.52
C TYR Q 17 18.18 -35.91 -54.52
N ARG Q 18 18.71 -37.09 -54.80
CA ARG Q 18 18.16 -37.99 -55.82
C ARG Q 18 17.64 -39.30 -55.22
N ASN Q 19 18.10 -39.60 -54.01
CA ASN Q 19 17.77 -40.83 -53.31
C ASN Q 19 16.34 -40.82 -52.81
N VAL Q 20 15.39 -40.80 -53.74
CA VAL Q 20 13.99 -40.80 -53.38
C VAL Q 20 13.59 -41.81 -52.28
N GLU Q 21 14.07 -43.04 -52.41
CA GLU Q 21 13.60 -44.11 -51.52
C GLU Q 21 13.90 -43.81 -50.06
N VAL Q 22 14.96 -43.04 -49.85
CA VAL Q 22 15.32 -42.52 -48.54
C VAL Q 22 14.43 -41.33 -48.20
N LEU Q 23 14.53 -40.30 -49.04
CA LEU Q 23 13.92 -39.00 -48.81
C LEU Q 23 12.44 -39.13 -48.51
N LYS Q 24 11.74 -39.83 -49.39
CA LYS Q 24 10.35 -40.22 -49.21
C LYS Q 24 9.96 -40.36 -47.73
N ARG Q 25 10.85 -40.95 -46.93
CA ARG Q 25 10.53 -41.29 -45.56
C ARG Q 25 10.58 -40.10 -44.58
N PHE Q 26 11.05 -38.96 -45.04
CA PHE Q 26 11.08 -37.77 -44.21
C PHE Q 26 9.93 -36.79 -44.51
N LEU Q 27 8.87 -37.27 -45.16
CA LEU Q 27 7.69 -36.45 -45.46
C LEU Q 27 6.46 -37.07 -44.82
N SER Q 28 5.37 -36.31 -44.73
CA SER Q 28 4.17 -36.84 -44.09
C SER Q 28 3.21 -37.50 -45.09
N GLU Q 29 1.96 -37.72 -44.66
CA GLU Q 29 0.89 -38.17 -45.56
C GLU Q 29 0.65 -37.10 -46.58
N THR Q 30 0.92 -35.86 -46.18
CA THR Q 30 1.04 -34.75 -47.11
C THR Q 30 2.51 -34.65 -47.49
N GLY Q 31 2.82 -33.80 -48.46
CA GLY Q 31 4.20 -33.65 -48.85
C GLY Q 31 5.11 -33.08 -47.78
N LYS Q 32 4.51 -32.73 -46.64
CA LYS Q 32 5.16 -31.88 -45.66
C LYS Q 32 6.43 -32.50 -45.07
N ILE Q 33 7.52 -31.72 -45.08
CA ILE Q 33 8.77 -32.09 -44.45
C ILE Q 33 8.56 -32.28 -42.98
N LEU Q 34 8.74 -33.51 -42.51
CA LEU Q 34 8.57 -33.83 -41.10
C LEU Q 34 9.31 -32.91 -40.17
N PRO Q 35 8.76 -32.73 -38.96
CA PRO Q 35 9.40 -31.99 -37.88
C PRO Q 35 10.55 -32.79 -37.30
N ARG Q 36 11.59 -32.07 -36.88
CA ARG Q 36 12.78 -32.68 -36.34
C ARG Q 36 12.40 -33.62 -35.20
N ARG Q 37 11.23 -33.43 -34.61
CA ARG Q 37 10.76 -34.30 -33.52
C ARG Q 37 10.57 -35.73 -34.02
N ARG Q 38 9.96 -35.87 -35.20
CA ARG Q 38 9.73 -37.19 -35.79
C ARG Q 38 10.90 -37.69 -36.62
N THR Q 39 11.75 -36.79 -37.11
CA THR Q 39 12.91 -37.21 -37.91
C THR Q 39 14.09 -37.68 -37.06
N GLY Q 40 14.15 -37.26 -35.80
CA GLY Q 40 15.26 -37.60 -34.92
C GLY Q 40 16.60 -37.00 -35.32
N LEU Q 41 16.58 -36.24 -36.42
CA LEU Q 41 17.77 -35.65 -37.03
C LEU Q 41 18.43 -34.62 -36.14
N SER Q 42 19.75 -34.49 -36.28
CA SER Q 42 20.50 -33.43 -35.60
C SER Q 42 19.98 -32.05 -35.95
N ALA Q 43 20.56 -31.04 -35.32
CA ALA Q 43 20.19 -29.68 -35.59
C ALA Q 43 20.74 -29.27 -36.96
N LYS Q 44 21.97 -29.74 -37.24
CA LYS Q 44 22.71 -29.49 -38.47
C LYS Q 44 22.18 -30.36 -39.57
N GLU Q 45 21.92 -31.61 -39.23
CA GLU Q 45 21.34 -32.55 -40.16
C GLU Q 45 20.03 -32.03 -40.73
N GLN Q 46 19.12 -31.61 -39.87
CA GLN Q 46 17.81 -31.21 -40.35
C GLN Q 46 17.85 -30.06 -41.36
N ARG Q 47 18.88 -29.23 -41.28
CA ARG Q 47 18.90 -28.05 -42.13
C ARG Q 47 19.38 -28.49 -43.47
N ILE Q 48 20.18 -29.56 -43.48
CA ILE Q 48 20.79 -30.09 -44.69
C ILE Q 48 19.77 -30.89 -45.48
N LEU Q 49 19.10 -31.78 -44.75
CA LEU Q 49 17.98 -32.55 -45.25
C LEU Q 49 17.00 -31.60 -45.89
N ALA Q 50 16.64 -30.58 -45.13
CA ALA Q 50 15.68 -29.57 -45.55
C ALA Q 50 15.98 -29.08 -46.93
N LYS Q 51 17.24 -28.75 -47.20
CA LYS Q 51 17.57 -28.22 -48.50
C LYS Q 51 17.54 -29.32 -49.55
N THR Q 52 18.08 -30.48 -49.20
CA THR Q 52 18.05 -31.59 -50.14
C THR Q 52 16.64 -31.97 -50.65
N ILE Q 53 15.68 -32.13 -49.74
CA ILE Q 53 14.29 -32.33 -50.15
C ILE Q 53 13.75 -31.22 -51.08
N LYS Q 54 14.01 -29.97 -50.74
CA LYS Q 54 13.59 -28.86 -51.59
C LYS Q 54 14.17 -29.01 -53.01
N ARG Q 55 15.47 -29.30 -53.10
CA ARG Q 55 16.17 -29.57 -54.36
C ARG Q 55 15.47 -30.68 -55.16
N ALA Q 56 15.13 -31.77 -54.46
CA ALA Q 56 14.56 -32.97 -55.06
C ALA Q 56 13.13 -32.81 -55.53
N ARG Q 57 12.33 -32.06 -54.77
CA ARG Q 57 10.98 -31.69 -55.17
C ARG Q 57 11.00 -30.94 -56.49
N ILE Q 58 11.84 -29.91 -56.53
CA ILE Q 58 12.05 -29.10 -57.72
C ILE Q 58 12.49 -29.96 -58.89
N LEU Q 59 13.17 -31.05 -58.60
CA LEU Q 59 13.51 -31.98 -59.66
C LEU Q 59 12.34 -32.89 -60.11
N GLY Q 60 11.23 -32.88 -59.39
CA GLY Q 60 10.09 -33.69 -59.79
C GLY Q 60 9.93 -35.03 -59.07
N LEU Q 61 10.91 -35.37 -58.26
CA LEU Q 61 11.01 -36.69 -57.61
C LEU Q 61 10.20 -36.82 -56.33
N LEU Q 62 10.16 -35.74 -55.53
CA LEU Q 62 9.40 -35.71 -54.28
C LEU Q 62 8.28 -34.70 -54.43
N PRO Q 63 7.17 -34.90 -53.71
CA PRO Q 63 6.00 -34.05 -53.91
C PRO Q 63 6.06 -32.77 -53.10
N PHE Q 64 5.57 -31.66 -53.64
CA PHE Q 64 5.44 -30.47 -52.82
C PHE Q 64 4.39 -30.73 -51.77
N THR Q 65 3.24 -31.22 -52.22
CA THR Q 65 2.11 -31.44 -51.34
C THR Q 65 1.34 -32.67 -51.75
N GLU Q 66 0.65 -33.30 -50.80
CA GLU Q 66 -0.19 -34.41 -51.16
C GLU Q 66 -1.63 -34.07 -50.87
N LYS Q 67 -2.44 -35.09 -50.63
CA LYS Q 67 -3.81 -34.88 -50.24
C LYS Q 67 -3.98 -35.94 -49.20
N LEU Q 68 -4.65 -35.60 -48.11
CA LEU Q 68 -4.85 -36.53 -47.01
C LEU Q 68 -5.95 -37.55 -47.30
N VAL Q 69 -5.61 -38.83 -47.37
CA VAL Q 69 -6.64 -39.86 -47.51
C VAL Q 69 -7.00 -40.41 -46.16
N ARG Q 70 -8.25 -40.14 -45.77
CA ARG Q 70 -8.82 -40.76 -44.59
C ARG Q 70 -8.62 -42.26 -44.77
N LYS Q 71 -7.64 -42.78 -44.04
CA LYS Q 71 -7.46 -44.21 -43.93
C LYS Q 71 -7.91 -44.59 -42.53
N PRO R 1 -76.81 3.89 15.98
CA PRO R 1 -77.39 5.07 16.61
C PRO R 1 -77.36 4.97 18.13
N ARG R 2 -77.85 6.00 18.82
CA ARG R 2 -77.83 5.96 20.26
C ARG R 2 -78.86 4.94 20.69
N SER R 3 -78.50 4.16 21.70
CA SER R 3 -79.35 3.13 22.27
C SER R 3 -80.73 3.74 22.57
N LEU R 4 -81.79 2.95 22.53
CA LEU R 4 -83.10 3.58 22.67
C LEU R 4 -83.53 3.72 24.12
N LYS R 5 -82.85 2.99 25.00
CA LYS R 5 -83.08 3.07 26.42
C LYS R 5 -82.79 4.47 26.99
N LYS R 6 -81.68 5.06 26.57
CA LYS R 6 -81.24 6.34 27.10
C LYS R 6 -81.81 7.52 26.33
N GLY R 7 -82.85 7.28 25.54
CA GLY R 7 -83.52 8.34 24.81
C GLY R 7 -82.60 8.95 23.77
N VAL R 8 -82.67 10.27 23.60
CA VAL R 8 -81.69 10.98 22.76
C VAL R 8 -80.83 11.90 23.62
N PHE R 9 -79.71 12.34 23.09
CA PHE R 9 -78.84 13.23 23.84
C PHE R 9 -78.83 14.65 23.30
N VAL R 10 -79.17 15.60 24.15
CA VAL R 10 -78.90 17.01 23.86
C VAL R 10 -78.20 17.55 25.10
N ASP R 11 -77.25 18.44 24.88
CA ASP R 11 -76.57 19.08 25.98
C ASP R 11 -77.54 20.02 26.67
N ASP R 12 -77.76 19.75 27.96
CA ASP R 12 -78.65 20.50 28.84
C ASP R 12 -78.62 22.00 28.62
N HIS R 13 -77.43 22.51 28.31
CA HIS R 13 -77.17 23.96 28.25
C HIS R 13 -77.50 24.58 26.89
N LEU R 14 -77.79 23.73 25.90
CA LEU R 14 -78.37 24.21 24.65
C LEU R 14 -79.90 24.13 24.76
N LEU R 15 -80.37 23.00 25.30
CA LEU R 15 -81.77 22.76 25.62
C LEU R 15 -82.30 23.86 26.53
N GLU R 16 -81.39 24.33 27.39
CA GLU R 16 -81.68 25.44 28.28
C GLU R 16 -82.08 26.65 27.48
N LYS R 17 -81.15 27.17 26.70
CA LYS R 17 -81.35 28.40 25.97
C LYS R 17 -82.64 28.44 25.15
N VAL R 18 -83.05 27.29 24.61
CA VAL R 18 -84.25 27.24 23.78
C VAL R 18 -85.55 27.33 24.60
N LEU R 19 -85.59 26.62 25.71
CA LEU R 19 -86.79 26.61 26.53
C LEU R 19 -87.11 28.00 27.00
N GLU R 20 -86.07 28.77 27.29
CA GLU R 20 -86.23 30.15 27.70
C GLU R 20 -86.72 30.97 26.50
N LEU R 21 -86.22 30.64 25.31
CA LEU R 21 -86.64 31.32 24.09
C LEU R 21 -88.06 30.92 23.65
N ASN R 22 -88.49 29.72 24.03
CA ASN R 22 -89.83 29.28 23.73
C ASN R 22 -90.85 29.80 24.73
N ALA R 23 -90.64 29.48 26.02
CA ALA R 23 -91.50 29.91 27.11
C ALA R 23 -91.47 31.42 27.35
N LYS R 24 -90.95 32.15 26.35
CA LYS R 24 -91.07 33.60 26.29
C LYS R 24 -91.45 34.09 24.88
N GLY R 25 -91.54 33.16 23.92
CA GLY R 25 -91.92 33.50 22.56
C GLY R 25 -91.01 34.49 21.87
N GLU R 26 -89.70 34.28 22.01
CA GLU R 26 -88.66 35.13 21.44
C GLU R 26 -87.85 34.32 20.42
N LYS R 27 -87.46 34.94 19.31
CA LYS R 27 -86.69 34.23 18.28
C LYS R 27 -85.33 34.86 17.98
N ARG R 28 -84.47 34.88 19.01
CA ARG R 28 -83.16 35.50 18.92
C ARG R 28 -82.07 34.46 18.70
N LEU R 29 -81.11 34.78 17.83
CA LEU R 29 -80.02 33.86 17.43
C LEU R 29 -79.27 33.21 18.59
N ILE R 30 -78.94 31.94 18.44
CA ILE R 30 -78.18 31.21 19.44
C ILE R 30 -76.86 30.80 18.85
N LYS R 31 -75.81 30.85 19.67
CA LYS R 31 -74.56 30.18 19.29
C LYS R 31 -74.12 29.13 20.31
N THR R 32 -73.66 28.01 19.78
CA THR R 32 -73.18 26.92 20.59
C THR R 32 -72.03 26.23 19.91
N TRP R 33 -71.48 25.25 20.61
CA TRP R 33 -70.35 24.50 20.13
C TRP R 33 -70.76 23.04 20.07
N SER R 34 -71.76 22.67 20.85
CA SER R 34 -72.14 21.27 20.93
C SER R 34 -72.86 20.79 19.67
N ARG R 35 -72.07 20.43 18.66
CA ARG R 35 -72.58 19.81 17.46
C ARG R 35 -73.30 18.55 17.87
N ARG R 36 -72.68 17.86 18.81
CA ARG R 36 -73.08 16.54 19.23
C ARG R 36 -74.51 16.38 19.75
N SER R 37 -75.28 17.47 19.84
CA SER R 37 -76.66 17.41 20.35
C SER R 37 -77.71 16.98 19.31
N THR R 38 -78.60 16.06 19.69
CA THR R 38 -79.68 15.62 18.78
C THR R 38 -80.63 16.80 18.53
N ILE R 39 -81.69 16.60 17.77
CA ILE R 39 -82.64 17.69 17.52
C ILE R 39 -84.06 17.30 17.92
N VAL R 40 -84.44 17.65 19.15
CA VAL R 40 -85.81 17.46 19.60
C VAL R 40 -86.73 18.42 18.85
N PRO R 41 -88.03 18.05 18.71
CA PRO R 41 -88.95 18.91 17.94
C PRO R 41 -89.16 20.30 18.60
N GLU R 42 -88.55 20.49 19.77
CA GLU R 42 -88.63 21.74 20.49
C GLU R 42 -87.81 22.83 19.78
N MET R 43 -86.83 22.43 18.98
CA MET R 43 -85.91 23.38 18.35
C MET R 43 -86.48 23.98 17.06
N VAL R 44 -87.52 23.33 16.53
CA VAL R 44 -88.07 23.63 15.21
C VAL R 44 -88.37 25.12 15.00
N GLY R 45 -88.01 25.66 13.83
CA GLY R 45 -88.29 27.03 13.47
C GLY R 45 -87.28 28.04 13.98
N HIS R 46 -86.39 27.59 14.87
CA HIS R 46 -85.36 28.44 15.43
C HIS R 46 -84.20 28.60 14.48
N THR R 47 -83.21 29.38 14.88
CA THR R 47 -81.97 29.45 14.13
C THR R 47 -80.79 29.29 15.08
N ILE R 48 -79.95 28.31 14.81
CA ILE R 48 -78.81 28.04 15.66
C ILE R 48 -77.50 28.09 14.87
N ALA R 49 -76.64 29.04 15.24
CA ALA R 49 -75.29 29.07 14.70
C ALA R 49 -74.46 28.00 15.42
N VAL R 50 -73.85 27.09 14.66
CA VAL R 50 -73.07 26.01 15.25
C VAL R 50 -71.59 26.07 14.87
N TYR R 51 -70.72 25.59 15.74
CA TYR R 51 -69.30 25.66 15.47
C TYR R 51 -68.89 24.55 14.51
N ASN R 52 -68.04 24.89 13.55
CA ASN R 52 -67.50 23.90 12.64
C ASN R 52 -65.98 23.85 12.71
N GLY R 53 -65.43 24.29 13.84
CA GLY R 53 -63.98 24.23 14.04
C GLY R 53 -63.30 25.54 13.75
N LYS R 54 -64.01 26.43 13.04
CA LYS R 54 -63.49 27.75 12.67
C LYS R 54 -64.49 28.84 13.03
N GLN R 55 -65.75 28.68 12.64
CA GLN R 55 -66.79 29.68 12.97
C GLN R 55 -68.15 29.07 13.32
N HIS R 56 -69.08 29.94 13.69
CA HIS R 56 -70.46 29.54 13.90
C HIS R 56 -71.23 29.87 12.64
N VAL R 57 -71.91 28.88 12.07
CA VAL R 57 -72.73 29.13 10.88
C VAL R 57 -74.20 28.91 11.18
N PRO R 58 -75.05 29.83 10.68
CA PRO R 58 -76.47 29.73 11.01
C PRO R 58 -77.03 28.42 10.48
N VAL R 59 -77.93 27.80 11.25
CA VAL R 59 -78.65 26.65 10.76
C VAL R 59 -80.15 26.78 11.08
N TYR R 60 -80.91 27.29 10.12
CA TYR R 60 -82.37 27.34 10.26
C TYR R 60 -82.86 25.90 10.33
N ILE R 61 -83.64 25.62 11.37
CA ILE R 61 -84.14 24.28 11.62
C ILE R 61 -85.58 24.16 11.11
N THR R 62 -85.76 23.34 10.08
CA THR R 62 -87.10 23.05 9.60
C THR R 62 -87.57 21.75 10.23
N GLU R 63 -88.81 21.39 9.94
CA GLU R 63 -89.40 20.17 10.47
C GLU R 63 -88.57 18.93 10.11
N ASN R 64 -88.44 18.64 8.82
CA ASN R 64 -87.84 17.40 8.33
C ASN R 64 -86.41 17.13 8.81
N MET R 65 -85.78 18.11 9.42
CA MET R 65 -84.41 17.93 9.90
C MET R 65 -84.30 17.64 11.41
N VAL R 66 -85.22 16.81 11.93
CA VAL R 66 -85.29 16.57 13.38
C VAL R 66 -84.52 15.37 13.92
N GLY R 67 -84.59 14.21 13.27
CA GLY R 67 -83.89 13.04 13.79
C GLY R 67 -82.37 13.23 14.03
N HIS R 68 -81.80 14.21 13.33
CA HIS R 68 -80.35 14.34 13.19
C HIS R 68 -79.66 15.10 14.32
N LYS R 69 -78.34 15.22 14.21
CA LYS R 69 -77.54 16.03 15.12
C LYS R 69 -77.07 17.29 14.39
N LEU R 70 -76.87 18.38 15.13
CA LEU R 70 -76.64 19.69 14.52
C LEU R 70 -75.44 19.70 13.57
N GLY R 71 -74.41 18.95 13.92
CA GLY R 71 -73.16 18.98 13.19
C GLY R 71 -73.29 18.64 11.73
N GLU R 72 -74.38 17.96 11.38
CA GLU R 72 -74.60 17.52 10.01
C GLU R 72 -74.80 18.70 9.07
N PHE R 73 -75.01 19.89 9.62
CA PHE R 73 -75.36 21.03 8.78
C PHE R 73 -74.26 22.08 8.69
N ALA R 74 -73.24 21.94 9.53
CA ALA R 74 -72.00 22.69 9.34
C ALA R 74 -70.88 21.71 9.03
N PRO R 75 -70.49 21.61 7.75
CA PRO R 75 -69.39 20.71 7.39
C PRO R 75 -68.16 21.17 8.14
N THR R 76 -67.18 20.30 8.36
CA THR R 76 -66.04 20.75 9.11
C THR R 76 -64.87 21.17 8.24
N ARG R 77 -64.70 20.50 7.09
CA ARG R 77 -63.59 20.84 6.20
C ARG R 77 -64.04 21.52 4.90
N THR R 78 -63.13 22.31 4.35
CA THR R 78 -63.39 23.10 3.16
C THR R 78 -62.81 22.41 1.90
N TYR R 79 -63.68 22.15 0.92
CA TYR R 79 -63.25 21.53 -0.34
C TYR R 79 -63.76 22.25 -1.59
N ARG R 80 -62.83 22.41 -2.55
CA ARG R 80 -63.04 23.11 -3.83
C ARG R 80 -62.96 22.10 -4.97
N GLY R 81 -61.90 21.31 -4.92
CA GLY R 81 -61.45 20.51 -6.05
C GLY R 81 -59.93 20.52 -6.06
N HIS R 82 -59.31 19.98 -7.11
CA HIS R 82 -57.86 19.81 -7.06
C HIS R 82 -57.01 20.74 -7.96
N GLY R 83 -57.66 21.58 -8.75
CA GLY R 83 -56.95 22.65 -9.44
C GLY R 83 -56.94 22.65 -10.96
N LYS S 1 27.70 87.91 -17.59
CA LYS S 1 28.20 88.51 -18.82
C LYS S 1 29.67 88.94 -18.70
N LYS S 2 30.43 88.24 -17.84
CA LYS S 2 31.86 88.51 -17.60
C LYS S 2 32.69 87.21 -17.63
N PRO S 3 33.51 87.02 -18.68
CA PRO S 3 34.34 85.80 -18.70
C PRO S 3 35.48 85.91 -17.68
N LYS S 4 35.30 85.31 -16.49
CA LYS S 4 36.24 85.42 -15.37
C LYS S 4 37.72 85.29 -15.81
N ARG S 5 38.56 86.17 -15.26
CA ARG S 5 39.92 86.35 -15.75
C ARG S 5 40.90 85.39 -15.08
N ASN S 6 41.85 84.87 -15.86
CA ASN S 6 42.97 84.12 -15.28
C ASN S 6 44.31 84.57 -15.81
N LEU S 7 44.74 85.74 -15.32
CA LEU S 7 45.81 86.54 -15.89
C LEU S 7 47.10 85.77 -16.24
N SER S 8 47.45 84.79 -15.42
CA SER S 8 48.72 84.11 -15.57
C SER S 8 48.63 82.89 -16.48
N ALA S 9 47.40 82.52 -16.85
CA ALA S 9 47.16 81.45 -17.81
C ALA S 9 47.27 82.01 -19.21
N LEU S 10 46.55 83.12 -19.41
CA LEU S 10 46.56 83.86 -20.66
C LEU S 10 47.98 84.28 -20.98
N LYS S 11 48.67 84.79 -19.96
CA LYS S 11 50.06 85.21 -20.10
C LYS S 11 50.90 84.09 -20.68
N ARG S 12 50.56 82.88 -20.25
CA ARG S 12 51.25 81.72 -20.77
C ARG S 12 50.93 81.58 -22.24
N HIS S 13 49.68 81.83 -22.61
CA HIS S 13 49.30 81.64 -24.00
C HIS S 13 50.01 82.68 -24.82
N ARG S 14 50.00 83.90 -24.30
CA ARG S 14 50.67 85.03 -24.91
C ARG S 14 52.08 84.67 -25.34
N GLN S 15 52.76 83.95 -24.45
CA GLN S 15 54.16 83.62 -24.62
C GLN S 15 54.30 82.47 -25.59
N SER S 16 53.32 81.57 -25.53
CA SER S 16 53.37 80.37 -26.35
C SER S 16 53.41 80.76 -27.83
N LEU S 17 52.61 81.77 -28.18
CA LEU S 17 52.52 82.22 -29.56
C LEU S 17 53.85 82.81 -29.99
N LYS S 18 54.44 83.62 -29.10
CA LYS S 18 55.77 84.19 -29.32
C LYS S 18 56.72 83.07 -29.66
N ARG S 19 56.80 82.10 -28.75
CA ARG S 19 57.73 81.00 -28.92
C ARG S 19 57.47 80.31 -30.25
N ARG S 20 56.25 79.80 -30.40
CA ARG S 20 55.82 79.14 -31.63
C ARG S 20 56.44 79.74 -32.89
N LEU S 21 56.43 81.06 -32.96
CA LEU S 21 56.95 81.80 -34.12
C LEU S 21 58.45 81.68 -34.20
N ARG S 22 59.11 82.00 -33.09
CA ARG S 22 60.56 81.88 -32.99
C ARG S 22 60.98 80.48 -33.42
N ASN S 23 60.26 79.49 -32.90
CA ASN S 23 60.49 78.09 -33.20
C ASN S 23 60.25 77.74 -34.66
N LYS S 24 59.19 78.28 -35.24
CA LYS S 24 58.93 78.02 -36.65
C LYS S 24 60.13 78.51 -37.43
N ALA S 25 60.46 79.78 -37.25
CA ALA S 25 61.55 80.42 -37.97
C ALA S 25 62.84 79.60 -38.05
N LYS S 26 63.34 79.17 -36.89
CA LYS S 26 64.61 78.42 -36.81
C LYS S 26 64.49 77.10 -37.59
N LYS S 27 63.41 76.38 -37.28
CA LYS S 27 63.07 75.13 -37.92
C LYS S 27 63.10 75.29 -39.43
N SER S 28 62.26 76.19 -39.96
CA SER S 28 62.13 76.40 -41.40
C SER S 28 63.43 76.80 -42.09
N ALA S 29 64.20 77.66 -41.43
CA ALA S 29 65.53 78.04 -41.88
C ALA S 29 66.33 76.78 -42.17
N ILE S 30 66.22 75.79 -41.29
CA ILE S 30 66.90 74.52 -41.50
C ILE S 30 66.38 73.78 -42.74
N LYS S 31 65.06 73.60 -42.78
CA LYS S 31 64.41 72.94 -43.90
C LYS S 31 64.92 73.48 -45.22
N THR S 32 64.57 74.72 -45.58
CA THR S 32 65.03 75.25 -46.88
C THR S 32 66.57 75.20 -47.02
N LEU S 33 67.29 75.47 -45.95
CA LEU S 33 68.75 75.50 -46.07
C LEU S 33 69.39 74.10 -46.16
N SER S 34 68.82 73.10 -45.52
CA SER S 34 69.31 71.73 -45.69
C SER S 34 68.99 71.22 -47.09
N LYS S 35 67.86 71.70 -47.63
CA LYS S 35 67.46 71.41 -49.00
C LYS S 35 68.42 72.03 -49.97
N LYS S 36 68.86 73.27 -49.67
CA LYS S 36 69.88 73.93 -50.47
C LYS S 36 71.08 73.00 -50.56
N ALA S 37 71.43 72.41 -49.43
CA ALA S 37 72.61 71.56 -49.30
C ALA S 37 72.57 70.32 -50.17
N ILE S 38 71.59 69.47 -49.91
CA ILE S 38 71.49 68.19 -50.61
C ILE S 38 71.33 68.37 -52.12
N GLN S 39 70.63 69.44 -52.51
CA GLN S 39 70.46 69.83 -53.90
C GLN S 39 71.80 70.08 -54.59
N LEU S 40 72.62 70.95 -53.99
CA LEU S 40 73.88 71.38 -54.59
C LEU S 40 74.95 70.29 -54.57
N ALA S 41 74.64 69.15 -53.93
CA ALA S 41 75.55 68.02 -53.95
C ALA S 41 75.22 67.09 -55.13
N GLN S 42 73.98 67.16 -55.61
CA GLN S 42 73.56 66.35 -56.74
C GLN S 42 73.95 67.04 -58.04
N GLU S 43 74.50 68.24 -57.92
CA GLU S 43 75.10 68.94 -59.07
C GLU S 43 76.62 68.95 -58.90
N GLY S 44 77.11 68.07 -58.03
CA GLY S 44 78.54 67.89 -57.81
C GLY S 44 79.32 69.14 -57.42
N LYS S 45 78.70 70.03 -56.65
CA LYS S 45 79.36 71.27 -56.27
C LYS S 45 79.87 71.19 -54.84
N ALA S 46 80.93 70.41 -54.63
CA ALA S 46 81.45 70.15 -53.29
C ALA S 46 82.00 71.38 -52.57
N GLU S 47 82.49 72.36 -53.33
CA GLU S 47 82.98 73.58 -52.72
C GLU S 47 81.82 74.37 -52.16
N GLU S 48 80.65 74.22 -52.77
CA GLU S 48 79.47 74.96 -52.33
C GLU S 48 78.56 74.14 -51.39
N ALA S 49 78.30 72.89 -51.74
CA ALA S 49 77.43 72.06 -50.92
C ALA S 49 77.94 71.95 -49.49
N LEU S 50 79.24 71.75 -49.33
CA LEU S 50 79.81 71.64 -47.99
C LEU S 50 79.86 73.00 -47.29
N LYS S 51 80.01 74.07 -48.08
CA LYS S 51 79.93 75.45 -47.59
C LYS S 51 78.61 75.67 -46.87
N ILE S 52 77.55 75.11 -47.46
CA ILE S 52 76.20 75.19 -46.94
C ILE S 52 75.99 74.22 -45.78
N MET S 53 76.31 72.96 -46.05
CA MET S 53 76.14 71.88 -45.07
C MET S 53 76.69 72.28 -43.70
N ARG S 54 77.78 73.02 -43.68
CA ARG S 54 78.30 73.55 -42.44
C ARG S 54 77.38 74.64 -41.87
N LYS S 55 76.84 75.53 -42.71
CA LYS S 55 75.92 76.55 -42.18
C LYS S 55 74.63 75.88 -41.72
N ALA S 56 74.29 74.78 -42.40
CA ALA S 56 73.17 73.93 -42.02
C ALA S 56 73.43 73.26 -40.66
N GLU S 57 74.57 72.60 -40.56
CA GLU S 57 75.05 71.98 -39.33
C GLU S 57 74.96 72.92 -38.14
N SER S 58 75.52 74.13 -38.29
CA SER S 58 75.48 75.12 -37.22
C SER S 58 74.04 75.48 -36.83
N LEU S 59 73.23 75.85 -37.83
CA LEU S 59 71.86 76.29 -37.57
C LEU S 59 71.09 75.21 -36.87
N ILE S 60 71.38 73.97 -37.26
CA ILE S 60 70.80 72.80 -36.61
C ILE S 60 71.16 72.74 -35.13
N ASP S 61 72.46 72.75 -34.83
CA ASP S 61 72.92 72.65 -33.45
C ASP S 61 72.40 73.78 -32.57
N LYS S 62 72.11 74.92 -33.19
CA LYS S 62 71.67 76.08 -32.42
C LYS S 62 70.24 75.89 -31.89
N ALA S 63 69.38 75.33 -32.74
CA ALA S 63 68.00 75.11 -32.34
C ALA S 63 67.88 73.93 -31.37
N ALA S 64 69.02 73.30 -31.09
CA ALA S 64 69.12 72.18 -30.14
C ALA S 64 69.40 72.75 -28.76
N LYS S 65 70.32 73.71 -28.74
CA LYS S 65 70.72 74.35 -27.50
C LYS S 65 69.55 75.11 -26.91
N GLY S 66 68.71 75.67 -27.78
CA GLY S 66 67.44 76.22 -27.36
C GLY S 66 66.47 75.11 -26.98
N SER S 67 65.19 75.33 -27.27
CA SER S 67 64.16 74.34 -27.00
C SER S 67 63.37 73.94 -28.27
N THR S 68 63.92 74.26 -29.44
CA THR S 68 63.26 73.96 -30.70
C THR S 68 63.39 72.50 -31.01
N LEU S 69 64.57 71.95 -30.76
CA LEU S 69 64.80 70.52 -30.94
C LEU S 69 65.32 69.87 -29.66
N HIS S 70 65.43 68.54 -29.71
CA HIS S 70 66.19 67.83 -28.69
C HIS S 70 67.59 67.57 -29.21
N LYS S 71 68.52 67.37 -28.28
CA LYS S 71 69.93 67.13 -28.58
C LYS S 71 70.10 65.96 -29.56
N ASN S 72 69.14 65.02 -29.51
CA ASN S 72 69.06 63.86 -30.40
C ASN S 72 68.41 64.22 -31.73
N ALA S 73 67.33 65.00 -31.63
CA ALA S 73 66.51 65.41 -32.77
C ALA S 73 67.34 66.19 -33.75
N ALA S 74 68.18 67.07 -33.21
CA ALA S 74 69.17 67.77 -34.01
C ALA S 74 70.14 66.75 -34.59
N ALA S 75 70.79 66.02 -33.70
CA ALA S 75 71.77 65.00 -34.05
C ALA S 75 71.24 64.11 -35.16
N ARG S 76 69.94 63.82 -35.09
CA ARG S 76 69.27 62.98 -36.08
C ARG S 76 69.45 63.56 -37.47
N ARG S 77 69.10 64.85 -37.61
CA ARG S 77 69.16 65.58 -38.89
C ARG S 77 70.57 65.85 -39.39
N LYS S 78 71.50 66.04 -38.48
CA LYS S 78 72.90 66.12 -38.86
C LYS S 78 73.33 64.82 -39.52
N SER S 79 72.86 63.70 -39.00
CA SER S 79 73.22 62.45 -39.63
C SER S 79 72.54 62.27 -40.99
N ARG S 80 71.25 62.66 -41.08
CA ARG S 80 70.56 62.63 -42.37
C ARG S 80 71.39 63.42 -43.36
N LEU S 81 71.46 64.73 -43.11
CA LEU S 81 72.09 65.69 -44.01
C LEU S 81 73.49 65.32 -44.45
N MET S 82 74.38 65.11 -43.49
CA MET S 82 75.76 64.78 -43.81
C MET S 82 75.95 63.54 -44.66
N ARG S 83 75.32 62.44 -44.25
CA ARG S 83 75.49 61.20 -44.97
C ARG S 83 74.85 61.36 -46.34
N LYS S 84 73.66 61.96 -46.36
CA LYS S 84 72.91 62.15 -47.60
C LYS S 84 73.67 62.99 -48.60
N VAL S 85 74.73 63.63 -48.13
CA VAL S 85 75.56 64.49 -48.98
C VAL S 85 76.79 63.75 -49.48
N ARG S 86 77.51 63.10 -48.57
CA ARG S 86 78.63 62.28 -48.95
C ARG S 86 78.19 61.30 -50.04
N GLN S 87 77.08 60.59 -49.79
CA GLN S 87 76.52 59.63 -50.75
C GLN S 87 75.82 60.31 -51.92
N LEU S 88 76.32 61.48 -52.29
CA LEU S 88 75.83 62.22 -53.45
C LEU S 88 77.06 62.73 -54.19
N LEU S 89 78.18 62.81 -53.46
CA LEU S 89 79.47 63.17 -54.05
C LEU S 89 80.27 61.89 -54.33
N GLU S 90 79.58 60.76 -54.24
CA GLU S 90 80.02 59.52 -54.85
C GLU S 90 79.60 59.64 -56.30
N ALA S 91 78.33 59.99 -56.49
CA ALA S 91 77.73 60.15 -57.82
C ALA S 91 78.40 61.24 -58.69
N ALA S 92 79.51 61.82 -58.21
CA ALA S 92 80.19 62.91 -58.91
C ALA S 92 81.73 62.91 -58.74
N GLY S 93 82.24 63.67 -57.77
CA GLY S 93 83.67 63.88 -57.62
C GLY S 93 84.15 64.39 -56.27
N ALA S 94 85.46 64.46 -56.11
CA ALA S 94 86.11 64.63 -54.80
C ALA S 94 85.66 65.84 -53.97
N PRO S 95 85.45 65.62 -52.65
CA PRO S 95 85.11 66.68 -51.67
C PRO S 95 86.22 67.74 -51.51
N LEU S 96 86.08 68.83 -52.28
CA LEU S 96 87.01 69.94 -52.25
C LEU S 96 87.26 70.41 -50.82
N ILE S 97 86.39 71.29 -50.32
CA ILE S 97 86.58 71.99 -49.03
C ILE S 97 87.22 71.20 -47.89
N GLY S 98 86.90 69.90 -47.84
CA GLY S 98 87.09 69.13 -46.63
C GLY S 98 85.84 69.38 -45.79
N GLY S 99 85.48 70.66 -45.68
CA GLY S 99 84.23 71.11 -45.07
C GLY S 99 84.01 70.50 -43.72
N GLY S 100 82.81 69.98 -43.49
CA GLY S 100 82.46 69.34 -42.23
C GLY S 100 82.70 67.84 -42.20
N LEU S 101 83.16 67.30 -43.32
CA LEU S 101 83.29 65.85 -43.51
C LEU S 101 84.71 65.29 -43.34
N SER S 102 84.81 64.10 -42.74
CA SER S 102 86.09 63.45 -42.46
C SER S 102 86.39 62.38 -43.49
N ALA S 103 87.67 62.10 -43.70
CA ALA S 103 88.11 60.97 -44.55
C ALA S 103 89.16 60.08 -43.87
N GLY T 1 -66.59 -17.19 1.66
CA GLY T 1 -67.68 -16.25 1.76
C GLY T 1 -67.43 -15.49 3.04
N LYS T 2 -66.16 -15.38 3.39
CA LYS T 2 -65.75 -14.76 4.64
C LYS T 2 -66.14 -13.29 4.77
N GLY T 3 -66.42 -12.62 3.66
CA GLY T 3 -66.89 -11.24 3.69
C GLY T 3 -68.40 -11.12 3.83
N ASP T 4 -69.10 -12.24 3.62
CA ASP T 4 -70.56 -12.32 3.60
C ASP T 4 -71.09 -12.47 5.01
N ARG T 5 -71.54 -11.37 5.58
CA ARG T 5 -72.02 -11.42 6.96
C ARG T 5 -73.39 -12.07 7.14
N ARG T 6 -73.73 -13.01 6.26
CA ARG T 6 -74.97 -13.77 6.40
C ARG T 6 -74.69 -15.25 6.24
N THR T 7 -73.51 -15.66 6.65
CA THR T 7 -73.13 -17.07 6.62
C THR T 7 -72.49 -17.38 7.94
N ARG T 8 -72.49 -18.65 8.31
CA ARG T 8 -71.66 -19.15 9.39
C ARG T 8 -70.24 -18.67 9.15
N ARG T 9 -69.71 -18.90 7.94
CA ARG T 9 -68.35 -18.45 7.62
C ARG T 9 -68.24 -16.95 7.82
N GLY T 10 -69.30 -16.25 7.45
CA GLY T 10 -69.37 -14.80 7.56
C GLY T 10 -69.19 -14.32 8.97
N LYS T 11 -69.95 -14.92 9.90
CA LYS T 11 -69.82 -14.61 11.34
C LYS T 11 -68.59 -15.25 12.00
N ILE T 12 -68.20 -16.42 11.51
CA ILE T 12 -67.02 -17.12 12.00
C ILE T 12 -65.81 -16.20 11.94
N TRP T 13 -65.74 -15.45 10.83
CA TRP T 13 -64.59 -14.63 10.51
C TRP T 13 -64.70 -13.26 11.20
N ARG T 14 -65.90 -12.72 11.24
CA ARG T 14 -66.16 -11.46 11.95
C ARG T 14 -66.11 -11.64 13.46
N GLY T 15 -66.16 -12.88 13.91
CA GLY T 15 -66.07 -13.18 15.32
C GLY T 15 -67.34 -12.88 16.08
N THR T 16 -68.44 -12.71 15.35
CA THR T 16 -69.73 -12.36 15.95
C THR T 16 -70.66 -13.55 15.91
N TYR T 17 -71.81 -13.41 16.57
CA TYR T 17 -72.91 -14.35 16.42
C TYR T 17 -74.19 -13.59 16.00
N GLY T 18 -75.10 -14.28 15.33
CA GLY T 18 -76.31 -13.62 14.88
C GLY T 18 -77.45 -14.59 14.75
N LYS T 19 -78.24 -14.38 13.70
CA LYS T 19 -79.23 -15.36 13.29
C LYS T 19 -78.39 -16.43 12.62
N TYR T 20 -77.53 -16.01 11.71
CA TYR T 20 -76.87 -16.94 10.80
C TYR T 20 -75.70 -17.72 11.42
N ARG T 21 -75.48 -17.56 12.72
CA ARG T 21 -74.52 -18.39 13.46
C ARG T 21 -74.68 -18.15 14.94
N PRO T 22 -75.65 -18.84 15.55
CA PRO T 22 -76.09 -18.56 16.91
C PRO T 22 -75.33 -19.36 17.98
N ARG T 23 -75.44 -18.94 19.24
CA ARG T 23 -74.84 -19.69 20.35
C ARG T 23 -75.82 -20.69 20.99
N LYS T 24 -75.46 -21.97 20.95
CA LYS T 24 -76.29 -23.10 21.43
C LYS T 24 -77.62 -23.34 20.65
#